data_9CTT
#
_entry.id   9CTT
#
_cell.length_a   1.00
_cell.length_b   1.00
_cell.length_c   1.00
_cell.angle_alpha   90.00
_cell.angle_beta   90.00
_cell.angle_gamma   90.00
#
_symmetry.space_group_name_H-M   'P 1'
#
loop_
_entity.id
_entity.type
_entity.pdbx_description
1 polymer Bestrophin-1
2 non-polymer 'CALCIUM ION'
#
_entity_poly.entity_id   1
_entity_poly.type   'polypeptide(L)'
_entity_poly.pdbx_seq_one_letter_code
;TITYTSQVANARLGSFSRLLLCWRGSIYKLLYGEFLIFLLCYYIIRFIYRLALTEEQQLMFEKLTLYCDSYIQLIPISFV
LGFYVTLVVTRWWNQYENLPWPDRLMSLVSGFVEGKDEQGRLLRRTLIRYANLGNVLILRSVSTAVYKRFPSAQHLVQAG
FMTPAEHKQLEKLSLPHNMFWVPWVWFANLSMKAWLGGRIRDPILLQSLLNEMNTLRTQCGHLYAYDWISIPLVYTQVVT
VAVYSFFLTCLVGRQFLNPAKAYPGHELDLVVPVFTFLQFFFYVGWLKVAEQLINPFGEDDDDFETNWIVDRNLQVSLLA
VDEMHQDLPRMEPDMYWNKPEPQPPYTAASAQFRRASFMGSTFNISLNKEEMEFQPNQEDEEDAHAGIIGRFLGLQSHDH
HPPRANSRTKLLWPKRESLLHEGLPKNHKAAKQNVRGQEDNKAWKLKAVDAFKSAPLYQRPGYYSAPQTPLSPTPMFFPL
EPSAPSKLHSVTGIDTKDKSLKTVSSGAKKSFELLSESDGALMEHPEVSQVRRKTVEFNLTDMPEIPENHLKEPLEQSPT
NIHTTLKDHMDPYWALENRDEAHS
;
_entity_poly.pdbx_strand_id   D,B,E,A,C
#
# COMPACT_ATOMS: atom_id res chain seq x y z
N THR A 1 12.95 20.50 -7.93
CA THR A 1 12.76 19.30 -8.74
C THR A 1 13.82 19.19 -9.82
N ILE A 2 14.58 18.10 -9.80
CA ILE A 2 15.58 17.79 -10.81
C ILE A 2 15.05 16.65 -11.66
N THR A 3 14.95 16.89 -12.97
CA THR A 3 14.38 15.92 -13.90
C THR A 3 15.49 15.34 -14.77
N TYR A 4 15.54 14.00 -14.84
CA TYR A 4 16.46 13.30 -15.71
C TYR A 4 15.75 12.16 -16.46
N THR A 5 14.44 12.30 -16.63
CA THR A 5 13.64 11.26 -17.27
C THR A 5 14.10 11.01 -18.70
N SER A 6 14.39 12.09 -19.44
CA SER A 6 14.89 11.93 -20.79
C SER A 6 16.24 11.23 -20.80
N GLN A 7 17.08 11.50 -19.80
CA GLN A 7 18.37 10.83 -19.72
C GLN A 7 18.23 9.35 -19.40
N VAL A 8 17.23 8.97 -18.62
CA VAL A 8 17.04 7.58 -18.25
C VAL A 8 15.88 6.94 -19.01
N ALA A 9 15.53 7.48 -20.18
CA ALA A 9 14.46 6.89 -20.98
C ALA A 9 14.77 5.44 -21.35
N ASN A 10 16.00 5.17 -21.77
CA ASN A 10 16.41 3.83 -22.16
C ASN A 10 17.52 3.34 -21.25
N ALA A 11 17.59 2.01 -21.09
CA ALA A 11 18.64 1.38 -20.30
C ALA A 11 19.84 1.13 -21.20
N ARG A 12 20.57 2.20 -21.48
CA ARG A 12 21.74 2.13 -22.35
C ARG A 12 22.98 1.75 -21.55
N LEU A 13 24.14 1.86 -22.20
CA LEU A 13 25.40 1.53 -21.54
C LEU A 13 25.78 2.62 -20.55
N GLY A 14 25.90 2.24 -19.28
CA GLY A 14 26.21 3.20 -18.23
C GLY A 14 25.15 4.26 -18.05
N SER A 15 23.87 3.87 -18.15
CA SER A 15 22.78 4.84 -18.05
C SER A 15 22.79 5.52 -16.69
N PHE A 16 22.96 4.76 -15.62
CA PHE A 16 23.08 5.34 -14.29
C PHE A 16 24.49 5.88 -14.02
N SER A 17 25.49 5.42 -14.79
CA SER A 17 26.82 6.00 -14.68
C SER A 17 26.84 7.46 -15.09
N ARG A 18 26.17 7.79 -16.20
CA ARG A 18 26.16 9.16 -16.69
C ARG A 18 25.43 10.10 -15.76
N LEU A 19 24.64 9.60 -14.81
CA LEU A 19 24.00 10.44 -13.81
C LEU A 19 24.95 10.86 -12.70
N LEU A 20 26.11 10.22 -12.57
CA LEU A 20 27.07 10.57 -11.53
C LEU A 20 27.84 11.85 -11.83
N LEU A 21 27.71 12.39 -13.03
CA LEU A 21 28.38 13.63 -13.40
C LEU A 21 27.51 14.86 -13.13
N CYS A 22 26.33 14.69 -12.55
CA CYS A 22 25.46 15.80 -12.22
C CYS A 22 25.87 16.41 -10.90
N TRP A 23 25.64 17.73 -10.77
CA TRP A 23 25.96 18.46 -9.55
C TRP A 23 24.67 18.91 -8.85
N ARG A 24 23.68 19.34 -9.62
CA ARG A 24 22.42 19.80 -9.04
C ARG A 24 21.67 18.66 -8.37
N GLY A 25 21.31 18.86 -7.10
CA GLY A 25 20.63 17.82 -6.35
C GLY A 25 21.40 16.54 -6.20
N SER A 26 22.72 16.61 -6.19
CA SER A 26 23.56 15.43 -6.22
C SER A 26 24.08 15.08 -4.84
N ILE A 27 24.60 13.85 -4.72
CA ILE A 27 25.13 13.37 -3.45
C ILE A 27 26.35 14.18 -3.04
N TYR A 28 27.20 14.56 -4.00
CA TYR A 28 28.37 15.37 -3.67
C TYR A 28 27.94 16.71 -3.09
N LYS A 29 27.02 17.40 -3.76
CA LYS A 29 26.53 18.67 -3.26
C LYS A 29 25.84 18.53 -1.91
N LEU A 30 25.22 17.38 -1.64
CA LEU A 30 24.53 17.19 -0.37
C LEU A 30 25.47 16.90 0.79
N LEU A 31 26.54 16.15 0.57
CA LEU A 31 27.37 15.71 1.70
C LEU A 31 28.84 16.14 1.60
N TYR A 32 29.18 17.14 0.78
CA TYR A 32 30.58 17.55 0.71
C TYR A 32 31.06 18.14 2.03
N GLY A 33 30.22 18.90 2.73
CA GLY A 33 30.64 19.46 4.00
C GLY A 33 30.86 18.40 5.06
N GLU A 34 29.95 17.44 5.15
CA GLU A 34 30.11 16.34 6.08
C GLU A 34 31.36 15.53 5.75
N PHE A 35 31.62 15.31 4.46
CA PHE A 35 32.82 14.58 4.07
C PHE A 35 34.08 15.34 4.45
N LEU A 36 34.08 16.66 4.26
CA LEU A 36 35.24 17.45 4.63
C LEU A 36 35.50 17.38 6.14
N ILE A 37 34.44 17.49 6.94
CA ILE A 37 34.62 17.41 8.39
C ILE A 37 35.13 16.03 8.79
N PHE A 38 34.57 14.97 8.21
CA PHE A 38 34.99 13.61 8.53
C PHE A 38 36.45 13.39 8.12
N LEU A 39 36.84 13.91 6.96
CA LEU A 39 38.22 13.82 6.50
C LEU A 39 39.17 14.53 7.46
N LEU A 40 38.81 15.75 7.86
CA LEU A 40 39.66 16.52 8.75
C LEU A 40 39.84 15.81 10.09
N CYS A 41 38.75 15.29 10.65
CA CYS A 41 38.84 14.57 11.92
C CYS A 41 39.67 13.29 11.78
N TYR A 42 39.45 12.53 10.70
CA TYR A 42 40.19 11.29 10.51
C TYR A 42 41.69 11.56 10.42
N TYR A 43 42.09 12.57 9.64
CA TYR A 43 43.51 12.82 9.49
C TYR A 43 44.11 13.51 10.71
N ILE A 44 43.32 14.27 11.46
CA ILE A 44 43.79 14.79 12.74
C ILE A 44 44.11 13.64 13.68
N ILE A 45 43.21 12.66 13.77
CA ILE A 45 43.45 11.51 14.63
C ILE A 45 44.67 10.73 14.16
N ARG A 46 44.80 10.54 12.84
CA ARG A 46 45.95 9.79 12.31
C ARG A 46 47.25 10.49 12.65
N PHE A 47 47.32 11.81 12.44
CA PHE A 47 48.56 12.54 12.71
C PHE A 47 48.87 12.53 14.20
N ILE A 48 47.84 12.69 15.05
CA ILE A 48 48.07 12.66 16.49
C ILE A 48 48.64 11.31 16.91
N TYR A 49 48.04 10.22 16.43
CA TYR A 49 48.52 8.89 16.79
C TYR A 49 49.94 8.67 16.27
N ARG A 50 50.24 9.14 15.06
CA ARG A 50 51.54 8.88 14.47
C ARG A 50 52.65 9.66 15.16
N LEU A 51 52.41 10.94 15.48
CA LEU A 51 53.47 11.80 15.99
C LEU A 51 53.37 12.06 17.48
N ALA A 52 52.22 12.57 17.95
CA ALA A 52 52.13 13.05 19.32
C ALA A 52 52.25 11.91 20.33
N LEU A 53 51.65 10.76 20.03
CA LEU A 53 51.61 9.66 20.99
C LEU A 53 53.00 9.05 21.16
N THR A 54 53.30 8.64 22.40
CA THR A 54 54.52 7.92 22.70
C THR A 54 54.34 6.44 22.33
N GLU A 55 55.31 5.61 22.71
CA GLU A 55 55.26 4.20 22.34
C GLU A 55 54.13 3.47 23.06
N GLU A 56 54.03 3.66 24.38
CA GLU A 56 52.97 3.01 25.14
C GLU A 56 51.60 3.53 24.73
N GLN A 57 51.49 4.84 24.49
CA GLN A 57 50.23 5.41 24.03
C GLN A 57 49.84 4.87 22.65
N GLN A 58 50.82 4.72 21.75
CA GLN A 58 50.55 4.15 20.45
C GLN A 58 50.11 2.69 20.56
N LEU A 59 50.73 1.93 21.46
CA LEU A 59 50.32 0.54 21.66
C LEU A 59 48.87 0.47 22.16
N MET A 60 48.52 1.33 23.11
CA MET A 60 47.14 1.38 23.59
C MET A 60 46.18 1.78 22.47
N PHE A 61 46.58 2.74 21.65
CA PHE A 61 45.73 3.17 20.54
C PHE A 61 45.56 2.06 19.51
N GLU A 62 46.61 1.27 19.29
CA GLU A 62 46.51 0.14 18.37
C GLU A 62 45.54 -0.92 18.89
N LYS A 63 45.62 -1.22 20.20
CA LYS A 63 44.65 -2.14 20.77
C LYS A 63 43.23 -1.58 20.67
N LEU A 64 43.09 -0.27 20.88
CA LEU A 64 41.76 0.35 20.76
C LEU A 64 41.23 0.26 19.34
N THR A 65 42.09 0.47 18.34
CA THR A 65 41.65 0.36 16.96
C THR A 65 41.25 -1.06 16.61
N LEU A 66 42.03 -2.04 17.08
CA LEU A 66 41.67 -3.44 16.84
C LEU A 66 40.34 -3.79 17.51
N TYR A 67 40.10 -3.26 18.71
CA TYR A 67 38.85 -3.56 19.41
C TYR A 67 37.68 -2.81 18.78
N CYS A 68 37.95 -1.67 18.14
CA CYS A 68 36.88 -0.90 17.51
C CYS A 68 36.49 -1.44 16.13
N ASP A 69 37.44 -2.01 15.39
CA ASP A 69 37.13 -2.45 14.03
C ASP A 69 36.19 -3.65 14.01
N SER A 70 36.03 -4.33 15.13
CA SER A 70 35.10 -5.46 15.24
C SER A 70 33.75 -5.05 15.80
N TYR A 71 33.54 -3.76 16.06
CA TYR A 71 32.27 -3.26 16.57
C TYR A 71 31.58 -2.37 15.53
N ILE A 72 31.84 -2.63 14.26
CA ILE A 72 31.30 -1.85 13.15
C ILE A 72 30.47 -2.81 12.30
N GLN A 73 29.15 -2.71 12.38
CA GLN A 73 28.24 -3.64 11.73
C GLN A 73 27.36 -2.91 10.74
N LEU A 74 27.04 -3.59 9.64
CA LEU A 74 26.34 -2.97 8.52
C LEU A 74 24.85 -3.31 8.51
N ILE A 75 24.48 -4.46 9.08
CA ILE A 75 23.11 -4.97 9.03
C ILE A 75 22.11 -4.05 9.76
N PRO A 76 22.37 -3.62 11.00
CA PRO A 76 21.36 -2.80 11.68
C PRO A 76 21.21 -1.41 11.07
N ILE A 77 22.32 -0.75 10.75
CA ILE A 77 22.26 0.55 10.10
C ILE A 77 21.58 0.42 8.75
N SER A 78 21.85 -0.67 8.03
CA SER A 78 21.18 -0.89 6.75
C SER A 78 19.68 -1.04 6.92
N PHE A 79 19.24 -1.82 7.92
CA PHE A 79 17.80 -1.93 8.17
C PHE A 79 17.17 -0.59 8.48
N VAL A 80 17.73 0.13 9.45
CA VAL A 80 17.10 1.37 9.87
C VAL A 80 17.06 2.36 8.72
N LEU A 81 18.15 2.43 7.93
CA LEU A 81 18.20 3.33 6.80
C LEU A 81 17.18 2.95 5.74
N GLY A 82 17.10 1.66 5.42
CA GLY A 82 16.17 1.23 4.38
C GLY A 82 14.73 1.50 4.75
N PHE A 83 14.34 1.13 5.96
CA PHE A 83 12.95 1.32 6.36
C PHE A 83 12.61 2.80 6.51
N TYR A 84 13.49 3.57 7.14
CA TYR A 84 13.25 5.00 7.31
C TYR A 84 13.16 5.71 5.97
N VAL A 85 14.07 5.40 5.04
CA VAL A 85 14.06 6.06 3.74
C VAL A 85 12.84 5.65 2.94
N THR A 86 12.41 4.39 3.05
CA THR A 86 11.19 3.98 2.38
C THR A 86 9.99 4.76 2.89
N LEU A 87 9.89 4.92 4.22
CA LEU A 87 8.80 5.71 4.78
C LEU A 87 8.87 7.16 4.31
N VAL A 88 10.08 7.74 4.30
CA VAL A 88 10.22 9.13 3.89
C VAL A 88 9.82 9.32 2.43
N VAL A 89 10.22 8.38 1.57
CA VAL A 89 9.89 8.48 0.15
C VAL A 89 8.39 8.32 -0.07
N THR A 90 7.77 7.39 0.65
CA THR A 90 6.33 7.21 0.55
C THR A 90 5.60 8.49 0.96
N ARG A 91 6.02 9.09 2.07
CA ARG A 91 5.39 10.33 2.52
C ARG A 91 5.64 11.48 1.56
N TRP A 92 6.82 11.51 0.93
CA TRP A 92 7.14 12.54 -0.05
C TRP A 92 6.23 12.45 -1.27
N TRP A 93 6.05 11.23 -1.79
CA TRP A 93 5.16 11.07 -2.93
C TRP A 93 3.71 11.36 -2.55
N ASN A 94 3.29 10.97 -1.35
CA ASN A 94 1.94 11.31 -0.90
C ASN A 94 1.77 12.82 -0.79
N GLN A 95 2.78 13.52 -0.27
CA GLN A 95 2.72 14.96 -0.17
C GLN A 95 2.58 15.60 -1.54
N TYR A 96 3.28 15.08 -2.54
CA TYR A 96 3.11 15.67 -3.87
C TYR A 96 1.71 15.34 -4.40
N GLU A 97 1.25 14.12 -4.17
CA GLU A 97 -0.08 13.72 -4.63
C GLU A 97 -1.19 14.53 -3.98
N ASN A 98 -0.90 15.16 -2.85
CA ASN A 98 -1.88 16.04 -2.21
C ASN A 98 -1.76 17.49 -2.64
N LEU A 99 -0.91 17.79 -3.61
CA LEU A 99 -0.84 19.14 -4.16
C LEU A 99 -2.09 19.40 -4.99
N PRO A 100 -2.84 20.46 -4.70
CA PRO A 100 -4.14 20.67 -5.37
C PRO A 100 -3.95 21.17 -6.81
N TRP A 101 -4.61 20.48 -7.74
CA TRP A 101 -4.64 20.90 -9.14
C TRP A 101 -6.06 21.32 -9.50
N PRO A 102 -6.27 22.54 -9.95
CA PRO A 102 -7.63 23.03 -10.17
C PRO A 102 -8.23 22.67 -11.52
N ASP A 103 -7.66 21.67 -12.20
CA ASP A 103 -8.05 21.42 -13.59
C ASP A 103 -9.48 20.91 -13.72
N ARG A 104 -9.83 19.89 -12.93
CA ARG A 104 -11.18 19.35 -12.98
C ARG A 104 -12.21 20.41 -12.56
N LEU A 105 -11.90 21.14 -11.49
CA LEU A 105 -12.81 22.17 -11.03
C LEU A 105 -12.95 23.28 -12.06
N MET A 106 -11.87 23.63 -12.74
CA MET A 106 -11.95 24.74 -13.70
C MET A 106 -12.74 24.32 -14.93
N SER A 107 -12.60 23.07 -15.36
CA SER A 107 -13.43 22.58 -16.46
C SER A 107 -14.90 22.58 -16.06
N LEU A 108 -15.20 22.14 -14.84
CA LEU A 108 -16.58 22.13 -14.39
C LEU A 108 -17.14 23.54 -14.28
N VAL A 109 -16.34 24.49 -13.78
CA VAL A 109 -16.80 25.87 -13.66
C VAL A 109 -17.09 26.44 -15.04
N SER A 110 -16.14 26.27 -15.97
CA SER A 110 -16.30 26.80 -17.32
C SER A 110 -17.54 26.22 -18.00
N GLY A 111 -17.79 24.93 -17.81
CA GLY A 111 -18.98 24.33 -18.41
C GLY A 111 -20.26 24.79 -17.74
N PHE A 112 -20.34 24.67 -16.41
CA PHE A 112 -21.61 24.80 -15.70
C PHE A 112 -22.03 26.26 -15.55
N VAL A 113 -21.12 27.14 -15.15
CA VAL A 113 -21.50 28.51 -14.82
C VAL A 113 -21.74 29.25 -16.13
N GLU A 114 -23.00 29.50 -16.45
CA GLU A 114 -23.40 30.07 -17.73
C GLU A 114 -23.33 31.60 -17.69
N GLY A 115 -23.31 32.19 -18.88
CA GLY A 115 -23.27 33.62 -19.01
C GLY A 115 -22.00 34.13 -19.66
N LYS A 116 -22.13 34.65 -20.88
CA LYS A 116 -21.00 35.25 -21.60
C LYS A 116 -20.87 36.74 -21.31
N ASP A 117 -21.67 37.27 -20.39
CA ASP A 117 -21.64 38.68 -20.08
C ASP A 117 -20.66 38.96 -18.93
N GLU A 118 -20.64 40.22 -18.49
CA GLU A 118 -19.71 40.63 -17.44
C GLU A 118 -20.00 39.92 -16.13
N GLN A 119 -21.29 39.74 -15.79
CA GLN A 119 -21.63 39.07 -14.55
C GLN A 119 -21.19 37.62 -14.55
N GLY A 120 -21.40 36.92 -15.67
CA GLY A 120 -20.93 35.54 -15.77
C GLY A 120 -19.42 35.44 -15.70
N ARG A 121 -18.72 36.34 -16.39
CA ARG A 121 -17.27 36.38 -16.31
C ARG A 121 -16.81 36.57 -14.88
N LEU A 122 -17.41 37.55 -14.19
CA LEU A 122 -17.03 37.83 -12.81
C LEU A 122 -17.29 36.62 -11.91
N LEU A 123 -18.43 35.96 -12.10
CA LEU A 123 -18.77 34.82 -11.25
C LEU A 123 -17.77 33.68 -11.45
N ARG A 124 -17.49 33.33 -12.70
CA ARG A 124 -16.55 32.24 -12.98
C ARG A 124 -15.16 32.57 -12.45
N ARG A 125 -14.70 33.80 -12.71
CA ARG A 125 -13.37 34.20 -12.25
C ARG A 125 -13.30 34.19 -10.73
N THR A 126 -14.35 34.66 -10.05
CA THR A 126 -14.34 34.69 -8.60
C THR A 126 -14.32 33.29 -8.01
N LEU A 127 -15.08 32.35 -8.59
CA LEU A 127 -15.06 30.98 -8.10
C LEU A 127 -13.67 30.37 -8.25
N ILE A 128 -13.08 30.50 -9.44
CA ILE A 128 -11.78 29.87 -9.65
C ILE A 128 -10.71 30.59 -8.83
N ARG A 129 -10.89 31.88 -8.58
CA ARG A 129 -9.95 32.61 -7.73
C ARG A 129 -10.08 32.20 -6.27
N TYR A 130 -11.29 31.86 -5.82
CA TYR A 130 -11.43 31.30 -4.47
C TYR A 130 -10.67 30.00 -4.35
N ALA A 131 -10.78 29.14 -5.36
CA ALA A 131 -10.03 27.89 -5.36
C ALA A 131 -8.52 28.17 -5.31
N ASN A 132 -8.04 29.05 -6.17
CA ASN A 132 -6.61 29.37 -6.22
C ASN A 132 -6.15 30.03 -4.93
N LEU A 133 -7.00 30.84 -4.30
CA LEU A 133 -6.65 31.50 -3.05
C LEU A 133 -6.50 30.49 -1.92
N GLY A 134 -7.42 29.53 -1.84
CA GLY A 134 -7.26 28.48 -0.84
C GLY A 134 -5.98 27.69 -1.05
N ASN A 135 -5.70 27.35 -2.31
CA ASN A 135 -4.47 26.62 -2.62
C ASN A 135 -3.24 27.42 -2.22
N VAL A 136 -3.20 28.70 -2.55
CA VAL A 136 -2.03 29.51 -2.25
C VAL A 136 -1.90 29.76 -0.76
N LEU A 137 -3.03 29.81 -0.04
CA LEU A 137 -2.96 29.98 1.41
C LEU A 137 -2.31 28.76 2.06
N ILE A 138 -2.77 27.56 1.70
CA ILE A 138 -2.16 26.38 2.30
C ILE A 138 -0.70 26.24 1.85
N LEU A 139 -0.41 26.62 0.60
CA LEU A 139 0.96 26.49 0.11
C LEU A 139 1.90 27.47 0.80
N ARG A 140 1.45 28.70 1.06
CA ARG A 140 2.27 29.63 1.82
C ARG A 140 2.38 29.24 3.28
N SER A 141 1.42 28.46 3.79
CA SER A 141 1.56 27.93 5.14
C SER A 141 2.58 26.80 5.21
N VAL A 142 2.71 25.99 4.15
CA VAL A 142 3.53 24.79 4.22
C VAL A 142 4.85 24.87 3.47
N SER A 143 5.08 25.89 2.66
CA SER A 143 6.24 25.94 1.78
C SER A 143 7.03 27.22 2.02
N THR A 144 8.34 27.07 2.25
CA THR A 144 9.19 28.21 2.55
C THR A 144 9.32 29.14 1.33
N ALA A 145 9.41 28.57 0.13
CA ALA A 145 9.52 29.40 -1.07
C ALA A 145 8.26 30.24 -1.27
N VAL A 146 7.09 29.63 -1.12
CA VAL A 146 5.84 30.36 -1.28
C VAL A 146 5.69 31.39 -0.17
N TYR A 147 6.13 31.07 1.04
CA TYR A 147 6.08 32.06 2.11
C TYR A 147 7.00 33.25 1.82
N LYS A 148 8.20 32.98 1.30
CA LYS A 148 9.10 34.06 0.95
C LYS A 148 8.52 34.92 -0.17
N ARG A 149 7.77 34.30 -1.09
CA ARG A 149 7.12 35.07 -2.13
C ARG A 149 5.98 35.92 -1.58
N PHE A 150 5.18 35.36 -0.67
CA PHE A 150 4.04 36.04 -0.09
C PHE A 150 4.16 36.01 1.43
N PRO A 151 5.03 36.85 2.00
CA PRO A 151 5.20 36.85 3.46
C PRO A 151 4.02 37.40 4.24
N SER A 152 3.00 37.94 3.56
CA SER A 152 1.84 38.47 4.27
C SER A 152 0.63 38.47 3.35
N ALA A 153 -0.54 38.54 3.97
CA ALA A 153 -1.79 38.67 3.21
C ALA A 153 -1.81 39.97 2.42
N GLN A 154 -1.11 41.00 2.90
CA GLN A 154 -0.96 42.22 2.09
C GLN A 154 -0.16 41.93 0.83
N HIS A 155 0.86 41.09 0.93
CA HIS A 155 1.58 40.64 -0.26
C HIS A 155 0.67 39.85 -1.18
N LEU A 156 -0.20 39.02 -0.61
CA LEU A 156 -1.17 38.30 -1.43
C LEU A 156 -2.11 39.25 -2.16
N VAL A 157 -2.55 40.32 -1.49
CA VAL A 157 -3.42 41.30 -2.13
C VAL A 157 -2.69 42.03 -3.24
N GLN A 158 -1.44 42.43 -2.99
CA GLN A 158 -0.67 43.12 -4.03
C GLN A 158 -0.41 42.21 -5.23
N ALA A 159 -0.22 40.92 -4.98
CA ALA A 159 0.02 39.96 -6.06
C ALA A 159 -1.23 39.66 -6.87
N GLY A 160 -2.40 40.10 -6.41
CA GLY A 160 -3.63 39.87 -7.13
C GLY A 160 -4.37 38.60 -6.76
N PHE A 161 -3.81 37.78 -5.87
CA PHE A 161 -4.50 36.56 -5.46
C PHE A 161 -5.73 36.87 -4.62
N MET A 162 -5.67 37.93 -3.82
CA MET A 162 -6.76 38.28 -2.92
C MET A 162 -7.19 39.72 -3.16
N THR A 163 -8.49 39.91 -3.32
CA THR A 163 -9.09 41.22 -3.42
C THR A 163 -9.06 41.91 -2.06
N PRO A 164 -8.91 43.25 -2.01
CA PRO A 164 -8.93 43.94 -0.72
C PRO A 164 -10.20 43.69 0.09
N ALA A 165 -11.33 43.54 -0.59
CA ALA A 165 -12.57 43.17 0.11
C ALA A 165 -12.43 41.79 0.75
N GLU A 166 -11.82 40.85 0.04
CA GLU A 166 -11.59 39.53 0.61
C GLU A 166 -10.64 39.60 1.81
N HIS A 167 -9.63 40.46 1.72
CA HIS A 167 -8.73 40.67 2.85
C HIS A 167 -9.48 41.22 4.07
N LYS A 168 -10.35 42.20 3.84
CA LYS A 168 -11.15 42.75 4.93
C LYS A 168 -12.05 41.68 5.53
N GLN A 169 -12.67 40.86 4.69
CA GLN A 169 -13.53 39.78 5.18
C GLN A 169 -12.74 38.77 6.00
N LEU A 170 -11.54 38.41 5.54
CA LEU A 170 -10.69 37.49 6.29
C LEU A 170 -10.31 38.07 7.64
N GLU A 171 -9.94 39.36 7.67
CA GLU A 171 -9.60 40.00 8.93
C GLU A 171 -10.80 40.03 9.88
N LYS A 172 -12.00 40.26 9.34
CA LYS A 172 -13.20 40.22 10.16
C LYS A 172 -13.45 38.82 10.72
N LEU A 173 -13.20 37.80 9.91
CA LEU A 173 -13.42 36.42 10.33
C LEU A 173 -12.32 35.87 11.23
N SER A 174 -11.19 36.60 11.34
CA SER A 174 -9.96 36.10 11.96
C SER A 174 -10.23 35.28 13.23
N LEU A 175 -9.67 34.08 13.25
CA LEU A 175 -9.68 33.15 14.36
C LEU A 175 -8.24 32.76 14.67
N PRO A 176 -7.96 32.28 15.90
CA PRO A 176 -6.59 31.87 16.26
C PRO A 176 -6.19 30.52 15.68
N HIS A 177 -6.46 30.33 14.39
CA HIS A 177 -6.04 29.15 13.65
C HIS A 177 -5.62 29.56 12.26
N ASN A 178 -5.12 28.60 11.49
CA ASN A 178 -4.87 28.83 10.08
C ASN A 178 -6.19 28.95 9.33
N MET A 179 -6.35 30.03 8.57
CA MET A 179 -7.60 30.33 7.91
C MET A 179 -7.61 29.93 6.44
N PHE A 180 -6.89 28.87 6.09
CA PHE A 180 -6.88 28.39 4.72
C PHE A 180 -8.21 27.78 4.30
N TRP A 181 -9.09 27.45 5.26
CA TRP A 181 -10.37 26.81 4.97
C TRP A 181 -11.44 27.79 4.54
N VAL A 182 -11.24 29.10 4.75
CA VAL A 182 -12.29 30.08 4.48
C VAL A 182 -12.70 30.13 3.01
N PRO A 183 -11.79 30.11 2.03
CA PRO A 183 -12.24 30.18 0.64
C PRO A 183 -13.12 29.04 0.21
N TRP A 184 -13.09 27.89 0.89
CA TRP A 184 -13.99 26.81 0.52
C TRP A 184 -15.43 27.11 0.93
N VAL A 185 -15.62 27.67 2.11
CA VAL A 185 -16.95 28.12 2.51
C VAL A 185 -17.42 29.25 1.60
N TRP A 186 -16.48 30.14 1.22
CA TRP A 186 -16.83 31.18 0.26
C TRP A 186 -17.28 30.60 -1.07
N PHE A 187 -16.57 29.58 -1.56
CA PHE A 187 -16.92 28.93 -2.82
C PHE A 187 -18.28 28.28 -2.73
N ALA A 188 -18.57 27.60 -1.62
CA ALA A 188 -19.87 26.95 -1.47
C ALA A 188 -20.99 27.97 -1.47
N ASN A 189 -20.82 29.07 -0.74
CA ASN A 189 -21.87 30.08 -0.67
C ASN A 189 -22.05 30.78 -2.02
N LEU A 190 -20.95 31.06 -2.72
CA LEU A 190 -21.05 31.71 -4.02
C LEU A 190 -21.69 30.79 -5.05
N SER A 191 -21.38 29.49 -5.00
CA SER A 191 -22.01 28.54 -5.91
C SER A 191 -23.51 28.42 -5.63
N MET A 192 -23.89 28.41 -4.34
CA MET A 192 -25.32 28.41 -4.02
C MET A 192 -26.00 29.67 -4.53
N LYS A 193 -25.34 30.82 -4.38
CA LYS A 193 -25.90 32.07 -4.89
C LYS A 193 -26.05 32.02 -6.41
N ALA A 194 -25.06 31.46 -7.10
CA ALA A 194 -25.13 31.33 -8.55
C ALA A 194 -26.27 30.43 -8.97
N TRP A 195 -26.46 29.30 -8.27
CA TRP A 195 -27.57 28.42 -8.60
C TRP A 195 -28.92 29.09 -8.35
N LEU A 196 -29.03 29.82 -7.24
CA LEU A 196 -30.29 30.51 -6.94
C LEU A 196 -30.57 31.63 -7.94
N GLY A 197 -29.52 32.26 -8.47
CA GLY A 197 -29.66 33.31 -9.45
C GLY A 197 -29.83 32.84 -10.88
N GLY A 198 -29.82 31.53 -11.12
CA GLY A 198 -30.02 30.99 -12.44
C GLY A 198 -28.76 30.81 -13.26
N ARG A 199 -27.61 31.24 -12.76
CA ARG A 199 -26.37 31.06 -13.51
C ARG A 199 -25.97 29.58 -13.58
N ILE A 200 -26.23 28.83 -12.53
CA ILE A 200 -26.06 27.38 -12.55
C ILE A 200 -27.44 26.76 -12.78
N ARG A 201 -27.58 26.02 -13.87
CA ARG A 201 -28.89 25.57 -14.29
C ARG A 201 -29.44 24.42 -13.46
N ASP A 202 -28.57 23.56 -12.90
CA ASP A 202 -29.11 22.40 -12.22
C ASP A 202 -28.40 22.13 -10.90
N PRO A 203 -29.15 21.70 -9.87
CA PRO A 203 -28.51 21.35 -8.60
C PRO A 203 -27.53 20.19 -8.72
N ILE A 204 -27.68 19.33 -9.72
CA ILE A 204 -26.69 18.28 -9.92
C ILE A 204 -25.36 18.85 -10.39
N LEU A 205 -25.41 19.88 -11.25
CA LEU A 205 -24.20 20.59 -11.62
C LEU A 205 -23.59 21.30 -10.41
N LEU A 206 -24.44 21.89 -9.57
CA LEU A 206 -23.96 22.47 -8.33
C LEU A 206 -23.24 21.44 -7.46
N GLN A 207 -23.82 20.24 -7.35
CA GLN A 207 -23.22 19.18 -6.55
C GLN A 207 -21.88 18.74 -7.14
N SER A 208 -21.78 18.64 -8.46
CA SER A 208 -20.52 18.27 -9.09
C SER A 208 -19.44 19.31 -8.78
N LEU A 209 -19.80 20.60 -8.91
CA LEU A 209 -18.85 21.66 -8.59
C LEU A 209 -18.37 21.54 -7.14
N LEU A 210 -19.31 21.34 -6.21
CA LEU A 210 -18.94 21.27 -4.81
C LEU A 210 -18.14 20.02 -4.50
N ASN A 211 -18.39 18.92 -5.21
CA ASN A 211 -17.59 17.71 -5.02
C ASN A 211 -16.14 17.94 -5.44
N GLU A 212 -15.93 18.60 -6.58
CA GLU A 212 -14.57 18.91 -6.98
C GLU A 212 -13.89 19.86 -5.99
N MET A 213 -14.63 20.86 -5.51
CA MET A 213 -14.06 21.81 -4.56
C MET A 213 -13.70 21.11 -3.25
N ASN A 214 -14.54 20.16 -2.83
CA ASN A 214 -14.27 19.39 -1.61
C ASN A 214 -13.07 18.46 -1.78
N THR A 215 -12.87 17.90 -2.98
CA THR A 215 -11.65 17.14 -3.23
C THR A 215 -10.42 18.03 -3.07
N LEU A 216 -10.49 19.25 -3.61
CA LEU A 216 -9.39 20.19 -3.40
C LEU A 216 -9.18 20.49 -1.91
N ARG A 217 -10.27 20.64 -1.17
CA ARG A 217 -10.18 20.90 0.27
C ARG A 217 -9.50 19.75 0.99
N THR A 218 -9.85 18.51 0.63
CA THR A 218 -9.23 17.34 1.25
C THR A 218 -7.74 17.30 0.95
N GLN A 219 -7.35 17.62 -0.29
CA GLN A 219 -5.94 17.66 -0.63
C GLN A 219 -5.20 18.71 0.20
N CYS A 220 -5.79 19.89 0.34
CA CYS A 220 -5.14 20.95 1.12
C CYS A 220 -5.04 20.57 2.59
N GLY A 221 -6.08 19.92 3.13
CA GLY A 221 -6.01 19.45 4.50
C GLY A 221 -4.95 18.40 4.70
N HIS A 222 -4.76 17.52 3.71
CA HIS A 222 -3.68 16.55 3.78
C HIS A 222 -2.32 17.22 3.76
N LEU A 223 -2.17 18.27 2.95
CA LEU A 223 -0.92 19.02 2.96
C LEU A 223 -0.66 19.65 4.32
N TYR A 224 -1.69 20.25 4.93
CA TYR A 224 -1.54 20.81 6.27
C TYR A 224 -1.17 19.72 7.27
N ALA A 225 -1.80 18.55 7.16
CA ALA A 225 -1.53 17.45 8.07
C ALA A 225 -0.08 16.98 7.95
N TYR A 226 0.42 16.87 6.72
CA TYR A 226 1.80 16.46 6.53
C TYR A 226 2.77 17.51 7.06
N ASP A 227 2.44 18.79 6.91
CA ASP A 227 3.29 19.84 7.47
C ASP A 227 3.31 19.78 8.98
N TRP A 228 2.15 19.50 9.60
CA TRP A 228 2.04 19.56 11.06
C TRP A 228 2.61 18.30 11.71
N ILE A 229 2.06 17.14 11.37
CA ILE A 229 2.45 15.88 11.99
C ILE A 229 3.72 15.37 11.34
N SER A 230 4.86 15.70 11.93
CA SER A 230 6.15 15.29 11.39
C SER A 230 6.38 13.80 11.63
N ILE A 231 7.36 13.26 10.91
CA ILE A 231 7.85 11.91 11.24
C ILE A 231 8.38 11.92 12.67
N PRO A 232 8.13 10.89 13.47
CA PRO A 232 8.52 10.94 14.89
C PRO A 232 9.98 11.31 15.09
N LEU A 233 10.20 12.31 15.95
CA LEU A 233 11.55 12.77 16.26
C LEU A 233 12.39 11.66 16.85
N VAL A 234 11.77 10.74 17.59
CA VAL A 234 12.52 9.62 18.13
C VAL A 234 13.07 8.73 17.01
N TYR A 235 12.24 8.47 15.98
CA TYR A 235 12.70 7.67 14.85
C TYR A 235 13.82 8.37 14.09
N THR A 236 13.65 9.67 13.83
CA THR A 236 14.69 10.42 13.13
C THR A 236 15.99 10.42 13.93
N GLN A 237 15.90 10.61 15.25
CA GLN A 237 17.08 10.59 16.10
C GLN A 237 17.72 9.21 16.12
N VAL A 238 16.91 8.15 16.09
CA VAL A 238 17.45 6.80 16.09
C VAL A 238 18.28 6.55 14.82
N VAL A 239 17.74 6.93 13.67
CA VAL A 239 18.49 6.70 12.43
C VAL A 239 19.74 7.57 12.38
N THR A 240 19.64 8.82 12.86
CA THR A 240 20.80 9.70 12.90
C THR A 240 21.87 9.16 13.83
N VAL A 241 21.47 8.65 15.00
CA VAL A 241 22.42 8.09 15.95
C VAL A 241 23.09 6.87 15.37
N ALA A 242 22.33 6.02 14.65
CA ALA A 242 22.94 4.86 14.02
C ALA A 242 24.03 5.29 13.05
N VAL A 243 23.71 6.19 12.13
CA VAL A 243 24.69 6.59 11.10
C VAL A 243 25.91 7.25 11.75
N TYR A 244 25.67 8.16 12.70
CA TYR A 244 26.76 8.92 13.26
C TYR A 244 27.61 8.08 14.21
N SER A 245 27.00 7.14 14.94
CA SER A 245 27.78 6.20 15.72
C SER A 245 28.66 5.35 14.83
N PHE A 246 28.12 4.90 13.69
CA PHE A 246 28.91 4.15 12.72
C PHE A 246 30.15 4.95 12.31
N PHE A 247 29.94 6.19 11.90
CA PHE A 247 31.07 6.95 11.34
C PHE A 247 31.90 7.68 12.37
N LEU A 248 31.52 7.63 13.66
CA LEU A 248 32.42 8.02 14.73
C LEU A 248 33.28 6.86 15.20
N THR A 249 32.72 5.64 15.20
CA THR A 249 33.54 4.46 15.42
C THR A 249 34.56 4.28 14.31
N CYS A 250 34.16 4.50 13.06
CA CYS A 250 35.07 4.33 11.94
C CYS A 250 36.29 5.25 12.04
N LEU A 251 36.11 6.42 12.66
CA LEU A 251 37.22 7.37 12.78
C LEU A 251 38.44 6.75 13.46
N VAL A 252 38.22 5.86 14.42
CA VAL A 252 39.31 5.21 15.14
C VAL A 252 39.56 3.82 14.55
N GLY A 253 38.49 3.09 14.28
CA GLY A 253 38.63 1.72 13.82
C GLY A 253 39.22 1.55 12.44
N ARG A 254 39.16 2.59 11.62
CA ARG A 254 39.69 2.54 10.26
C ARG A 254 41.05 3.21 10.14
N GLN A 255 41.68 3.53 11.27
CA GLN A 255 43.02 4.13 11.23
C GLN A 255 44.04 3.10 10.79
N PHE A 256 45.01 3.54 10.00
CA PHE A 256 46.06 2.66 9.48
C PHE A 256 47.12 2.51 10.56
N LEU A 257 47.11 1.36 11.24
CA LEU A 257 48.10 1.11 12.27
C LEU A 257 49.49 0.96 11.67
N ASN A 258 50.50 1.13 12.50
CA ASN A 258 51.87 1.08 12.03
C ASN A 258 52.18 -0.31 11.50
N PRO A 259 52.66 -0.44 10.26
CA PRO A 259 52.91 -1.78 9.70
C PRO A 259 54.02 -2.55 10.41
N ALA A 260 54.88 -1.88 11.17
CA ALA A 260 55.97 -2.57 11.85
C ALA A 260 55.43 -3.58 12.86
N LYS A 261 54.39 -3.21 13.60
CA LYS A 261 53.77 -4.13 14.55
C LYS A 261 53.13 -5.32 13.85
N ALA A 262 52.80 -5.18 12.56
CA ALA A 262 52.41 -6.29 11.70
C ALA A 262 51.12 -6.97 12.14
N TYR A 263 50.08 -6.21 12.44
CA TYR A 263 48.77 -6.82 12.62
C TYR A 263 48.25 -7.30 11.28
N PRO A 264 47.48 -8.39 11.25
CA PRO A 264 47.02 -8.94 9.96
C PRO A 264 46.22 -7.96 9.11
N GLY A 265 45.38 -7.13 9.74
CA GLY A 265 44.56 -6.21 8.97
C GLY A 265 45.30 -4.98 8.50
N HIS A 266 46.43 -4.67 9.13
CA HIS A 266 47.17 -3.43 8.87
C HIS A 266 48.61 -3.72 8.46
N GLU A 267 48.79 -4.67 7.53
CA GLU A 267 50.13 -5.06 7.13
C GLU A 267 50.81 -3.96 6.32
N LEU A 268 50.03 -3.14 5.61
CA LEU A 268 50.56 -2.06 4.80
C LEU A 268 49.72 -0.80 4.99
N ASP A 269 50.32 0.35 4.73
CA ASP A 269 49.70 1.64 5.00
C ASP A 269 49.31 2.30 3.68
N LEU A 270 48.00 2.30 3.39
CA LEU A 270 47.51 2.94 2.18
C LEU A 270 47.36 4.44 2.35
N VAL A 271 47.43 4.94 3.59
CA VAL A 271 47.28 6.36 3.93
C VAL A 271 45.82 6.77 3.77
N VAL A 272 45.31 6.73 2.55
CA VAL A 272 43.93 7.13 2.26
C VAL A 272 43.00 5.93 2.43
N PRO A 273 42.01 6.00 3.32
CA PRO A 273 41.02 4.91 3.48
C PRO A 273 39.89 5.00 2.46
N VAL A 274 40.15 4.47 1.26
CA VAL A 274 39.20 4.61 0.17
C VAL A 274 37.92 3.84 0.46
N PHE A 275 38.02 2.72 1.17
CA PHE A 275 36.81 1.93 1.45
C PHE A 275 35.95 2.59 2.51
N THR A 276 36.58 3.17 3.54
CA THR A 276 35.82 3.96 4.51
C THR A 276 35.18 5.16 3.84
N PHE A 277 35.88 5.78 2.90
CA PHE A 277 35.30 6.93 2.20
C PHE A 277 34.11 6.51 1.32
N LEU A 278 34.22 5.37 0.65
CA LEU A 278 33.10 4.88 -0.16
C LEU A 278 31.91 4.53 0.72
N GLN A 279 32.16 3.91 1.87
CA GLN A 279 31.08 3.62 2.80
C GLN A 279 30.45 4.91 3.32
N PHE A 280 31.27 5.92 3.58
CA PHE A 280 30.73 7.22 4.00
C PHE A 280 29.81 7.77 2.92
N PHE A 281 30.27 7.77 1.67
CA PHE A 281 29.43 8.25 0.59
C PHE A 281 28.11 7.50 0.54
N PHE A 282 28.17 6.16 0.56
CA PHE A 282 26.96 5.35 0.46
C PHE A 282 25.99 5.65 1.59
N TYR A 283 26.44 5.53 2.84
CA TYR A 283 25.51 5.64 3.96
C TYR A 283 25.05 7.08 4.18
N VAL A 284 25.97 8.03 4.13
CA VAL A 284 25.56 9.42 4.34
C VAL A 284 24.69 9.92 3.21
N GLY A 285 24.89 9.44 1.97
CA GLY A 285 23.97 9.77 0.91
C GLY A 285 22.61 9.14 1.09
N TRP A 286 22.58 7.90 1.57
CA TRP A 286 21.30 7.26 1.89
C TRP A 286 20.54 8.06 2.94
N LEU A 287 21.26 8.60 3.93
CA LEU A 287 20.62 9.44 4.92
C LEU A 287 20.23 10.80 4.34
N LYS A 288 21.04 11.33 3.43
CA LYS A 288 20.73 12.62 2.82
C LYS A 288 19.49 12.55 1.94
N VAL A 289 19.18 11.36 1.42
CA VAL A 289 17.91 11.20 0.71
C VAL A 289 16.75 11.54 1.63
N ALA A 290 16.74 10.96 2.83
CA ALA A 290 15.68 11.26 3.80
C ALA A 290 15.77 12.70 4.29
N GLU A 291 16.99 13.22 4.43
CA GLU A 291 17.16 14.61 4.87
C GLU A 291 16.54 15.58 3.87
N GLN A 292 16.70 15.31 2.58
CA GLN A 292 16.16 16.18 1.55
C GLN A 292 14.66 15.99 1.39
N LEU A 293 14.17 14.74 1.48
CA LEU A 293 12.76 14.48 1.22
C LEU A 293 11.87 14.60 2.44
N ILE A 294 12.44 14.82 3.63
CA ILE A 294 11.62 14.88 4.84
C ILE A 294 10.70 16.09 4.81
N ASN A 295 11.16 17.20 4.22
CA ASN A 295 10.31 18.36 3.94
C ASN A 295 10.48 18.69 2.47
N PRO A 296 9.60 18.18 1.61
CA PRO A 296 9.74 18.45 0.17
C PRO A 296 9.30 19.84 -0.25
N PHE A 297 8.94 20.70 0.70
CA PHE A 297 8.51 22.06 0.40
C PHE A 297 9.54 23.10 0.84
N GLY A 298 10.77 22.68 1.13
CA GLY A 298 11.83 23.63 1.44
C GLY A 298 12.41 24.24 0.19
N GLU A 299 13.73 24.42 0.16
CA GLU A 299 14.40 25.04 -0.97
C GLU A 299 15.52 24.16 -1.51
N ASP A 300 15.41 22.85 -1.33
CA ASP A 300 16.38 21.93 -1.91
C ASP A 300 16.19 21.86 -3.42
N ASP A 301 17.19 21.30 -4.10
CA ASP A 301 17.12 21.16 -5.55
C ASP A 301 16.01 20.20 -5.95
N ASP A 302 15.82 19.13 -5.18
CA ASP A 302 14.81 18.12 -5.47
C ASP A 302 13.47 18.44 -4.82
N ASP A 303 13.33 19.59 -4.18
CA ASP A 303 12.04 19.99 -3.62
C ASP A 303 11.11 20.50 -4.72
N PHE A 304 9.83 20.49 -4.42
CA PHE A 304 8.81 20.82 -5.41
C PHE A 304 8.88 22.28 -5.83
N GLU A 305 8.51 22.54 -7.08
CA GLU A 305 8.44 23.91 -7.62
C GLU A 305 7.06 24.48 -7.34
N THR A 306 6.82 24.77 -6.06
CA THR A 306 5.50 25.23 -5.63
C THR A 306 5.14 26.59 -6.22
N ASN A 307 6.14 27.47 -6.36
CA ASN A 307 5.88 28.78 -6.96
C ASN A 307 5.44 28.64 -8.41
N TRP A 308 6.13 27.79 -9.17
CA TRP A 308 5.72 27.55 -10.55
C TRP A 308 4.34 26.92 -10.60
N ILE A 309 4.05 25.99 -9.68
CA ILE A 309 2.73 25.37 -9.66
C ILE A 309 1.66 26.41 -9.41
N VAL A 310 1.92 27.34 -8.48
CA VAL A 310 0.96 28.40 -8.19
C VAL A 310 0.72 29.27 -9.42
N ASP A 311 1.81 29.70 -10.08
CA ASP A 311 1.68 30.57 -11.24
C ASP A 311 0.92 29.86 -12.37
N ARG A 312 1.29 28.61 -12.65
CA ARG A 312 0.64 27.87 -13.72
C ARG A 312 -0.84 27.64 -13.41
N ASN A 313 -1.15 27.28 -12.16
CA ASN A 313 -2.54 27.06 -11.79
C ASN A 313 -3.36 28.33 -11.99
N LEU A 314 -2.83 29.46 -11.53
CA LEU A 314 -3.56 30.72 -11.68
C LEU A 314 -3.81 31.03 -13.15
N GLN A 315 -2.75 31.01 -13.96
CA GLN A 315 -2.90 31.36 -15.37
C GLN A 315 -3.87 30.43 -16.09
N VAL A 316 -3.64 29.11 -15.93
CA VAL A 316 -4.43 28.13 -16.67
C VAL A 316 -5.89 28.18 -16.23
N SER A 317 -6.15 28.27 -14.93
CA SER A 317 -7.52 28.28 -14.44
C SER A 317 -8.25 29.54 -14.89
N LEU A 318 -7.59 30.70 -14.81
CA LEU A 318 -8.23 31.93 -15.27
C LEU A 318 -8.56 31.86 -16.76
N LEU A 319 -7.60 31.36 -17.56
CA LEU A 319 -7.85 31.24 -18.99
C LEU A 319 -9.01 30.30 -19.28
N ALA A 320 -9.03 29.15 -18.60
CA ALA A 320 -10.06 28.15 -18.85
C ALA A 320 -11.44 28.67 -18.49
N VAL A 321 -11.56 29.39 -17.36
CA VAL A 321 -12.88 29.84 -16.94
C VAL A 321 -13.31 31.15 -17.59
N ASP A 322 -12.40 31.90 -18.21
CA ASP A 322 -12.76 33.19 -18.79
C ASP A 322 -12.74 33.16 -20.32
N GLU A 323 -11.61 32.82 -20.93
CA GLU A 323 -11.51 32.88 -22.38
C GLU A 323 -12.02 31.63 -23.06
N MET A 324 -11.99 30.49 -22.37
CA MET A 324 -12.37 29.21 -22.94
C MET A 324 -13.83 28.85 -22.68
N HIS A 325 -14.59 29.70 -21.99
CA HIS A 325 -15.98 29.38 -21.69
C HIS A 325 -16.83 29.50 -22.94
N GLN A 326 -17.42 28.38 -23.36
CA GLN A 326 -18.26 28.32 -24.55
C GLN A 326 -17.52 28.85 -25.78
N ASP A 327 -16.23 28.58 -25.85
CA ASP A 327 -15.38 28.98 -26.96
C ASP A 327 -14.74 27.70 -27.51
N LEU A 328 -15.41 27.10 -28.48
CA LEU A 328 -14.99 25.81 -28.99
C LEU A 328 -14.47 25.94 -30.43
N PRO A 329 -13.53 25.09 -30.83
CA PRO A 329 -13.16 25.03 -32.24
C PRO A 329 -14.32 24.52 -33.08
N ARG A 330 -14.32 24.92 -34.34
CA ARG A 330 -15.42 24.56 -35.23
C ARG A 330 -15.55 23.04 -35.32
N MET A 331 -16.78 22.56 -35.18
CA MET A 331 -17.06 21.13 -35.22
C MET A 331 -17.27 20.71 -36.67
N GLU A 332 -16.30 19.97 -37.21
CA GLU A 332 -16.32 19.51 -38.58
C GLU A 332 -15.96 18.03 -38.64
N PRO A 333 -16.41 17.32 -39.68
CA PRO A 333 -16.02 15.91 -39.81
C PRO A 333 -14.52 15.75 -39.93
N ASP A 334 -14.01 14.68 -39.31
CA ASP A 334 -12.58 14.48 -39.17
C ASP A 334 -12.04 13.72 -40.38
N MET A 335 -10.77 13.30 -40.29
CA MET A 335 -10.13 12.59 -41.39
C MET A 335 -10.70 11.20 -41.59
N TYR A 336 -11.15 10.56 -40.51
CA TYR A 336 -11.69 9.21 -40.55
C TYR A 336 -13.21 9.20 -40.46
N TRP A 337 -13.86 10.15 -41.14
CA TRP A 337 -15.31 10.32 -41.02
C TRP A 337 -16.06 9.05 -41.43
N ASN A 338 -15.65 8.43 -42.53
CA ASN A 338 -16.29 7.21 -43.02
C ASN A 338 -15.28 6.08 -43.14
N LYS A 339 -14.27 6.08 -42.26
CA LYS A 339 -13.26 5.03 -42.23
C LYS A 339 -13.52 4.08 -41.08
N PRO A 340 -13.94 2.84 -41.33
CA PRO A 340 -14.20 1.91 -40.22
C PRO A 340 -12.96 1.62 -39.38
N GLU A 341 -11.78 1.60 -39.97
CA GLU A 341 -10.54 1.28 -39.26
C GLU A 341 -9.52 2.38 -39.50
N PRO A 342 -9.57 3.44 -38.70
CA PRO A 342 -8.55 4.49 -38.83
C PRO A 342 -7.16 3.96 -38.51
N GLN A 343 -6.21 4.27 -39.38
CA GLN A 343 -4.83 3.83 -39.23
C GLN A 343 -3.92 5.04 -39.40
N PRO A 344 -3.69 5.81 -38.33
CA PRO A 344 -2.81 6.97 -38.42
C PRO A 344 -1.40 6.55 -38.82
N PRO A 345 -0.73 7.36 -39.63
CA PRO A 345 0.59 6.97 -40.14
C PRO A 345 1.66 7.02 -39.06
N TYR A 346 2.77 6.34 -39.36
CA TYR A 346 3.96 6.36 -38.53
C TYR A 346 5.06 7.11 -39.26
N THR A 347 5.95 7.75 -38.51
CA THR A 347 7.09 8.40 -39.11
C THR A 347 8.21 7.39 -39.36
N ALA A 348 9.24 7.83 -40.07
CA ALA A 348 10.40 6.98 -40.30
C ALA A 348 11.10 6.63 -39.00
N ALA A 349 11.16 7.59 -38.06
CA ALA A 349 11.78 7.36 -36.77
C ALA A 349 10.91 6.52 -35.83
N SER A 350 9.64 6.30 -36.17
CA SER A 350 8.72 5.54 -35.32
C SER A 350 8.16 4.30 -36.01
N ALA A 351 8.66 3.94 -37.20
CA ALA A 351 8.15 2.78 -37.90
C ALA A 351 8.31 1.50 -37.09
N GLN A 352 9.40 1.38 -36.31
CA GLN A 352 9.67 0.15 -35.57
C GLN A 352 8.73 -0.05 -34.38
N PHE A 353 7.95 0.96 -34.00
CA PHE A 353 7.05 0.84 -32.87
C PHE A 353 5.64 0.37 -33.25
N ARG A 354 5.41 0.07 -34.53
CA ARG A 354 4.13 -0.47 -34.95
C ARG A 354 4.09 -1.96 -34.64
N ARG A 355 3.18 -2.36 -33.77
CA ARG A 355 3.11 -3.73 -33.29
C ARG A 355 1.70 -4.28 -33.44
N ALA A 356 1.62 -5.60 -33.55
CA ALA A 356 0.32 -6.27 -33.56
C ALA A 356 -0.29 -6.27 -32.18
N SER A 357 -1.63 -6.33 -32.13
CA SER A 357 -2.33 -6.30 -30.86
C SER A 357 -2.11 -7.57 -30.06
N PHE A 358 -2.00 -7.42 -28.75
CA PHE A 358 -1.94 -8.57 -27.86
C PHE A 358 -3.36 -9.06 -27.59
N MET A 359 -3.65 -10.29 -28.04
CA MET A 359 -4.99 -10.83 -27.99
C MET A 359 -5.23 -11.71 -26.76
N GLY A 360 -4.28 -11.77 -25.84
CA GLY A 360 -4.40 -12.61 -24.68
C GLY A 360 -3.35 -13.70 -24.63
N SER A 361 -3.04 -14.19 -23.43
CA SER A 361 -2.01 -15.21 -23.30
C SER A 361 -2.49 -16.59 -23.76
N THR A 362 -3.80 -16.79 -23.85
CA THR A 362 -4.36 -18.07 -24.28
C THR A 362 -4.56 -18.16 -25.78
N PHE A 363 -4.15 -17.14 -26.53
CA PHE A 363 -4.46 -17.07 -27.95
C PHE A 363 -3.80 -18.21 -28.71
N ASN A 364 -2.57 -18.57 -28.35
CA ASN A 364 -1.78 -19.53 -29.11
C ASN A 364 -1.89 -20.95 -28.60
N ILE A 365 -2.83 -21.23 -27.69
CA ILE A 365 -3.02 -22.58 -27.21
C ILE A 365 -3.59 -23.44 -28.32
N SER A 366 -2.98 -24.60 -28.56
CA SER A 366 -3.38 -25.51 -29.63
C SER A 366 -4.15 -26.69 -29.02
N LEU A 367 -5.35 -26.93 -29.53
CA LEU A 367 -6.20 -28.01 -29.04
C LEU A 367 -6.62 -28.89 -30.21
N ASN A 368 -6.75 -30.18 -29.95
CA ASN A 368 -7.16 -31.14 -30.97
C ASN A 368 -8.67 -31.04 -31.20
N LYS A 369 -9.12 -31.68 -32.28
CA LYS A 369 -10.54 -31.69 -32.61
C LYS A 369 -11.34 -32.40 -31.52
N GLU A 370 -10.82 -33.53 -31.02
CA GLU A 370 -11.53 -34.27 -29.99
C GLU A 370 -11.53 -33.51 -28.66
N GLU A 371 -10.47 -32.74 -28.39
CA GLU A 371 -10.39 -32.00 -27.14
C GLU A 371 -11.43 -30.88 -27.09
N MET A 372 -11.73 -30.27 -28.22
CA MET A 372 -12.61 -29.11 -28.29
C MET A 372 -14.09 -29.49 -28.35
N GLU A 373 -14.42 -30.78 -28.35
CA GLU A 373 -15.80 -31.21 -28.47
C GLU A 373 -16.49 -31.18 -27.11
N PHE A 374 -17.65 -30.53 -27.06
CA PHE A 374 -18.41 -30.42 -25.81
C PHE A 374 -18.93 -31.78 -25.38
N GLN A 375 -18.84 -32.05 -24.07
CA GLN A 375 -19.33 -33.33 -23.57
C GLN A 375 -20.71 -33.16 -22.94
N PRO A 376 -21.56 -34.19 -23.02
CA PRO A 376 -22.88 -34.16 -22.38
C PRO A 376 -22.80 -34.40 -20.87
N THR B 1 -7.48 -23.61 -6.65
CA THR B 1 -7.45 -23.06 -5.30
C THR B 1 -7.55 -24.16 -4.25
N ILE B 2 -6.58 -24.19 -3.34
CA ILE B 2 -6.56 -25.14 -2.24
C ILE B 2 -6.89 -24.37 -0.97
N THR B 3 -7.94 -24.82 -0.27
CA THR B 3 -8.43 -24.13 0.92
C THR B 3 -8.08 -24.95 2.16
N TYR B 4 -7.47 -24.30 3.15
CA TYR B 4 -7.21 -24.92 4.44
C TYR B 4 -7.60 -23.99 5.58
N THR B 5 -8.53 -23.06 5.33
CA THR B 5 -8.92 -22.08 6.34
C THR B 5 -9.49 -22.74 7.58
N SER B 6 -10.34 -23.76 7.38
CA SER B 6 -10.87 -24.51 8.52
C SER B 6 -9.77 -25.21 9.29
N GLN B 7 -8.76 -25.71 8.58
CA GLN B 7 -7.64 -26.37 9.25
C GLN B 7 -6.84 -25.40 10.09
N VAL B 8 -6.66 -24.17 9.61
CA VAL B 8 -5.86 -23.17 10.32
C VAL B 8 -6.73 -22.16 11.06
N ALA B 9 -7.97 -22.53 11.38
CA ALA B 9 -8.86 -21.63 12.12
C ALA B 9 -8.25 -21.22 13.47
N ASN B 10 -7.70 -22.19 14.20
CA ASN B 10 -7.11 -21.94 15.50
C ASN B 10 -5.62 -22.25 15.47
N ALA B 11 -4.87 -21.55 16.31
CA ALA B 11 -3.42 -21.77 16.45
C ALA B 11 -3.22 -22.88 17.47
N ARG B 12 -3.45 -24.11 17.03
CA ARG B 12 -3.37 -25.28 17.89
C ARG B 12 -1.96 -25.88 17.86
N LEU B 13 -1.79 -27.00 18.52
CA LEU B 13 -0.48 -27.65 18.60
C LEU B 13 -0.06 -28.18 17.24
N GLY B 14 1.02 -27.64 16.71
CA GLY B 14 1.51 -28.05 15.40
C GLY B 14 0.53 -27.76 14.28
N SER B 15 -0.14 -26.61 14.33
CA SER B 15 -1.16 -26.30 13.33
C SER B 15 -0.55 -26.22 11.94
N PHE B 16 0.59 -25.55 11.81
CA PHE B 16 1.29 -25.48 10.53
C PHE B 16 2.04 -26.76 10.20
N SER B 17 2.38 -27.56 11.22
CA SER B 17 3.04 -28.83 10.97
C SER B 17 2.09 -29.83 10.33
N ARG B 18 0.82 -29.81 10.74
CA ARG B 18 -0.17 -30.71 10.13
C ARG B 18 -0.44 -30.37 8.68
N LEU B 19 -0.02 -29.19 8.21
CA LEU B 19 -0.16 -28.83 6.81
C LEU B 19 0.94 -29.42 5.95
N LEU B 20 1.95 -30.05 6.54
CA LEU B 20 3.03 -30.67 5.80
C LEU B 20 2.66 -32.04 5.27
N LEU B 21 1.48 -32.56 5.60
CA LEU B 21 1.02 -33.86 5.14
C LEU B 21 0.07 -33.75 3.96
N CYS B 22 0.06 -32.60 3.28
CA CYS B 22 -0.77 -32.38 2.11
C CYS B 22 0.03 -32.63 0.84
N TRP B 23 -0.69 -32.93 -0.24
CA TRP B 23 -0.08 -33.16 -1.55
C TRP B 23 -0.51 -32.16 -2.61
N ARG B 24 -1.80 -31.81 -2.65
CA ARG B 24 -2.28 -30.86 -3.64
C ARG B 24 -1.74 -29.47 -3.34
N GLY B 25 -1.14 -28.84 -4.36
CA GLY B 25 -0.59 -27.51 -4.20
C GLY B 25 0.55 -27.46 -3.21
N SER B 26 1.22 -28.59 -3.01
CA SER B 26 2.23 -28.71 -1.98
C SER B 26 3.63 -28.50 -2.56
N ILE B 27 4.57 -28.21 -1.65
CA ILE B 27 5.95 -27.99 -2.05
C ILE B 27 6.55 -29.25 -2.67
N TYR B 28 6.20 -30.43 -2.12
CA TYR B 28 6.69 -31.67 -2.69
C TYR B 28 6.23 -31.84 -4.14
N LYS B 29 4.93 -31.65 -4.39
CA LYS B 29 4.43 -31.78 -5.76
C LYS B 29 5.03 -30.72 -6.66
N LEU B 30 5.36 -29.55 -6.11
CA LEU B 30 5.90 -28.48 -6.96
C LEU B 30 7.34 -28.73 -7.36
N LEU B 31 8.17 -29.25 -6.45
CA LEU B 31 9.60 -29.34 -6.72
C LEU B 31 10.16 -30.76 -6.65
N TYR B 32 9.33 -31.80 -6.75
CA TYR B 32 9.88 -33.15 -6.72
C TYR B 32 10.76 -33.44 -7.94
N GLY B 33 10.39 -32.94 -9.12
CA GLY B 33 11.21 -33.15 -10.30
C GLY B 33 12.56 -32.46 -10.19
N GLU B 34 12.57 -31.22 -9.73
CA GLU B 34 13.83 -30.51 -9.53
C GLU B 34 14.68 -31.19 -8.47
N PHE B 35 14.05 -31.69 -7.40
CA PHE B 35 14.80 -32.40 -6.38
C PHE B 35 15.39 -33.70 -6.92
N LEU B 36 14.65 -34.41 -7.76
CA LEU B 36 15.18 -35.63 -8.36
C LEU B 36 16.37 -35.33 -9.26
N ILE B 37 16.27 -34.27 -10.07
CA ILE B 37 17.40 -33.89 -10.91
C ILE B 37 18.61 -33.51 -10.07
N PHE B 38 18.38 -32.75 -8.99
CA PHE B 38 19.47 -32.35 -8.11
C PHE B 38 20.12 -33.57 -7.45
N LEU B 39 19.30 -34.53 -7.00
CA LEU B 39 19.81 -35.77 -6.44
C LEU B 39 20.69 -36.51 -7.44
N LEU B 40 20.18 -36.67 -8.66
CA LEU B 40 20.92 -37.40 -9.67
C LEU B 40 22.25 -36.73 -9.96
N CYS B 41 22.26 -35.41 -10.15
CA CYS B 41 23.50 -34.71 -10.43
C CYS B 41 24.47 -34.80 -9.27
N TYR B 42 23.98 -34.63 -8.04
CA TYR B 42 24.86 -34.65 -6.87
C TYR B 42 25.54 -36.00 -6.73
N TYR B 43 24.76 -37.09 -6.82
CA TYR B 43 25.38 -38.39 -6.61
C TYR B 43 26.18 -38.84 -7.83
N ILE B 44 25.84 -38.35 -9.02
CA ILE B 44 26.69 -38.59 -10.18
C ILE B 44 28.05 -37.96 -9.98
N ILE B 45 28.08 -36.71 -9.50
CA ILE B 45 29.36 -36.05 -9.24
C ILE B 45 30.12 -36.76 -8.13
N ARG B 46 29.42 -37.21 -7.09
CA ARG B 46 30.09 -37.93 -6.01
C ARG B 46 30.74 -39.22 -6.51
N PHE B 47 29.98 -40.01 -7.28
CA PHE B 47 30.53 -41.25 -7.81
C PHE B 47 31.69 -40.99 -8.77
N ILE B 48 31.56 -39.99 -9.63
CA ILE B 48 32.65 -39.62 -10.54
C ILE B 48 33.91 -39.20 -9.80
N TYR B 49 33.75 -38.44 -8.71
CA TYR B 49 34.93 -37.92 -7.97
C TYR B 49 35.69 -39.04 -7.25
N ARG B 50 34.99 -40.05 -6.70
CA ARG B 50 35.66 -41.07 -5.91
C ARG B 50 36.03 -42.36 -6.65
N LEU B 51 35.13 -42.89 -7.47
CA LEU B 51 35.34 -44.17 -8.15
C LEU B 51 35.77 -43.99 -9.60
N ALA B 52 35.95 -42.75 -10.06
CA ALA B 52 36.30 -42.53 -11.46
C ALA B 52 37.38 -41.48 -11.64
N LEU B 53 38.18 -41.24 -10.59
CA LEU B 53 39.26 -40.26 -10.66
C LEU B 53 40.59 -40.88 -10.27
N THR B 54 41.65 -40.09 -10.30
CA THR B 54 42.97 -40.50 -9.84
C THR B 54 43.33 -39.69 -8.60
N GLU B 55 44.46 -40.04 -8.00
CA GLU B 55 44.84 -39.43 -6.73
C GLU B 55 45.27 -37.97 -6.87
N GLU B 56 45.38 -37.46 -8.08
CA GLU B 56 45.68 -36.05 -8.33
C GLU B 56 44.45 -35.24 -8.74
N GLN B 57 43.62 -35.80 -9.62
CA GLN B 57 42.34 -35.15 -9.95
C GLN B 57 41.44 -35.09 -8.74
N GLN B 58 41.44 -36.15 -7.92
CA GLN B 58 40.72 -36.08 -6.64
C GLN B 58 41.21 -34.91 -5.80
N LEU B 59 42.53 -34.81 -5.60
CA LEU B 59 43.08 -33.74 -4.78
C LEU B 59 42.72 -32.36 -5.33
N MET B 60 42.67 -32.22 -6.65
CA MET B 60 42.19 -30.98 -7.22
C MET B 60 40.72 -30.74 -6.87
N PHE B 61 39.91 -31.78 -6.98
CA PHE B 61 38.45 -31.63 -6.71
C PHE B 61 38.27 -31.08 -5.30
N GLU B 62 39.05 -31.61 -4.34
CA GLU B 62 38.96 -31.13 -2.93
C GLU B 62 39.28 -29.64 -2.93
N LYS B 63 40.36 -29.25 -3.61
CA LYS B 63 40.70 -27.80 -3.70
C LYS B 63 39.45 -26.99 -4.20
N LEU B 64 38.84 -27.45 -5.29
CA LEU B 64 37.63 -26.76 -5.81
C LEU B 64 36.54 -26.77 -4.73
N THR B 65 36.34 -27.91 -4.06
CA THR B 65 35.26 -28.02 -3.04
C THR B 65 35.39 -26.88 -2.01
N LEU B 66 36.44 -26.92 -1.19
CA LEU B 66 36.63 -25.90 -0.16
C LEU B 66 36.67 -24.49 -0.71
N TYR B 67 36.76 -24.32 -2.03
CA TYR B 67 36.60 -22.99 -2.62
C TYR B 67 35.13 -22.68 -2.87
N CYS B 68 34.41 -23.63 -3.46
CA CYS B 68 32.99 -23.43 -3.75
C CYS B 68 32.18 -23.24 -2.49
N ASP B 69 32.42 -24.03 -1.44
CA ASP B 69 31.65 -23.88 -0.21
C ASP B 69 31.92 -22.54 0.45
N SER B 70 33.18 -22.10 0.42
CA SER B 70 33.50 -20.78 0.97
C SER B 70 32.92 -19.65 0.13
N TYR B 71 32.59 -19.91 -1.13
CA TYR B 71 31.96 -18.89 -1.98
C TYR B 71 30.45 -19.11 -2.10
N ILE B 72 29.80 -19.54 -1.02
CA ILE B 72 28.35 -19.73 -0.97
C ILE B 72 27.76 -18.65 -0.08
N GLN B 73 26.82 -17.88 -0.62
CA GLN B 73 26.21 -16.76 0.10
C GLN B 73 24.70 -16.93 0.12
N LEU B 74 24.07 -16.49 1.21
CA LEU B 74 22.64 -16.68 1.41
C LEU B 74 21.86 -15.38 1.49
N ILE B 75 22.49 -14.29 1.93
CA ILE B 75 21.79 -13.01 2.02
C ILE B 75 21.27 -12.52 0.67
N PRO B 76 22.06 -12.55 -0.42
CA PRO B 76 21.52 -12.06 -1.70
C PRO B 76 20.34 -12.86 -2.20
N ILE B 77 20.41 -14.20 -2.15
CA ILE B 77 19.31 -15.02 -2.63
C ILE B 77 18.08 -14.81 -1.76
N SER B 78 18.27 -14.73 -0.44
CA SER B 78 17.14 -14.46 0.44
C SER B 78 16.50 -13.12 0.14
N PHE B 79 17.32 -12.09 -0.11
CA PHE B 79 16.78 -10.77 -0.43
C PHE B 79 15.98 -10.77 -1.72
N VAL B 80 16.58 -11.28 -2.79
CA VAL B 80 15.89 -11.24 -4.08
C VAL B 80 14.64 -12.10 -4.03
N LEU B 81 14.71 -13.24 -3.32
CA LEU B 81 13.54 -14.09 -3.21
C LEU B 81 12.43 -13.41 -2.43
N GLY B 82 12.76 -12.80 -1.30
CA GLY B 82 11.74 -12.14 -0.50
C GLY B 82 11.05 -11.02 -1.26
N PHE B 83 11.84 -10.14 -1.88
CA PHE B 83 11.23 -9.00 -2.57
C PHE B 83 10.45 -9.45 -3.80
N TYR B 84 11.02 -10.35 -4.60
CA TYR B 84 10.32 -10.82 -5.79
C TYR B 84 9.04 -11.55 -5.44
N VAL B 85 9.08 -12.42 -4.42
CA VAL B 85 7.88 -13.16 -4.03
C VAL B 85 6.84 -12.23 -3.44
N THR B 86 7.26 -11.20 -2.69
CA THR B 86 6.31 -10.23 -2.20
C THR B 86 5.59 -9.51 -3.33
N LEU B 87 6.35 -9.11 -4.37
CA LEU B 87 5.72 -8.48 -5.52
C LEU B 87 4.76 -9.43 -6.22
N VAL B 88 5.15 -10.70 -6.36
CA VAL B 88 4.31 -11.68 -7.04
C VAL B 88 3.01 -11.89 -6.25
N VAL B 89 3.11 -11.98 -4.92
CA VAL B 89 1.91 -12.19 -4.10
C VAL B 89 1.00 -10.98 -4.17
N THR B 90 1.57 -9.77 -4.14
CA THR B 90 0.76 -8.57 -4.26
C THR B 90 0.00 -8.55 -5.59
N ARG B 91 0.69 -8.89 -6.68
CA ARG B 91 0.03 -8.91 -7.98
C ARG B 91 -1.01 -10.01 -8.07
N TRP B 92 -0.75 -11.15 -7.41
CA TRP B 92 -1.70 -12.25 -7.39
C TRP B 92 -2.99 -11.86 -6.70
N TRP B 93 -2.88 -11.21 -5.55
CA TRP B 93 -4.09 -10.77 -4.85
C TRP B 93 -4.80 -9.66 -5.60
N ASN B 94 -4.05 -8.77 -6.25
CA ASN B 94 -4.68 -7.74 -7.07
C ASN B 94 -5.44 -8.36 -8.23
N GLN B 95 -4.85 -9.38 -8.87
CA GLN B 95 -5.53 -10.07 -9.97
C GLN B 95 -6.81 -10.73 -9.49
N TYR B 96 -6.79 -11.31 -8.30
CA TYR B 96 -8.04 -11.83 -7.75
C TYR B 96 -9.05 -10.72 -7.50
N GLU B 97 -8.58 -9.60 -6.94
CA GLU B 97 -9.47 -8.49 -6.63
C GLU B 97 -10.08 -7.88 -7.89
N ASN B 98 -9.47 -8.09 -9.05
CA ASN B 98 -10.00 -7.59 -10.30
C ASN B 98 -10.90 -8.58 -11.02
N LEU B 99 -11.19 -9.71 -10.40
CA LEU B 99 -12.16 -10.65 -10.97
C LEU B 99 -13.56 -10.06 -10.86
N PRO B 100 -14.30 -9.95 -11.96
CA PRO B 100 -15.60 -9.26 -11.92
C PRO B 100 -16.69 -10.13 -11.29
N TRP B 101 -17.43 -9.55 -10.35
CA TRP B 101 -18.57 -10.21 -9.72
C TRP B 101 -19.82 -9.41 -10.06
N PRO B 102 -20.82 -10.02 -10.70
CA PRO B 102 -21.98 -9.25 -11.17
C PRO B 102 -23.05 -9.04 -10.10
N ASP B 103 -22.73 -9.18 -8.83
CA ASP B 103 -23.76 -9.17 -7.79
C ASP B 103 -24.41 -7.79 -7.65
N ARG B 104 -23.60 -6.74 -7.53
CA ARG B 104 -24.16 -5.39 -7.41
C ARG B 104 -24.97 -5.03 -8.64
N LEU B 105 -24.43 -5.32 -9.82
CA LEU B 105 -25.12 -4.99 -11.06
C LEU B 105 -26.43 -5.77 -11.18
N MET B 106 -26.44 -7.04 -10.78
CA MET B 106 -27.64 -7.85 -10.91
C MET B 106 -28.70 -7.39 -9.92
N SER B 107 -28.31 -7.00 -8.70
CA SER B 107 -29.28 -6.45 -7.77
C SER B 107 -29.88 -5.16 -8.31
N LEU B 108 -29.05 -4.29 -8.87
CA LEU B 108 -29.56 -3.04 -9.45
C LEU B 108 -30.47 -3.31 -10.63
N VAL B 109 -30.10 -4.26 -11.50
CA VAL B 109 -30.92 -4.58 -12.67
C VAL B 109 -32.28 -5.11 -12.23
N SER B 110 -32.27 -6.07 -11.28
CA SER B 110 -33.52 -6.64 -10.80
C SER B 110 -34.41 -5.59 -10.17
N GLY B 111 -33.83 -4.68 -9.38
CA GLY B 111 -34.63 -3.62 -8.79
C GLY B 111 -35.16 -2.64 -9.82
N PHE B 112 -34.33 -2.20 -10.75
CA PHE B 112 -34.63 -1.04 -11.59
C PHE B 112 -35.43 -1.38 -12.83
N VAL B 113 -35.03 -2.42 -13.57
CA VAL B 113 -35.69 -2.69 -14.85
C VAL B 113 -37.06 -3.30 -14.57
N GLU B 114 -38.10 -2.51 -14.76
CA GLU B 114 -39.45 -2.92 -14.40
C GLU B 114 -40.07 -3.80 -15.48
N GLY B 115 -41.12 -4.51 -15.09
CA GLY B 115 -41.83 -5.37 -16.02
C GLY B 115 -41.76 -6.84 -15.65
N LYS B 116 -42.89 -7.41 -15.24
CA LYS B 116 -42.99 -8.83 -14.96
C LYS B 116 -43.39 -9.63 -16.20
N ASP B 117 -43.50 -8.98 -17.35
CA ASP B 117 -43.94 -9.64 -18.57
C ASP B 117 -42.73 -10.15 -19.36
N GLU B 118 -43.00 -10.67 -20.56
CA GLU B 118 -41.94 -11.27 -21.37
C GLU B 118 -40.91 -10.24 -21.77
N GLN B 119 -41.34 -9.03 -22.13
CA GLN B 119 -40.39 -8.00 -22.54
C GLN B 119 -39.46 -7.60 -21.39
N GLY B 120 -40.02 -7.44 -20.20
CA GLY B 120 -39.17 -7.12 -19.05
C GLY B 120 -38.22 -8.23 -18.70
N ARG B 121 -38.70 -9.48 -18.76
CA ARG B 121 -37.83 -10.63 -18.54
C ARG B 121 -36.68 -10.63 -19.54
N LEU B 122 -37.00 -10.44 -20.82
CA LEU B 122 -35.98 -10.44 -21.86
C LEU B 122 -34.97 -9.32 -21.63
N LEU B 123 -35.46 -8.14 -21.26
CA LEU B 123 -34.57 -7.00 -21.07
C LEU B 123 -33.60 -7.24 -19.92
N ARG B 124 -34.12 -7.67 -18.77
CA ARG B 124 -33.25 -7.93 -17.62
C ARG B 124 -32.26 -9.03 -17.91
N ARG B 125 -32.73 -10.13 -18.51
CA ARG B 125 -31.84 -11.24 -18.82
C ARG B 125 -30.77 -10.83 -19.82
N THR B 126 -31.13 -10.03 -20.81
CA THR B 126 -30.16 -9.59 -21.81
C THR B 126 -29.10 -8.68 -21.21
N LEU B 127 -29.51 -7.78 -20.31
CA LEU B 127 -28.52 -6.92 -19.66
C LEU B 127 -27.53 -7.74 -18.83
N ILE B 128 -28.06 -8.62 -17.97
CA ILE B 128 -27.14 -9.39 -17.13
C ILE B 128 -26.32 -10.37 -17.97
N ARG B 129 -26.87 -10.82 -19.10
CA ARG B 129 -26.13 -11.72 -19.97
C ARG B 129 -25.04 -10.98 -20.75
N TYR B 130 -25.27 -9.70 -21.08
CA TYR B 130 -24.19 -8.88 -21.63
C TYR B 130 -23.05 -8.75 -20.63
N ALA B 131 -23.39 -8.51 -19.36
CA ALA B 131 -22.35 -8.43 -18.34
C ALA B 131 -21.57 -9.75 -18.25
N ASN B 132 -22.29 -10.87 -18.20
CA ASN B 132 -21.64 -12.17 -18.11
C ASN B 132 -20.82 -12.47 -19.36
N LEU B 133 -21.29 -12.03 -20.52
CA LEU B 133 -20.56 -12.24 -21.76
C LEU B 133 -19.24 -11.49 -21.78
N GLY B 134 -19.26 -10.22 -21.33
CA GLY B 134 -18.01 -9.49 -21.22
C GLY B 134 -17.04 -10.15 -20.26
N ASN B 135 -17.55 -10.58 -19.10
CA ASN B 135 -16.70 -11.26 -18.13
C ASN B 135 -16.09 -12.53 -18.71
N VAL B 136 -16.90 -13.34 -19.41
CA VAL B 136 -16.39 -14.59 -19.95
C VAL B 136 -15.44 -14.33 -21.11
N LEU B 137 -15.64 -13.24 -21.86
CA LEU B 137 -14.70 -12.91 -22.93
C LEU B 137 -13.32 -12.60 -22.37
N ILE B 138 -13.26 -11.72 -21.37
CA ILE B 138 -11.96 -11.39 -20.80
C ILE B 138 -11.35 -12.62 -20.10
N LEU B 139 -12.19 -13.43 -19.48
CA LEU B 139 -11.67 -14.60 -18.77
C LEU B 139 -11.12 -15.64 -19.73
N ARG B 140 -11.78 -15.86 -20.88
CA ARG B 140 -11.24 -16.78 -21.86
C ARG B 140 -10.03 -16.19 -22.57
N SER B 141 -9.88 -14.86 -22.54
CA SER B 141 -8.65 -14.27 -23.07
C SER B 141 -7.48 -14.47 -22.12
N VAL B 142 -7.71 -14.45 -20.80
CA VAL B 142 -6.61 -14.43 -19.84
C VAL B 142 -6.42 -15.74 -19.09
N SER B 143 -7.31 -16.72 -19.22
CA SER B 143 -7.25 -17.93 -18.41
C SER B 143 -7.25 -19.16 -19.30
N THR B 144 -6.25 -20.04 -19.08
CA THR B 144 -6.10 -21.22 -19.92
C THR B 144 -7.25 -22.19 -19.75
N ALA B 145 -7.74 -22.38 -18.52
CA ALA B 145 -8.87 -23.28 -18.30
C ALA B 145 -10.12 -22.79 -19.00
N VAL B 146 -10.41 -21.49 -18.90
CA VAL B 146 -11.59 -20.95 -19.56
C VAL B 146 -11.43 -21.01 -21.07
N TYR B 147 -10.20 -20.82 -21.56
CA TYR B 147 -9.98 -20.93 -23.01
C TYR B 147 -10.21 -22.37 -23.48
N LYS B 148 -9.73 -23.35 -22.71
CA LYS B 148 -9.95 -24.74 -23.10
C LYS B 148 -11.44 -25.10 -23.03
N ARG B 149 -12.18 -24.46 -22.13
CA ARG B 149 -13.62 -24.68 -22.10
C ARG B 149 -14.31 -24.04 -23.29
N PHE B 150 -13.89 -22.82 -23.67
CA PHE B 150 -14.49 -22.08 -24.78
C PHE B 150 -13.39 -21.68 -25.75
N PRO B 151 -12.90 -22.62 -26.56
CA PRO B 151 -11.82 -22.29 -27.50
C PRO B 151 -12.24 -21.40 -28.65
N SER B 152 -13.52 -21.12 -28.83
CA SER B 152 -13.95 -20.28 -29.93
C SER B 152 -15.28 -19.61 -29.58
N ALA B 153 -15.58 -18.54 -30.32
CA ALA B 153 -16.87 -17.86 -30.16
C ALA B 153 -18.02 -18.79 -30.52
N GLN B 154 -17.79 -19.75 -31.42
CA GLN B 154 -18.81 -20.75 -31.69
C GLN B 154 -19.05 -21.62 -30.46
N HIS B 155 -17.99 -21.96 -29.73
CA HIS B 155 -18.15 -22.67 -28.47
C HIS B 155 -18.92 -21.83 -27.47
N LEU B 156 -18.65 -20.52 -27.44
CA LEU B 156 -19.41 -19.64 -26.56
C LEU B 156 -20.90 -19.62 -26.93
N VAL B 157 -21.20 -19.62 -28.22
CA VAL B 157 -22.58 -19.64 -28.67
C VAL B 157 -23.26 -20.95 -28.27
N GLN B 158 -22.56 -22.08 -28.47
CA GLN B 158 -23.12 -23.37 -28.09
C GLN B 158 -23.30 -23.48 -26.58
N ALA B 159 -22.48 -22.79 -25.80
CA ALA B 159 -22.60 -22.82 -24.35
C ALA B 159 -23.73 -21.95 -23.83
N GLY B 160 -24.36 -21.15 -24.69
CA GLY B 160 -25.46 -20.30 -24.28
C GLY B 160 -25.05 -18.91 -23.83
N PHE B 161 -23.74 -18.63 -23.73
CA PHE B 161 -23.30 -17.30 -23.32
C PHE B 161 -23.59 -16.26 -24.39
N MET B 162 -23.48 -16.64 -25.66
CA MET B 162 -23.67 -15.72 -26.77
C MET B 162 -24.78 -16.22 -27.68
N THR B 163 -25.64 -15.32 -28.09
CA THR B 163 -26.66 -15.58 -29.09
C THR B 163 -26.02 -15.59 -30.48
N PRO B 164 -26.57 -16.37 -31.42
CA PRO B 164 -26.07 -16.27 -32.80
C PRO B 164 -26.14 -14.86 -33.37
N ALA B 165 -27.18 -14.09 -33.00
CA ALA B 165 -27.26 -12.70 -33.44
C ALA B 165 -26.10 -11.88 -32.87
N GLU B 166 -25.78 -12.10 -31.59
CA GLU B 166 -24.66 -11.40 -30.97
C GLU B 166 -23.34 -11.80 -31.62
N HIS B 167 -23.21 -13.08 -31.98
CA HIS B 167 -22.01 -13.54 -32.68
C HIS B 167 -21.87 -12.87 -34.04
N LYS B 168 -22.98 -12.76 -34.78
CA LYS B 168 -22.93 -12.07 -36.06
C LYS B 168 -22.57 -10.61 -35.88
N GLN B 169 -23.13 -9.95 -34.85
CA GLN B 169 -22.80 -8.56 -34.59
C GLN B 169 -21.32 -8.39 -34.25
N LEU B 170 -20.77 -9.30 -33.44
CA LEU B 170 -19.35 -9.23 -33.11
C LEU B 170 -18.49 -9.43 -34.36
N GLU B 171 -18.85 -10.39 -35.21
CA GLU B 171 -18.10 -10.61 -36.44
C GLU B 171 -18.15 -9.39 -37.35
N LYS B 172 -19.32 -8.73 -37.41
CA LYS B 172 -19.43 -7.51 -38.19
C LYS B 172 -18.56 -6.39 -37.62
N LEU B 173 -18.51 -6.29 -36.29
CA LEU B 173 -17.73 -5.24 -35.63
C LEU B 173 -16.24 -5.56 -35.56
N SER B 174 -15.84 -6.76 -35.96
CA SER B 174 -14.47 -7.26 -35.75
C SER B 174 -13.41 -6.21 -36.09
N LEU B 175 -12.59 -5.90 -35.10
CA LEU B 175 -11.39 -5.09 -35.19
C LEU B 175 -10.19 -5.96 -34.90
N PRO B 176 -8.98 -5.54 -35.32
CA PRO B 176 -7.77 -6.31 -35.01
C PRO B 176 -7.29 -6.15 -33.57
N HIS B 177 -8.23 -6.25 -32.63
CA HIS B 177 -7.94 -6.18 -31.21
C HIS B 177 -8.81 -7.18 -30.47
N ASN B 178 -8.61 -7.26 -29.16
CA ASN B 178 -9.49 -8.07 -28.33
C ASN B 178 -10.84 -7.38 -28.17
N MET B 179 -11.91 -8.08 -28.54
CA MET B 179 -13.25 -7.49 -28.61
C MET B 179 -14.03 -7.69 -27.32
N PHE B 180 -13.34 -7.79 -26.18
CA PHE B 180 -14.02 -7.99 -24.91
C PHE B 180 -14.75 -6.75 -24.44
N TRP B 181 -14.47 -5.58 -25.02
CA TRP B 181 -15.10 -4.33 -24.60
C TRP B 181 -16.49 -4.14 -25.20
N VAL B 182 -16.84 -4.92 -26.24
CA VAL B 182 -18.09 -4.69 -26.96
C VAL B 182 -19.33 -4.86 -26.07
N PRO B 183 -19.43 -5.88 -25.22
CA PRO B 183 -20.66 -6.02 -24.40
C PRO B 183 -20.93 -4.83 -23.50
N TRP B 184 -19.93 -4.06 -23.10
CA TRP B 184 -20.21 -2.89 -22.27
C TRP B 184 -20.90 -1.79 -23.06
N VAL B 185 -20.49 -1.57 -24.30
CA VAL B 185 -21.20 -0.63 -25.16
C VAL B 185 -22.61 -1.14 -25.45
N TRP B 186 -22.73 -2.46 -25.65
CA TRP B 186 -24.06 -3.04 -25.83
C TRP B 186 -24.94 -2.78 -24.61
N PHE B 187 -24.39 -2.97 -23.41
CA PHE B 187 -25.13 -2.74 -22.18
C PHE B 187 -25.55 -1.28 -22.06
N ALA B 188 -24.64 -0.36 -22.37
CA ALA B 188 -24.96 1.06 -22.28
C ALA B 188 -26.10 1.41 -23.23
N ASN B 189 -26.03 0.94 -24.48
CA ASN B 189 -27.06 1.26 -25.45
C ASN B 189 -28.39 0.62 -25.08
N LEU B 190 -28.37 -0.63 -24.59
CA LEU B 190 -29.60 -1.29 -24.20
C LEU B 190 -30.23 -0.62 -22.98
N SER B 191 -29.41 -0.17 -22.03
CA SER B 191 -29.95 0.54 -20.87
C SER B 191 -30.54 1.88 -21.27
N MET B 192 -29.90 2.58 -22.20
CA MET B 192 -30.48 3.83 -22.69
C MET B 192 -31.81 3.56 -23.39
N LYS B 193 -31.88 2.48 -24.17
CA LYS B 193 -33.13 2.10 -24.82
C LYS B 193 -34.21 1.78 -23.79
N ALA B 194 -33.84 1.08 -22.72
CA ALA B 194 -34.79 0.75 -21.67
C ALA B 194 -35.31 2.01 -20.99
N TRP B 195 -34.43 2.97 -20.72
CA TRP B 195 -34.87 4.23 -20.11
C TRP B 195 -35.79 5.00 -21.05
N LEU B 196 -35.45 5.07 -22.33
CA LEU B 196 -36.28 5.79 -23.28
C LEU B 196 -37.62 5.10 -23.49
N GLY B 197 -37.68 3.78 -23.32
CA GLY B 197 -38.91 3.04 -23.45
C GLY B 197 -39.76 2.96 -22.21
N GLY B 198 -39.33 3.57 -21.11
CA GLY B 198 -40.09 3.57 -19.88
C GLY B 198 -39.81 2.40 -18.95
N ARG B 199 -38.99 1.43 -19.38
CA ARG B 199 -38.71 0.29 -18.52
C ARG B 199 -37.85 0.68 -17.33
N ILE B 200 -36.98 1.68 -17.49
CA ILE B 200 -36.22 2.27 -16.39
C ILE B 200 -36.87 3.61 -16.08
N ARG B 201 -37.35 3.77 -14.85
CA ARG B 201 -38.19 4.91 -14.53
C ARG B 201 -37.41 6.20 -14.31
N ASP B 202 -36.11 6.15 -14.02
CA ASP B 202 -35.45 7.41 -13.76
C ASP B 202 -34.00 7.39 -14.22
N PRO B 203 -33.51 8.50 -14.77
CA PRO B 203 -32.11 8.55 -15.22
C PRO B 203 -31.11 8.40 -14.08
N ILE B 204 -31.49 8.63 -12.83
CA ILE B 204 -30.57 8.34 -11.74
C ILE B 204 -30.37 6.83 -11.60
N LEU B 205 -31.45 6.06 -11.79
CA LEU B 205 -31.32 4.61 -11.82
C LEU B 205 -30.49 4.17 -13.02
N LEU B 206 -30.69 4.83 -14.16
CA LEU B 206 -29.85 4.55 -15.32
C LEU B 206 -28.37 4.79 -15.01
N GLN B 207 -28.07 5.90 -14.32
CA GLN B 207 -26.69 6.21 -13.96
C GLN B 207 -26.12 5.19 -13.00
N SER B 208 -26.92 4.73 -12.03
CA SER B 208 -26.44 3.71 -11.11
C SER B 208 -26.09 2.42 -11.85
N LEU B 209 -26.97 2.01 -12.77
CA LEU B 209 -26.70 0.81 -13.57
C LEU B 209 -25.41 0.96 -14.36
N LEU B 210 -25.22 2.12 -14.99
CA LEU B 210 -24.02 2.32 -15.80
C LEU B 210 -22.78 2.43 -14.94
N ASN B 211 -22.89 2.95 -13.72
CA ASN B 211 -21.75 2.99 -12.81
C ASN B 211 -21.31 1.58 -12.43
N GLU B 212 -22.27 0.70 -12.12
CA GLU B 212 -21.90 -0.68 -11.82
C GLU B 212 -21.27 -1.36 -13.04
N MET B 213 -21.86 -1.19 -14.20
CA MET B 213 -21.27 -1.78 -15.41
C MET B 213 -19.85 -1.21 -15.65
N ASN B 214 -19.61 0.08 -15.42
CA ASN B 214 -18.29 0.64 -15.63
C ASN B 214 -17.28 0.12 -14.61
N THR B 215 -17.72 -0.15 -13.37
CA THR B 215 -16.85 -0.81 -12.41
C THR B 215 -16.44 -2.19 -12.90
N LEU B 216 -17.40 -2.94 -13.45
CA LEU B 216 -17.07 -4.24 -14.03
C LEU B 216 -16.09 -4.09 -15.19
N ARG B 217 -16.30 -3.07 -16.03
CA ARG B 217 -15.39 -2.83 -17.16
C ARG B 217 -13.99 -2.52 -16.68
N THR B 218 -13.86 -1.71 -15.62
CA THR B 218 -12.54 -1.40 -15.08
C THR B 218 -11.87 -2.66 -14.54
N GLN B 219 -12.62 -3.52 -13.86
CA GLN B 219 -12.05 -4.77 -13.38
C GLN B 219 -11.55 -5.64 -14.53
N CYS B 220 -12.34 -5.76 -15.59
CA CYS B 220 -11.93 -6.57 -16.73
C CYS B 220 -10.71 -5.96 -17.43
N GLY B 221 -10.66 -4.63 -17.53
CA GLY B 221 -9.49 -3.99 -18.09
C GLY B 221 -8.24 -4.23 -17.27
N HIS B 222 -8.38 -4.22 -15.95
CA HIS B 222 -7.25 -4.54 -15.09
C HIS B 222 -6.80 -5.99 -15.26
N LEU B 223 -7.75 -6.91 -15.43
CA LEU B 223 -7.38 -8.29 -15.71
C LEU B 223 -6.60 -8.42 -17.02
N TYR B 224 -7.07 -7.73 -18.06
CA TYR B 224 -6.34 -7.72 -19.33
C TYR B 224 -4.96 -7.11 -19.16
N ALA B 225 -4.85 -6.05 -18.36
CA ALA B 225 -3.57 -5.40 -18.12
C ALA B 225 -2.60 -6.34 -17.42
N TYR B 226 -3.08 -7.08 -16.42
CA TYR B 226 -2.20 -8.01 -15.71
C TYR B 226 -1.79 -9.17 -16.61
N ASP B 227 -2.67 -9.60 -17.51
CA ASP B 227 -2.30 -10.63 -18.47
C ASP B 227 -1.24 -10.13 -19.44
N TRP B 228 -1.37 -8.87 -19.88
CA TRP B 228 -0.50 -8.35 -20.93
C TRP B 228 0.86 -7.92 -20.38
N ILE B 229 0.86 -7.00 -19.40
CA ILE B 229 2.09 -6.46 -18.84
C ILE B 229 2.58 -7.46 -17.79
N SER B 230 3.51 -8.31 -18.18
CA SER B 230 4.08 -9.28 -17.25
C SER B 230 5.08 -8.60 -16.32
N ILE B 231 5.46 -9.33 -15.27
CA ILE B 231 6.56 -8.92 -14.40
C ILE B 231 7.81 -8.85 -15.26
N PRO B 232 8.68 -7.85 -15.07
CA PRO B 232 9.88 -7.74 -15.90
C PRO B 232 10.68 -9.04 -16.05
N LEU B 233 10.88 -9.42 -17.31
CA LEU B 233 11.63 -10.64 -17.60
C LEU B 233 13.04 -10.56 -17.04
N VAL B 234 13.62 -9.36 -16.99
CA VAL B 234 14.94 -9.20 -16.41
C VAL B 234 14.92 -9.55 -14.92
N TYR B 235 13.89 -9.11 -14.20
CA TYR B 235 13.78 -9.40 -12.77
C TYR B 235 13.58 -10.90 -12.54
N THR B 236 12.68 -11.51 -13.33
CA THR B 236 12.47 -12.95 -13.20
C THR B 236 13.74 -13.73 -13.49
N GLN B 237 14.47 -13.32 -14.53
CA GLN B 237 15.72 -13.98 -14.88
C GLN B 237 16.76 -13.78 -13.79
N VAL B 238 16.79 -12.62 -13.16
CA VAL B 238 17.75 -12.36 -12.09
C VAL B 238 17.49 -13.29 -10.91
N VAL B 239 16.23 -13.42 -10.50
CA VAL B 239 15.94 -14.28 -9.35
C VAL B 239 16.21 -15.75 -9.69
N THR B 240 15.86 -16.16 -10.92
CA THR B 240 16.15 -17.53 -11.33
C THR B 240 17.66 -17.79 -11.38
N VAL B 241 18.42 -16.83 -11.88
CA VAL B 241 19.87 -16.98 -11.95
C VAL B 241 20.45 -17.09 -10.54
N ALA B 242 19.98 -16.27 -9.61
CA ALA B 242 20.45 -16.36 -8.23
C ALA B 242 20.21 -17.75 -7.67
N VAL B 243 18.97 -18.24 -7.75
CA VAL B 243 18.65 -19.53 -7.14
C VAL B 243 19.44 -20.66 -7.80
N TYR B 244 19.48 -20.68 -9.14
CA TYR B 244 20.10 -21.81 -9.83
C TYR B 244 21.62 -21.75 -9.74
N SER B 245 22.21 -20.57 -9.70
CA SER B 245 23.64 -20.47 -9.44
C SER B 245 23.97 -20.98 -8.06
N PHE B 246 23.16 -20.62 -7.05
CA PHE B 246 23.38 -21.15 -5.72
C PHE B 246 23.37 -22.67 -5.72
N PHE B 247 22.35 -23.27 -6.33
CA PHE B 247 22.21 -24.72 -6.27
C PHE B 247 23.06 -25.45 -7.31
N LEU B 248 23.73 -24.74 -8.20
CA LEU B 248 24.73 -25.35 -9.06
C LEU B 248 26.11 -25.34 -8.41
N THR B 249 26.45 -24.27 -7.68
CA THR B 249 27.71 -24.28 -6.94
C THR B 249 27.63 -25.17 -5.71
N CYS B 250 26.42 -25.35 -5.14
CA CYS B 250 26.26 -26.29 -4.04
C CYS B 250 26.62 -27.72 -4.45
N LEU B 251 26.44 -28.04 -5.74
CA LEU B 251 26.73 -29.39 -6.22
C LEU B 251 28.18 -29.77 -5.98
N VAL B 252 29.09 -28.80 -6.02
CA VAL B 252 30.51 -29.06 -5.80
C VAL B 252 30.88 -28.72 -4.37
N GLY B 253 30.31 -27.62 -3.84
CA GLY B 253 30.68 -27.19 -2.50
C GLY B 253 30.26 -28.16 -1.42
N ARG B 254 29.12 -28.82 -1.59
CA ARG B 254 28.56 -29.68 -0.57
C ARG B 254 28.94 -31.15 -0.74
N GLN B 255 29.95 -31.44 -1.57
CA GLN B 255 30.39 -32.81 -1.72
C GLN B 255 31.06 -33.30 -0.44
N PHE B 256 30.84 -34.57 -0.12
CA PHE B 256 31.43 -35.19 1.06
C PHE B 256 32.83 -35.69 0.69
N LEU B 257 33.85 -34.91 1.00
CA LEU B 257 35.21 -35.34 0.78
C LEU B 257 35.55 -36.50 1.71
N ASN B 258 36.49 -37.33 1.27
CA ASN B 258 36.77 -38.58 1.98
C ASN B 258 37.29 -38.31 3.38
N PRO B 259 36.97 -39.15 4.37
CA PRO B 259 37.45 -38.91 5.73
C PRO B 259 38.95 -39.11 5.88
N ALA B 260 39.57 -39.90 4.99
CA ALA B 260 40.99 -40.22 5.14
C ALA B 260 41.84 -38.96 5.06
N LYS B 261 41.54 -38.08 4.11
CA LYS B 261 42.25 -36.82 4.02
C LYS B 261 41.87 -35.90 5.18
N ALA B 262 42.73 -34.92 5.45
CA ALA B 262 42.58 -34.04 6.60
C ALA B 262 41.98 -32.71 6.14
N TYR B 263 40.75 -32.44 6.56
CA TYR B 263 40.07 -31.19 6.23
C TYR B 263 39.16 -30.75 7.36
N PRO B 264 39.25 -29.51 7.80
CA PRO B 264 38.27 -28.99 8.76
C PRO B 264 36.87 -28.97 8.14
N GLY B 265 35.87 -29.34 8.93
CA GLY B 265 34.52 -29.40 8.44
C GLY B 265 34.18 -30.70 7.75
N HIS B 266 35.15 -31.27 7.03
CA HIS B 266 35.00 -32.56 6.36
C HIS B 266 35.85 -33.56 7.13
N GLU B 267 35.26 -34.16 8.16
CA GLU B 267 35.95 -35.13 8.99
C GLU B 267 35.25 -36.48 9.06
N LEU B 268 34.00 -36.57 8.64
CA LEU B 268 33.27 -37.83 8.59
C LEU B 268 32.53 -37.88 7.26
N ASP B 269 31.80 -38.97 7.03
CA ASP B 269 31.10 -39.18 5.76
C ASP B 269 29.66 -39.56 6.07
N LEU B 270 28.74 -38.61 5.92
CA LEU B 270 27.33 -38.84 6.19
C LEU B 270 26.52 -39.23 4.95
N VAL B 271 27.18 -39.39 3.80
CA VAL B 271 26.54 -39.82 2.56
C VAL B 271 25.51 -38.80 2.09
N VAL B 272 24.40 -38.69 2.81
CA VAL B 272 23.28 -37.85 2.40
C VAL B 272 23.50 -36.44 2.97
N PRO B 273 23.56 -35.40 2.13
CA PRO B 273 23.64 -34.00 2.63
C PRO B 273 22.27 -33.44 2.99
N VAL B 274 21.84 -33.76 4.22
CA VAL B 274 20.48 -33.43 4.64
C VAL B 274 20.30 -31.92 4.75
N PHE B 275 21.34 -31.20 5.16
CA PHE B 275 21.23 -29.74 5.29
C PHE B 275 21.14 -29.08 3.93
N THR B 276 21.92 -29.56 2.96
CA THR B 276 21.80 -29.05 1.60
C THR B 276 20.43 -29.36 1.02
N PHE B 277 19.88 -30.54 1.32
CA PHE B 277 18.55 -30.87 0.82
C PHE B 277 17.48 -30.00 1.47
N LEU B 278 17.63 -29.70 2.76
CA LEU B 278 16.69 -28.80 3.43
C LEU B 278 16.76 -27.40 2.84
N GLN B 279 17.98 -26.92 2.57
CA GLN B 279 18.13 -25.62 1.91
C GLN B 279 17.51 -25.62 0.52
N PHE B 280 17.69 -26.73 -0.22
CA PHE B 280 17.07 -26.84 -1.53
C PHE B 280 15.55 -26.76 -1.43
N PHE B 281 14.97 -27.52 -0.51
CA PHE B 281 13.53 -27.47 -0.32
C PHE B 281 13.09 -26.04 -0.01
N PHE B 282 13.75 -25.40 0.96
CA PHE B 282 13.33 -24.06 1.37
C PHE B 282 13.40 -23.07 0.22
N TYR B 283 14.56 -22.97 -0.45
CA TYR B 283 14.74 -21.93 -1.46
C TYR B 283 13.97 -22.23 -2.73
N VAL B 284 14.01 -23.47 -3.21
CA VAL B 284 13.26 -23.78 -4.42
C VAL B 284 11.76 -23.71 -4.18
N GLY B 285 11.28 -24.01 -2.97
CA GLY B 285 9.88 -23.78 -2.67
C GLY B 285 9.52 -22.31 -2.61
N TRP B 286 10.41 -21.49 -2.05
CA TRP B 286 10.19 -20.05 -2.07
C TRP B 286 10.09 -19.54 -3.51
N LEU B 287 10.93 -20.06 -4.40
CA LEU B 287 10.85 -19.68 -5.80
C LEU B 287 9.59 -20.25 -6.46
N LYS B 288 9.17 -21.45 -6.06
CA LYS B 288 7.98 -22.07 -6.65
C LYS B 288 6.71 -21.34 -6.24
N VAL B 289 6.74 -20.64 -5.11
CA VAL B 289 5.61 -19.76 -4.77
C VAL B 289 5.39 -18.74 -5.88
N ALA B 290 6.47 -18.07 -6.30
CA ALA B 290 6.37 -17.11 -7.39
C ALA B 290 6.08 -17.80 -8.71
N GLU B 291 6.66 -18.98 -8.93
CA GLU B 291 6.43 -19.71 -10.18
C GLU B 291 4.96 -20.09 -10.34
N GLN B 292 4.27 -20.39 -9.25
CA GLN B 292 2.86 -20.74 -9.29
C GLN B 292 1.95 -19.52 -9.30
N LEU B 293 2.32 -18.46 -8.58
CA LEU B 293 1.45 -17.29 -8.49
C LEU B 293 1.70 -16.26 -9.58
N ILE B 294 2.72 -16.45 -10.43
CA ILE B 294 3.02 -15.45 -11.44
C ILE B 294 1.90 -15.35 -12.46
N ASN B 295 1.26 -16.48 -12.78
CA ASN B 295 0.03 -16.52 -13.56
C ASN B 295 -1.01 -17.26 -12.74
N PRO B 296 -1.87 -16.55 -12.02
CA PRO B 296 -2.86 -17.23 -11.17
C PRO B 296 -4.05 -17.74 -11.95
N PHE B 297 -3.99 -17.66 -13.28
CA PHE B 297 -5.07 -18.08 -14.14
C PHE B 297 -4.70 -19.31 -14.98
N GLY B 298 -3.63 -20.01 -14.60
CA GLY B 298 -3.26 -21.26 -15.23
C GLY B 298 -4.07 -22.41 -14.69
N GLU B 299 -3.45 -23.58 -14.64
CA GLU B 299 -4.10 -24.80 -14.17
C GLU B 299 -3.35 -25.42 -13.00
N ASP B 300 -2.67 -24.60 -12.21
CA ASP B 300 -2.05 -25.09 -10.99
C ASP B 300 -3.13 -25.40 -9.95
N ASP B 301 -2.73 -26.15 -8.92
CA ASP B 301 -3.67 -26.50 -7.86
C ASP B 301 -4.10 -25.28 -7.06
N ASP B 302 -3.26 -24.25 -7.00
CA ASP B 302 -3.57 -23.06 -6.17
C ASP B 302 -4.02 -21.88 -7.05
N ASP B 303 -4.33 -22.15 -8.33
CA ASP B 303 -4.79 -21.10 -9.22
C ASP B 303 -6.31 -20.95 -9.11
N PHE B 304 -6.81 -19.82 -9.62
CA PHE B 304 -8.20 -19.47 -9.43
C PHE B 304 -9.13 -20.42 -10.19
N GLU B 305 -10.28 -20.73 -9.59
CA GLU B 305 -11.28 -21.59 -10.21
C GLU B 305 -12.19 -20.74 -11.09
N THR B 306 -11.63 -20.29 -12.21
CA THR B 306 -12.32 -19.35 -13.08
C THR B 306 -13.55 -19.99 -13.72
N ASN B 307 -13.48 -21.27 -14.06
CA ASN B 307 -14.64 -21.95 -14.64
C ASN B 307 -15.81 -21.98 -13.67
N TRP B 308 -15.52 -22.33 -12.40
CA TRP B 308 -16.57 -22.32 -11.39
C TRP B 308 -17.11 -20.91 -11.19
N ILE B 309 -16.22 -19.91 -11.19
CA ILE B 309 -16.67 -18.53 -11.03
C ILE B 309 -17.62 -18.15 -12.16
N VAL B 310 -17.28 -18.53 -13.39
CA VAL B 310 -18.11 -18.23 -14.54
C VAL B 310 -19.49 -18.88 -14.40
N ASP B 311 -19.51 -20.18 -14.07
CA ASP B 311 -20.78 -20.89 -13.95
C ASP B 311 -21.65 -20.31 -12.84
N ARG B 312 -21.04 -20.05 -11.68
CA ARG B 312 -21.79 -19.49 -10.56
C ARG B 312 -22.32 -18.11 -10.89
N ASN B 313 -21.50 -17.28 -11.53
CA ASN B 313 -21.94 -15.94 -11.90
C ASN B 313 -23.13 -16.00 -12.85
N LEU B 314 -23.06 -16.86 -13.86
CA LEU B 314 -24.17 -16.98 -14.80
C LEU B 314 -25.45 -17.41 -14.09
N GLN B 315 -25.37 -18.50 -13.32
CA GLN B 315 -26.57 -19.01 -12.66
C GLN B 315 -27.16 -17.99 -11.70
N VAL B 316 -26.31 -17.42 -10.83
CA VAL B 316 -26.79 -16.52 -9.79
C VAL B 316 -27.37 -15.25 -10.40
N SER B 317 -26.68 -14.67 -11.40
CA SER B 317 -27.16 -13.45 -12.02
C SER B 317 -28.47 -13.67 -12.75
N LEU B 318 -28.59 -14.78 -13.50
CA LEU B 318 -29.83 -15.06 -14.20
C LEU B 318 -30.98 -15.24 -13.21
N LEU B 319 -30.75 -16.00 -12.13
CA LEU B 319 -31.79 -16.20 -11.13
C LEU B 319 -32.21 -14.88 -10.50
N ALA B 320 -31.23 -14.05 -10.14
CA ALA B 320 -31.52 -12.79 -9.47
C ALA B 320 -32.32 -11.86 -10.37
N VAL B 321 -31.96 -11.78 -11.65
CA VAL B 321 -32.65 -10.83 -12.51
C VAL B 321 -33.97 -11.36 -13.05
N ASP B 322 -34.19 -12.67 -13.05
CA ASP B 322 -35.41 -13.23 -13.62
C ASP B 322 -36.40 -13.69 -12.56
N GLU B 323 -36.01 -14.60 -11.67
CA GLU B 323 -36.96 -15.18 -10.74
C GLU B 323 -37.12 -14.37 -9.46
N MET B 324 -36.10 -13.61 -9.06
CA MET B 324 -36.16 -12.82 -7.84
C MET B 324 -36.62 -11.39 -8.08
N HIS B 325 -36.98 -11.04 -9.31
CA HIS B 325 -37.45 -9.69 -9.59
C HIS B 325 -38.85 -9.49 -9.02
N GLN B 326 -38.97 -8.56 -8.06
CA GLN B 326 -40.23 -8.26 -7.40
C GLN B 326 -40.85 -9.50 -6.78
N ASP B 327 -40.00 -10.43 -6.32
CA ASP B 327 -40.42 -11.67 -5.67
C ASP B 327 -39.84 -11.63 -4.26
N LEU B 328 -40.61 -11.07 -3.32
CA LEU B 328 -40.13 -10.88 -1.97
C LEU B 328 -40.85 -11.78 -0.99
N PRO B 329 -40.18 -12.22 0.07
CA PRO B 329 -40.89 -12.92 1.15
C PRO B 329 -41.86 -11.97 1.83
N ARG B 330 -42.94 -12.55 2.37
CA ARG B 330 -44.00 -11.75 2.97
C ARG B 330 -43.45 -10.91 4.11
N MET B 331 -43.83 -9.63 4.13
CA MET B 331 -43.36 -8.69 5.14
C MET B 331 -44.29 -8.79 6.36
N GLU B 332 -43.78 -9.35 7.44
CA GLU B 332 -44.49 -9.50 8.70
C GLU B 332 -43.59 -9.09 9.84
N PRO B 333 -44.17 -8.67 10.97
CA PRO B 333 -43.34 -8.27 12.11
C PRO B 333 -42.46 -9.41 12.59
N ASP B 334 -41.24 -9.05 13.01
CA ASP B 334 -40.23 -10.03 13.36
C ASP B 334 -40.37 -10.46 14.82
N MET B 335 -39.40 -11.24 15.29
CA MET B 335 -39.43 -11.75 16.66
C MET B 335 -39.28 -10.64 17.69
N TYR B 336 -38.55 -9.59 17.35
CA TYR B 336 -38.27 -8.47 18.25
C TYR B 336 -39.09 -7.24 17.91
N TRP B 337 -40.36 -7.44 17.55
CA TRP B 337 -41.19 -6.34 17.06
C TRP B 337 -41.31 -5.23 18.10
N ASN B 338 -41.54 -5.59 19.36
CA ASN B 338 -41.67 -4.62 20.44
C ASN B 338 -40.62 -4.86 21.51
N LYS B 339 -39.44 -5.30 21.11
CA LYS B 339 -38.33 -5.53 22.04
C LYS B 339 -37.29 -4.45 21.85
N PRO B 340 -37.14 -3.51 22.79
CA PRO B 340 -36.14 -2.43 22.61
C PRO B 340 -34.71 -2.93 22.50
N GLU B 341 -34.37 -4.02 23.17
CA GLU B 341 -33.00 -4.54 23.20
C GLU B 341 -33.04 -6.02 22.85
N PRO B 342 -33.08 -6.36 21.56
CA PRO B 342 -33.11 -7.77 21.16
C PRO B 342 -31.85 -8.50 21.60
N GLN B 343 -32.02 -9.76 21.97
CA GLN B 343 -30.91 -10.60 22.43
C GLN B 343 -31.09 -12.02 21.90
N PRO B 344 -30.55 -12.31 20.72
CA PRO B 344 -30.62 -13.66 20.17
C PRO B 344 -29.92 -14.65 21.08
N PRO B 345 -30.43 -15.88 21.19
CA PRO B 345 -29.85 -16.84 22.12
C PRO B 345 -28.51 -17.38 21.61
N TYR B 346 -27.78 -18.00 22.54
CA TYR B 346 -26.53 -18.67 22.24
C TYR B 346 -26.72 -20.18 22.44
N THR B 347 -26.08 -20.97 21.58
CA THR B 347 -26.11 -22.41 21.76
C THR B 347 -25.13 -22.81 22.87
N ALA B 348 -25.20 -24.09 23.25
CA ALA B 348 -24.28 -24.60 24.26
C ALA B 348 -22.84 -24.56 23.75
N ALA B 349 -22.65 -24.78 22.45
CA ALA B 349 -21.30 -24.77 21.89
C ALA B 349 -20.76 -23.36 21.71
N SER B 350 -21.60 -22.33 21.80
CA SER B 350 -21.17 -20.96 21.58
C SER B 350 -21.40 -20.05 22.78
N ALA B 351 -21.88 -20.58 23.91
CA ALA B 351 -22.16 -19.73 25.06
C ALA B 351 -20.90 -19.03 25.57
N GLN B 352 -19.73 -19.62 25.36
CA GLN B 352 -18.49 -19.00 25.82
C GLN B 352 -18.08 -17.80 24.97
N PHE B 353 -18.70 -17.60 23.80
CA PHE B 353 -18.36 -16.49 22.92
C PHE B 353 -19.19 -15.24 23.22
N ARG B 354 -20.04 -15.28 24.24
CA ARG B 354 -20.79 -14.10 24.64
C ARG B 354 -19.86 -13.18 25.42
N ARG B 355 -19.68 -11.96 24.91
CA ARG B 355 -18.71 -11.02 25.48
C ARG B 355 -19.39 -9.70 25.77
N ALA B 356 -18.87 -9.01 26.78
CA ALA B 356 -19.32 -7.65 27.08
C ALA B 356 -18.78 -6.69 26.03
N SER B 357 -19.52 -5.61 25.82
CA SER B 357 -19.14 -4.63 24.80
C SER B 357 -17.88 -3.89 25.22
N PHE B 358 -17.03 -3.60 24.25
CA PHE B 358 -15.85 -2.77 24.46
C PHE B 358 -16.24 -1.31 24.29
N MET B 359 -16.16 -0.55 25.37
CA MET B 359 -16.63 0.83 25.40
C MET B 359 -15.52 1.84 25.16
N GLY B 360 -14.31 1.39 24.86
CA GLY B 360 -13.20 2.30 24.65
C GLY B 360 -12.08 2.08 25.65
N SER B 361 -10.85 2.42 25.25
CA SER B 361 -9.71 2.20 26.13
C SER B 361 -9.66 3.15 27.30
N THR B 362 -10.40 4.26 27.22
CA THR B 362 -10.41 5.26 28.29
C THR B 362 -11.48 4.99 29.34
N PHE B 363 -12.23 3.91 29.20
CA PHE B 363 -13.38 3.67 30.07
C PHE B 363 -12.96 3.47 31.53
N ASN B 364 -11.85 2.77 31.75
CA ASN B 364 -11.43 2.39 33.10
C ASN B 364 -10.49 3.39 33.74
N ILE B 365 -10.30 4.56 33.13
CA ILE B 365 -9.45 5.59 33.72
C ILE B 365 -10.15 6.16 34.95
N SER B 366 -9.42 6.24 36.07
CA SER B 366 -9.95 6.73 37.32
C SER B 366 -9.41 8.12 37.60
N LEU B 367 -10.31 9.05 37.91
CA LEU B 367 -9.94 10.43 38.21
C LEU B 367 -10.58 10.85 39.53
N ASN B 368 -9.88 11.72 40.25
CA ASN B 368 -10.39 12.23 41.51
C ASN B 368 -11.48 13.26 41.27
N LYS B 369 -12.20 13.60 42.34
CA LYS B 369 -13.23 14.63 42.24
C LYS B 369 -12.64 15.97 41.88
N GLU B 370 -11.48 16.31 42.45
CA GLU B 370 -10.83 17.58 42.15
C GLU B 370 -10.31 17.59 40.70
N GLU B 371 -9.88 16.44 40.20
CA GLU B 371 -9.37 16.37 38.84
C GLU B 371 -10.47 16.64 37.80
N MET B 372 -11.68 16.16 38.07
CA MET B 372 -12.79 16.28 37.12
C MET B 372 -13.43 17.66 37.11
N GLU B 373 -13.07 18.55 38.03
CA GLU B 373 -13.71 19.86 38.11
C GLU B 373 -13.23 20.76 36.99
N PHE B 374 -14.17 21.39 36.30
CA PHE B 374 -13.84 22.31 35.23
C PHE B 374 -13.16 23.55 35.82
N GLN B 375 -12.06 23.96 35.20
CA GLN B 375 -11.34 25.14 35.66
C GLN B 375 -11.89 26.39 34.98
N PRO B 376 -11.84 27.55 35.65
CA PRO B 376 -12.29 28.81 35.07
C PRO B 376 -11.32 29.41 34.05
N THR C 1 2.17 16.21 19.75
CA THR C 1 2.86 16.31 18.46
C THR C 1 4.02 17.29 18.54
N ILE C 2 5.20 16.82 18.17
CA ILE C 2 6.41 17.65 18.10
C ILE C 2 6.70 17.90 16.63
N THR C 3 6.77 19.18 16.25
CA THR C 3 6.97 19.57 14.86
C THR C 3 8.36 20.15 14.67
N TYR C 4 9.09 19.64 13.68
CA TYR C 4 10.39 20.17 13.31
C TYR C 4 10.51 20.37 11.80
N THR C 5 9.37 20.54 11.12
CA THR C 5 9.37 20.66 9.66
C THR C 5 10.18 21.87 9.20
N SER C 6 10.02 23.00 9.89
CA SER C 6 10.81 24.19 9.56
C SER C 6 12.28 23.94 9.78
N GLN C 7 12.63 23.14 10.79
CA GLN C 7 14.04 22.84 11.04
C GLN C 7 14.62 21.93 9.96
N VAL C 8 13.81 21.03 9.40
CA VAL C 8 14.29 20.11 8.39
C VAL C 8 13.82 20.51 6.99
N ALA C 9 13.50 21.79 6.79
CA ALA C 9 13.07 22.27 5.47
C ALA C 9 14.13 22.00 4.41
N ASN C 10 15.39 22.28 4.72
CA ASN C 10 16.48 22.09 3.78
C ASN C 10 17.46 21.06 4.32
N ALA C 11 18.15 20.38 3.40
CA ALA C 11 19.19 19.41 3.76
C ALA C 11 20.51 20.16 3.91
N ARG C 12 20.63 20.88 5.03
CA ARG C 12 21.80 21.69 5.32
C ARG C 12 22.87 20.85 6.00
N LEU C 13 23.91 21.52 6.48
CA LEU C 13 25.02 20.84 7.15
C LEU C 13 24.57 20.34 8.52
N GLY C 14 24.48 19.02 8.66
CA GLY C 14 24.08 18.44 9.93
C GLY C 14 22.66 18.78 10.34
N SER C 15 21.73 18.77 9.40
CA SER C 15 20.35 19.11 9.72
C SER C 15 19.76 18.09 10.71
N PHE C 16 20.04 16.81 10.49
CA PHE C 16 19.64 15.79 11.45
C PHE C 16 20.52 15.80 12.69
N SER C 17 21.74 16.31 12.58
CA SER C 17 22.61 16.44 13.76
C SER C 17 22.03 17.42 14.75
N ARG C 18 21.50 18.55 14.27
CA ARG C 18 20.92 19.55 15.15
C ARG C 18 19.66 19.09 15.83
N LEU C 19 19.05 17.99 15.38
CA LEU C 19 17.88 17.44 16.03
C LEU C 19 18.22 16.58 17.25
N LEU C 20 19.50 16.27 17.45
CA LEU C 20 19.92 15.50 18.61
C LEU C 20 20.00 16.33 19.88
N LEU C 21 19.84 17.65 19.78
CA LEU C 21 19.83 18.53 20.93
C LEU C 21 18.43 18.76 21.49
N CYS C 22 17.41 18.18 20.89
CA CYS C 22 16.05 18.32 21.38
C CYS C 22 15.82 17.43 22.60
N TRP C 23 14.83 17.80 23.41
CA TRP C 23 14.45 17.05 24.59
C TRP C 23 13.02 16.53 24.53
N ARG C 24 12.06 17.38 24.16
CA ARG C 24 10.67 16.96 24.09
C ARG C 24 10.49 15.93 22.99
N GLY C 25 9.86 14.80 23.34
CA GLY C 25 9.68 13.73 22.39
C GLY C 25 10.96 13.09 21.91
N SER C 26 12.02 13.15 22.69
CA SER C 26 13.32 12.69 22.24
C SER C 26 13.62 11.28 22.77
N ILE C 27 14.61 10.65 22.14
CA ILE C 27 15.02 9.31 22.54
C ILE C 27 15.56 9.32 23.97
N TYR C 28 16.27 10.39 24.35
CA TYR C 28 16.77 10.47 25.72
C TYR C 28 15.63 10.45 26.73
N LYS C 29 14.63 11.31 26.53
CA LYS C 29 13.50 11.34 27.45
C LYS C 29 12.73 10.02 27.42
N LEU C 30 12.76 9.34 26.27
CA LEU C 30 11.98 8.10 26.16
C LEU C 30 12.65 6.94 26.88
N LEU C 31 13.98 6.85 26.85
CA LEU C 31 14.66 5.67 27.37
C LEU C 31 15.70 5.96 28.45
N TYR C 32 15.67 7.13 29.09
CA TYR C 32 16.68 7.40 30.11
C TYR C 32 16.51 6.49 31.32
N GLY C 33 15.27 6.17 31.71
CA GLY C 33 15.07 5.28 32.84
C GLY C 33 15.56 3.87 32.56
N GLU C 34 15.25 3.35 31.37
CA GLU C 34 15.74 2.04 30.99
C GLU C 34 17.26 2.03 30.93
N PHE C 35 17.86 3.11 30.41
CA PHE C 35 19.32 3.16 30.36
C PHE C 35 19.93 3.22 31.75
N LEU C 36 19.30 3.95 32.67
CA LEU C 36 19.80 3.98 34.05
C LEU C 36 19.73 2.60 34.69
N ILE C 37 18.63 1.89 34.48
CA ILE C 37 18.52 0.53 35.02
C ILE C 37 19.59 -0.38 34.42
N PHE C 38 19.80 -0.28 33.10
CA PHE C 38 20.83 -1.06 32.44
C PHE C 38 22.21 -0.74 32.99
N LEU C 39 22.50 0.54 33.20
CA LEU C 39 23.77 0.96 33.80
C LEU C 39 23.95 0.33 35.17
N LEU C 40 22.92 0.44 36.02
CA LEU C 40 23.03 -0.08 37.37
C LEU C 40 23.28 -1.58 37.36
N CYS C 41 22.53 -2.32 36.54
CA CYS C 41 22.70 -3.77 36.48
C CYS C 41 24.08 -4.15 35.95
N TYR C 42 24.53 -3.47 34.89
CA TYR C 42 25.83 -3.79 34.30
C TYR C 42 26.95 -3.56 35.30
N TYR C 43 26.92 -2.43 36.00
CA TYR C 43 28.00 -2.16 36.94
C TYR C 43 27.87 -2.95 38.23
N ILE C 44 26.67 -3.38 38.61
CA ILE C 44 26.54 -4.32 39.71
C ILE C 44 27.21 -5.63 39.35
N ILE C 45 26.96 -6.13 38.15
CA ILE C 45 27.63 -7.36 37.70
C ILE C 45 29.14 -7.17 37.63
N ARG C 46 29.58 -6.01 37.14
CA ARG C 46 31.01 -5.74 37.04
C ARG C 46 31.67 -5.74 38.41
N PHE C 47 31.05 -5.07 39.39
CA PHE C 47 31.62 -5.02 40.73
C PHE C 47 31.56 -6.37 41.41
N ILE C 48 30.54 -7.17 41.12
CA ILE C 48 30.50 -8.53 41.64
C ILE C 48 31.66 -9.35 41.10
N TYR C 49 31.87 -9.30 39.77
CA TYR C 49 32.91 -10.11 39.16
C TYR C 49 34.30 -9.65 39.57
N ARG C 50 34.51 -8.34 39.70
CA ARG C 50 35.85 -7.82 39.96
C ARG C 50 36.32 -8.22 41.36
N LEU C 51 35.63 -7.76 42.40
CA LEU C 51 35.93 -8.18 43.76
C LEU C 51 34.63 -8.61 44.45
N ALA C 52 34.18 -9.83 44.14
CA ALA C 52 33.23 -10.55 44.99
C ALA C 52 33.53 -12.03 45.12
N LEU C 53 34.27 -12.63 44.19
CA LEU C 53 34.37 -14.07 44.05
C LEU C 53 35.83 -14.51 44.23
N THR C 54 36.03 -15.83 44.15
CA THR C 54 37.36 -16.42 44.19
C THR C 54 37.90 -16.58 42.78
N GLU C 55 39.12 -17.10 42.67
CA GLU C 55 39.75 -17.22 41.36
C GLU C 55 39.01 -18.19 40.46
N GLU C 56 38.58 -19.33 41.00
CA GLU C 56 37.84 -20.31 40.19
C GLU C 56 36.51 -19.73 39.72
N GLN C 57 35.81 -19.01 40.59
CA GLN C 57 34.55 -18.40 40.21
C GLN C 57 34.77 -17.32 39.14
N GLN C 58 35.83 -16.54 39.28
CA GLN C 58 36.16 -15.55 38.25
C GLN C 58 36.46 -16.21 36.92
N LEU C 59 37.19 -17.33 36.93
CA LEU C 59 37.47 -18.05 35.69
C LEU C 59 36.20 -18.58 35.06
N MET C 60 35.28 -19.11 35.87
CA MET C 60 34.00 -19.57 35.35
C MET C 60 33.20 -18.43 34.75
N PHE C 61 33.19 -17.27 35.42
CA PHE C 61 32.50 -16.10 34.87
C PHE C 61 33.14 -15.64 33.58
N GLU C 62 34.46 -15.72 33.47
CA GLU C 62 35.14 -15.34 32.24
C GLU C 62 34.75 -16.27 31.10
N LYS C 63 34.72 -17.58 31.37
CA LYS C 63 34.26 -18.52 30.35
C LYS C 63 32.83 -18.24 29.94
N LEU C 64 31.96 -17.93 30.91
CA LEU C 64 30.59 -17.60 30.61
C LEU C 64 30.49 -16.35 29.74
N THR C 65 31.29 -15.33 30.05
CA THR C 65 31.27 -14.11 29.25
C THR C 65 31.74 -14.38 27.82
N LEU C 66 32.79 -15.18 27.66
CA LEU C 66 33.27 -15.53 26.32
C LEU C 66 32.19 -16.28 25.54
N TYR C 67 31.50 -17.22 26.20
CA TYR C 67 30.51 -18.00 25.48
C TYR C 67 29.21 -17.25 25.29
N CYS C 68 29.00 -16.17 26.04
CA CYS C 68 27.82 -15.33 25.85
C CYS C 68 28.01 -14.31 24.75
N ASP C 69 29.22 -13.74 24.62
CA ASP C 69 29.43 -12.73 23.59
C ASP C 69 29.45 -13.32 22.19
N SER C 70 29.47 -14.64 22.07
CA SER C 70 29.41 -15.32 20.78
C SER C 70 27.98 -15.69 20.39
N TYR C 71 27.00 -15.34 21.22
CA TYR C 71 25.59 -15.59 20.92
C TYR C 71 24.82 -14.29 20.75
N ILE C 72 25.51 -13.21 20.39
CA ILE C 72 24.88 -11.91 20.14
C ILE C 72 24.70 -11.80 18.63
N GLN C 73 23.45 -11.76 18.18
CA GLN C 73 23.11 -11.65 16.77
C GLN C 73 22.17 -10.47 16.57
N LEU C 74 22.62 -9.48 15.82
CA LEU C 74 21.79 -8.33 15.49
C LEU C 74 20.82 -8.60 14.35
N ILE C 75 21.00 -9.71 13.64
CA ILE C 75 20.16 -9.98 12.48
C ILE C 75 18.69 -10.15 12.86
N PRO C 76 18.31 -11.10 13.73
CA PRO C 76 16.86 -11.29 13.98
C PRO C 76 16.20 -10.11 14.65
N ILE C 77 16.89 -9.49 15.61
CA ILE C 77 16.32 -8.33 16.29
C ILE C 77 16.13 -7.18 15.31
N SER C 78 17.10 -6.98 14.41
CA SER C 78 16.95 -5.95 13.40
C SER C 78 15.77 -6.25 12.48
N PHE C 79 15.63 -7.50 12.04
CA PHE C 79 14.51 -7.85 11.16
C PHE C 79 13.18 -7.54 11.84
N VAL C 80 13.00 -8.06 13.05
CA VAL C 80 11.71 -7.93 13.71
C VAL C 80 11.44 -6.49 14.08
N LEU C 81 12.47 -5.74 14.46
CA LEU C 81 12.28 -4.32 14.78
C LEU C 81 11.85 -3.56 13.55
N GLY C 82 12.52 -3.80 12.41
CA GLY C 82 12.14 -3.08 11.20
C GLY C 82 10.70 -3.35 10.79
N PHE C 83 10.32 -4.63 10.76
CA PHE C 83 8.97 -4.97 10.31
C PHE C 83 7.91 -4.46 11.29
N TYR C 84 8.13 -4.68 12.59
CA TYR C 84 7.15 -4.27 13.59
C TYR C 84 7.00 -2.76 13.64
N VAL C 85 8.11 -2.02 13.57
CA VAL C 85 8.04 -0.57 13.61
C VAL C 85 7.38 -0.02 12.34
N THR C 86 7.64 -0.66 11.19
CA THR C 86 6.94 -0.24 9.97
C THR C 86 5.45 -0.42 10.11
N LEU C 87 5.01 -1.56 10.68
CA LEU C 87 3.58 -1.77 10.90
C LEU C 87 3.00 -0.72 11.85
N VAL C 88 3.73 -0.41 12.92
CA VAL C 88 3.25 0.56 13.90
C VAL C 88 3.11 1.94 13.27
N VAL C 89 4.11 2.35 12.47
CA VAL C 89 4.06 3.65 11.82
C VAL C 89 2.91 3.72 10.82
N THR C 90 2.70 2.63 10.07
CA THR C 90 1.58 2.61 9.12
C THR C 90 0.25 2.76 9.87
N ARG C 91 0.07 2.04 10.96
CA ARG C 91 -1.17 2.15 11.72
C ARG C 91 -1.31 3.54 12.35
N TRP C 92 -0.20 4.14 12.76
CA TRP C 92 -0.24 5.47 13.35
C TRP C 92 -0.71 6.51 12.33
N TRP C 93 -0.17 6.44 11.11
CA TRP C 93 -0.61 7.39 10.09
C TRP C 93 -2.04 7.12 9.66
N ASN C 94 -2.45 5.85 9.61
CA ASN C 94 -3.85 5.54 9.32
C ASN C 94 -4.77 6.10 10.38
N GLN C 95 -4.39 5.97 11.65
CA GLN C 95 -5.19 6.50 12.75
C GLN C 95 -5.32 8.01 12.64
N TYR C 96 -4.24 8.69 12.25
CA TYR C 96 -4.36 10.12 12.00
C TYR C 96 -5.29 10.40 10.84
N GLU C 97 -5.17 9.64 9.75
CA GLU C 97 -5.99 9.86 8.57
C GLU C 97 -7.47 9.60 8.85
N ASN C 98 -7.78 8.86 9.91
CA ASN C 98 -9.16 8.62 10.28
C ASN C 98 -9.69 9.62 11.29
N LEU C 99 -8.92 10.65 11.63
CA LEU C 99 -9.44 11.72 12.48
C LEU C 99 -10.44 12.54 11.70
N PRO C 100 -11.67 12.71 12.20
CA PRO C 100 -12.71 13.40 11.41
C PRO C 100 -12.49 14.90 11.38
N TRP C 101 -12.61 15.48 10.19
CA TRP C 101 -12.54 16.92 9.99
C TRP C 101 -13.86 17.39 9.41
N PRO C 102 -14.54 18.35 10.03
CA PRO C 102 -15.88 18.73 9.56
C PRO C 102 -15.89 19.79 8.48
N ASP C 103 -14.77 19.99 7.78
CA ASP C 103 -14.68 21.13 6.86
C ASP C 103 -15.59 20.97 5.65
N ARG C 104 -15.55 19.82 4.99
CA ARG C 104 -16.41 19.59 3.84
C ARG C 104 -17.88 19.67 4.23
N LEU C 105 -18.22 19.02 5.35
CA LEU C 105 -19.60 19.02 5.81
C LEU C 105 -20.06 20.42 6.18
N MET C 106 -19.21 21.21 6.82
CA MET C 106 -19.63 22.54 7.25
C MET C 106 -19.81 23.45 6.04
N SER C 107 -18.95 23.31 5.02
CA SER C 107 -19.15 24.08 3.80
C SER C 107 -20.47 23.69 3.13
N LEU C 108 -20.77 22.39 3.07
CA LEU C 108 -22.02 21.95 2.48
C LEU C 108 -23.23 22.43 3.28
N VAL C 109 -23.13 22.41 4.61
CA VAL C 109 -24.23 22.88 5.44
C VAL C 109 -24.47 24.37 5.23
N SER C 110 -23.40 25.16 5.28
CA SER C 110 -23.51 26.60 5.09
C SER C 110 -24.11 26.93 3.72
N GLY C 111 -23.70 26.19 2.69
CA GLY C 111 -24.27 26.44 1.37
C GLY C 111 -25.73 26.02 1.27
N PHE C 112 -26.04 24.81 1.70
CA PHE C 112 -27.32 24.17 1.40
C PHE C 112 -28.45 24.60 2.32
N VAL C 113 -28.21 24.61 3.63
CA VAL C 113 -29.29 24.86 4.59
C VAL C 113 -29.60 26.36 4.55
N GLU C 114 -30.69 26.71 3.89
CA GLU C 114 -31.03 28.11 3.66
C GLU C 114 -31.72 28.72 4.87
N GLY C 115 -31.74 30.05 4.91
CA GLY C 115 -32.38 30.76 5.98
C GLY C 115 -31.43 31.58 6.82
N LYS C 116 -31.53 32.91 6.71
CA LYS C 116 -30.74 33.82 7.51
C LYS C 116 -31.42 34.19 8.82
N ASP C 117 -32.56 33.57 9.12
CA ASP C 117 -33.33 33.90 10.30
C ASP C 117 -32.95 32.98 11.46
N GLU C 118 -33.69 33.08 12.56
CA GLU C 118 -33.39 32.32 13.76
C GLU C 118 -33.51 30.82 13.51
N GLN C 119 -34.55 30.40 12.79
CA GLN C 119 -34.75 28.97 12.55
C GLN C 119 -33.64 28.40 11.68
N GLY C 120 -33.23 29.13 10.64
CA GLY C 120 -32.13 28.67 9.81
C GLY C 120 -30.82 28.61 10.56
N ARG C 121 -30.54 29.62 11.38
CA ARG C 121 -29.35 29.60 12.22
C ARG C 121 -29.35 28.39 13.15
N LEU C 122 -30.49 28.15 13.80
CA LEU C 122 -30.62 27.01 14.70
C LEU C 122 -30.40 25.70 13.98
N LEU C 123 -30.98 25.57 12.79
CA LEU C 123 -30.86 24.32 12.04
C LEU C 123 -29.42 24.04 11.64
N ARG C 124 -28.74 25.05 11.08
CA ARG C 124 -27.36 24.87 10.68
C ARG C 124 -26.46 24.56 11.87
N ARG C 125 -26.63 25.31 12.96
CA ARG C 125 -25.81 25.10 14.15
C ARG C 125 -26.08 23.72 14.74
N THR C 126 -27.32 23.27 14.75
CA THR C 126 -27.64 21.97 15.31
C THR C 126 -27.06 20.84 14.48
N LEU C 127 -27.10 20.96 13.15
CA LEU C 127 -26.49 19.93 12.31
C LEU C 127 -24.99 19.85 12.54
N ILE C 128 -24.31 21.00 12.50
CA ILE C 128 -22.86 20.97 12.66
C ILE C 128 -22.49 20.56 14.08
N ARG C 129 -23.35 20.85 15.06
CA ARG C 129 -23.11 20.43 16.43
C ARG C 129 -23.32 18.95 16.60
N TYR C 130 -24.26 18.35 15.86
CA TYR C 130 -24.38 16.89 15.86
C TYR C 130 -23.11 16.25 15.33
N ALA C 131 -22.56 16.81 14.26
CA ALA C 131 -21.29 16.28 13.73
C ALA C 131 -20.18 16.40 14.76
N ASN C 132 -20.05 17.57 15.38
CA ASN C 132 -19.00 17.78 16.38
C ASN C 132 -19.21 16.90 17.60
N LEU C 133 -20.47 16.64 17.97
CA LEU C 133 -20.75 15.80 19.12
C LEU C 133 -20.37 14.35 18.84
N GLY C 134 -20.68 13.84 17.65
CA GLY C 134 -20.22 12.51 17.30
C GLY C 134 -18.71 12.39 17.32
N ASN C 135 -18.03 13.41 16.76
CA ASN C 135 -16.57 13.41 16.77
C ASN C 135 -16.02 13.41 18.18
N VAL C 136 -16.58 14.24 19.05
CA VAL C 136 -16.06 14.33 20.42
C VAL C 136 -16.40 13.08 21.20
N LEU C 137 -17.52 12.42 20.91
CA LEU C 137 -17.85 11.17 21.58
C LEU C 137 -16.82 10.10 21.24
N ILE C 138 -16.52 9.91 19.96
CA ILE C 138 -15.53 8.89 19.60
C ILE C 138 -14.16 9.27 20.12
N LEU C 139 -13.84 10.57 20.14
CA LEU C 139 -12.52 11.00 20.60
C LEU C 139 -12.38 10.79 22.11
N ARG C 140 -13.43 11.06 22.89
CA ARG C 140 -13.36 10.79 24.32
C ARG C 140 -13.39 9.30 24.60
N SER C 141 -13.90 8.49 23.67
CA SER C 141 -13.79 7.04 23.84
C SER C 141 -12.38 6.53 23.55
N VAL C 142 -11.66 7.14 22.62
CA VAL C 142 -10.38 6.59 22.18
C VAL C 142 -9.15 7.34 22.70
N SER C 143 -9.31 8.52 23.29
CA SER C 143 -8.18 9.37 23.65
C SER C 143 -8.21 9.69 25.14
N THR C 144 -7.09 9.43 25.82
CA THR C 144 -7.02 9.65 27.25
C THR C 144 -7.11 11.14 27.60
N ALA C 145 -6.48 12.00 26.80
CA ALA C 145 -6.55 13.44 27.06
C ALA C 145 -7.97 13.96 26.93
N VAL C 146 -8.68 13.54 25.88
CA VAL C 146 -10.06 13.99 25.70
C VAL C 146 -10.95 13.42 26.79
N TYR C 147 -10.69 12.18 27.21
CA TYR C 147 -11.46 11.61 28.32
C TYR C 147 -11.23 12.39 29.61
N LYS C 148 -9.98 12.78 29.87
CA LYS C 148 -9.71 13.57 31.06
C LYS C 148 -10.40 14.93 30.98
N ARG C 149 -10.48 15.51 29.78
CA ARG C 149 -11.19 16.77 29.62
C ARG C 149 -12.70 16.59 29.85
N PHE C 150 -13.27 15.50 29.35
CA PHE C 150 -14.70 15.23 29.44
C PHE C 150 -14.91 13.85 30.04
N PRO C 151 -14.73 13.70 31.35
CA PRO C 151 -14.90 12.38 31.98
C PRO C 151 -16.34 11.90 32.06
N SER C 152 -17.31 12.69 31.61
CA SER C 152 -18.71 12.25 31.68
C SER C 152 -19.53 13.05 30.68
N ALA C 153 -20.71 12.49 30.36
CA ALA C 153 -21.65 13.19 29.50
C ALA C 153 -22.14 14.47 30.14
N GLN C 154 -22.19 14.52 31.48
CA GLN C 154 -22.49 15.78 32.15
C GLN C 154 -21.39 16.80 31.92
N HIS C 155 -20.13 16.36 31.88
CA HIS C 155 -19.05 17.25 31.51
C HIS C 155 -19.21 17.73 30.07
N LEU C 156 -19.65 16.85 29.17
CA LEU C 156 -19.92 17.26 27.80
C LEU C 156 -21.03 18.31 27.74
N VAL C 157 -22.06 18.14 28.56
CA VAL C 157 -23.15 19.11 28.60
C VAL C 157 -22.67 20.45 29.12
N GLN C 158 -21.88 20.43 30.19
CA GLN C 158 -21.36 21.69 30.75
C GLN C 158 -20.39 22.36 29.80
N ALA C 159 -19.70 21.59 28.97
CA ALA C 159 -18.76 22.16 28.01
C ALA C 159 -19.44 22.80 26.81
N GLY C 160 -20.72 22.49 26.57
CA GLY C 160 -21.46 23.05 25.47
C GLY C 160 -21.62 22.15 24.27
N PHE C 161 -20.98 20.98 24.28
CA PHE C 161 -21.11 20.07 23.14
C PHE C 161 -22.48 19.43 23.09
N MET C 162 -23.09 19.19 24.23
CA MET C 162 -24.39 18.53 24.32
C MET C 162 -25.36 19.41 25.10
N THR C 163 -26.59 19.49 24.62
CA THR C 163 -27.64 20.15 25.38
C THR C 163 -28.26 19.18 26.36
N PRO C 164 -28.93 19.68 27.40
CA PRO C 164 -29.65 18.77 28.32
C PRO C 164 -30.66 17.89 27.61
N ALA C 165 -31.34 18.44 26.58
CA ALA C 165 -32.29 17.62 25.83
C ALA C 165 -31.59 16.47 25.11
N GLU C 166 -30.43 16.74 24.50
CA GLU C 166 -29.70 15.68 23.83
C GLU C 166 -29.17 14.65 24.82
N HIS C 167 -28.74 15.10 26.01
CA HIS C 167 -28.30 14.19 27.04
C HIS C 167 -29.48 13.33 27.49
N LYS C 168 -30.65 13.92 27.66
CA LYS C 168 -31.83 13.13 28.08
C LYS C 168 -32.20 12.14 26.96
N GLN C 169 -32.14 12.55 25.69
CA GLN C 169 -32.40 11.59 24.62
C GLN C 169 -31.39 10.44 24.56
N LEU C 170 -30.12 10.73 24.77
CA LEU C 170 -29.12 9.67 24.82
C LEU C 170 -29.38 8.70 25.97
N GLU C 171 -29.76 9.24 27.13
CA GLU C 171 -30.08 8.36 28.26
C GLU C 171 -31.28 7.48 27.95
N LYS C 172 -32.29 8.03 27.26
CA LYS C 172 -33.42 7.23 26.83
C LYS C 172 -32.97 6.12 25.87
N LEU C 173 -32.08 6.45 24.95
CA LEU C 173 -31.63 5.49 23.94
C LEU C 173 -30.57 4.54 24.45
N SER C 174 -30.11 4.70 25.69
CA SER C 174 -28.99 3.95 26.23
C SER C 174 -29.07 2.46 25.92
N LEU C 175 -28.01 1.96 25.30
CA LEU C 175 -27.79 0.56 25.00
C LEU C 175 -26.48 0.13 25.62
N PRO C 176 -26.28 -1.17 25.88
CA PRO C 176 -25.01 -1.66 26.44
C PRO C 176 -23.88 -1.68 25.42
N HIS C 177 -23.71 -0.58 24.71
CA HIS C 177 -22.62 -0.41 23.75
C HIS C 177 -22.16 1.05 23.80
N ASN C 178 -21.16 1.36 22.98
CA ASN C 178 -20.75 2.74 22.81
C ASN C 178 -21.75 3.47 21.95
N MET C 179 -22.25 4.61 22.45
CA MET C 179 -23.35 5.33 21.81
C MET C 179 -22.86 6.48 20.92
N PHE C 180 -21.65 6.35 20.37
CA PHE C 180 -21.12 7.40 19.52
C PHE C 180 -21.81 7.47 18.16
N TRP C 181 -22.57 6.45 17.78
CA TRP C 181 -23.26 6.42 16.50
C TRP C 181 -24.56 7.21 16.49
N VAL C 182 -25.08 7.57 17.67
CA VAL C 182 -26.39 8.23 17.74
C VAL C 182 -26.43 9.56 17.00
N PRO C 183 -25.43 10.44 17.13
CA PRO C 183 -25.54 11.74 16.43
C PRO C 183 -25.64 11.62 14.92
N TRP C 184 -25.16 10.53 14.32
CA TRP C 184 -25.32 10.39 12.87
C TRP C 184 -26.77 10.12 12.48
N VAL C 185 -27.47 9.28 13.24
CA VAL C 185 -28.90 9.09 13.01
C VAL C 185 -29.64 10.39 13.27
N TRP C 186 -29.23 11.13 14.31
CA TRP C 186 -29.83 12.43 14.57
C TRP C 186 -29.64 13.37 13.38
N PHE C 187 -28.43 13.40 12.82
CA PHE C 187 -28.14 14.26 11.68
C PHE C 187 -28.97 13.87 10.48
N ALA C 188 -29.09 12.57 10.21
CA ALA C 188 -29.88 12.12 9.06
C ALA C 188 -31.34 12.51 9.22
N ASN C 189 -31.91 12.30 10.40
CA ASN C 189 -33.31 12.63 10.61
C ASN C 189 -33.54 14.14 10.57
N LEU C 190 -32.62 14.92 11.15
CA LEU C 190 -32.77 16.37 11.11
C LEU C 190 -32.63 16.91 9.69
N SER C 191 -31.72 16.33 8.90
CA SER C 191 -31.57 16.77 7.52
C SER C 191 -32.80 16.41 6.69
N MET C 192 -33.37 15.23 6.91
CA MET C 192 -34.61 14.88 6.22
C MET C 192 -35.75 15.81 6.61
N LYS C 193 -35.84 16.15 7.90
CA LYS C 193 -36.87 17.09 8.34
C LYS C 193 -36.65 18.46 7.71
N ALA C 194 -35.40 18.90 7.62
CA ALA C 194 -35.09 20.18 6.98
C ALA C 194 -35.48 20.18 5.52
N TRP C 195 -35.20 19.10 4.80
CA TRP C 195 -35.58 19.02 3.40
C TRP C 195 -37.09 19.02 3.25
N LEU C 196 -37.80 18.29 4.11
CA LEU C 196 -39.26 18.27 4.04
C LEU C 196 -39.86 19.63 4.37
N GLY C 197 -39.21 20.39 5.25
CA GLY C 197 -39.67 21.71 5.61
C GLY C 197 -39.29 22.82 4.67
N GLY C 198 -38.56 22.51 3.60
CA GLY C 198 -38.17 23.50 2.61
C GLY C 198 -36.86 24.19 2.88
N ARG C 199 -36.22 23.94 4.02
CA ARG C 199 -34.94 24.58 4.32
C ARG C 199 -33.83 24.09 3.40
N ILE C 200 -33.85 22.81 3.04
CA ILE C 200 -32.97 22.26 2.02
C ILE C 200 -33.77 22.16 0.73
N ARG C 201 -33.29 22.82 -0.32
CA ARG C 201 -34.09 22.97 -1.52
C ARG C 201 -34.14 21.71 -2.37
N ASP C 202 -33.09 20.88 -2.38
CA ASP C 202 -33.14 19.75 -3.29
C ASP C 202 -32.66 18.46 -2.63
N PRO C 203 -33.27 17.32 -2.99
CA PRO C 203 -32.80 16.05 -2.45
C PRO C 203 -31.39 15.70 -2.86
N ILE C 204 -30.87 16.27 -3.95
CA ILE C 204 -29.47 16.04 -4.29
C ILE C 204 -28.56 16.74 -3.28
N LEU C 205 -28.94 17.93 -2.82
CA LEU C 205 -28.21 18.58 -1.75
C LEU C 205 -28.32 17.79 -0.46
N LEU C 206 -29.50 17.22 -0.19
CA LEU C 206 -29.65 16.34 0.96
C LEU C 206 -28.71 15.14 0.86
N GLN C 207 -28.60 14.55 -0.33
CA GLN C 207 -27.70 13.41 -0.53
C GLN C 207 -26.25 13.79 -0.31
N SER C 208 -25.85 14.98 -0.80
CA SER C 208 -24.48 15.42 -0.59
C SER C 208 -24.17 15.60 0.89
N LEU C 209 -25.11 16.21 1.63
CA LEU C 209 -24.92 16.39 3.07
C LEU C 209 -24.77 15.04 3.76
N LEU C 210 -25.63 14.08 3.42
CA LEU C 210 -25.58 12.79 4.07
C LEU C 210 -24.34 12.00 3.67
N ASN C 211 -23.83 12.20 2.44
CA ASN C 211 -22.58 11.56 2.05
C ASN C 211 -21.42 12.08 2.87
N GLU C 212 -21.36 13.39 3.11
CA GLU C 212 -20.31 13.93 3.97
C GLU C 212 -20.43 13.39 5.39
N MET C 213 -21.66 13.35 5.90
CA MET C 213 -21.89 12.81 7.24
C MET C 213 -21.46 11.35 7.34
N ASN C 214 -21.74 10.56 6.29
CA ASN C 214 -21.37 9.16 6.31
C ASN C 214 -19.86 8.96 6.20
N THR C 215 -19.17 9.84 5.46
CA THR C 215 -17.72 9.80 5.46
C THR C 215 -17.17 10.05 6.85
N LEU C 216 -17.73 11.04 7.57
CA LEU C 216 -17.32 11.27 8.95
C LEU C 216 -17.61 10.06 9.82
N ARG C 217 -18.76 9.42 9.61
CA ARG C 217 -19.09 8.22 10.38
C ARG C 217 -18.09 7.09 10.14
N THR C 218 -17.69 6.91 8.88
CA THR C 218 -16.71 5.89 8.56
C THR C 218 -15.37 6.18 9.22
N GLN C 219 -14.96 7.45 9.24
CA GLN C 219 -13.72 7.81 9.93
C GLN C 219 -13.80 7.51 11.42
N CYS C 220 -14.92 7.85 12.05
CA CYS C 220 -15.08 7.59 13.48
C CYS C 220 -15.11 6.09 13.77
N GLY C 221 -15.75 5.32 12.90
CA GLY C 221 -15.76 3.87 13.07
C GLY C 221 -14.38 3.28 12.92
N HIS C 222 -13.57 3.81 12.01
CA HIS C 222 -12.19 3.36 11.88
C HIS C 222 -11.38 3.71 13.12
N LEU C 223 -11.62 4.88 13.70
CA LEU C 223 -10.94 5.22 14.96
C LEU C 223 -11.32 4.25 16.07
N TYR C 224 -12.61 3.93 16.18
CA TYR C 224 -13.04 2.94 17.17
C TYR C 224 -12.40 1.58 16.90
N ALA C 225 -12.31 1.21 15.62
CA ALA C 225 -11.68 -0.05 15.24
C ALA C 225 -10.22 -0.11 15.66
N TYR C 226 -9.49 0.97 15.43
CA TYR C 226 -8.08 0.99 15.82
C TYR C 226 -7.91 0.98 17.33
N ASP C 227 -8.83 1.62 18.05
CA ASP C 227 -8.79 1.56 19.50
C ASP C 227 -9.07 0.14 20.01
N TRP C 228 -10.01 -0.56 19.38
CA TRP C 228 -10.44 -1.86 19.86
C TRP C 228 -9.49 -2.97 19.44
N ILE C 229 -9.31 -3.17 18.14
CA ILE C 229 -8.48 -4.25 17.62
C ILE C 229 -7.05 -3.74 17.63
N SER C 230 -6.36 -4.00 18.73
CA SER C 230 -4.97 -3.59 18.87
C SER C 230 -4.04 -4.55 18.13
N ILE C 231 -2.78 -4.15 18.02
CA ILE C 231 -1.75 -4.98 17.41
C ILE C 231 -1.64 -6.27 18.22
N PRO C 232 -1.49 -7.43 17.58
CA PRO C 232 -1.44 -8.70 18.33
C PRO C 232 -0.45 -8.70 19.49
N LEU C 233 -0.97 -9.07 20.66
CA LEU C 233 -0.16 -9.14 21.86
C LEU C 233 0.99 -10.12 21.69
N VAL C 234 0.78 -11.19 20.92
CA VAL C 234 1.86 -12.15 20.68
C VAL C 234 3.00 -11.49 19.90
N TYR C 235 2.67 -10.68 18.89
CA TYR C 235 3.70 -10.00 18.11
C TYR C 235 4.45 -8.99 18.97
N THR C 236 3.72 -8.20 19.75
CA THR C 236 4.37 -7.22 20.62
C THR C 236 5.26 -7.91 21.64
N GLN C 237 4.78 -9.02 22.22
CA GLN C 237 5.58 -9.76 23.18
C GLN C 237 6.82 -10.36 22.53
N VAL C 238 6.70 -10.81 21.28
CA VAL C 238 7.85 -11.38 20.58
C VAL C 238 8.93 -10.32 20.37
N VAL C 239 8.54 -9.13 19.91
CA VAL C 239 9.55 -8.09 19.68
C VAL C 239 10.17 -7.64 21.00
N THR C 240 9.34 -7.52 22.05
CA THR C 240 9.86 -7.14 23.36
C THR C 240 10.84 -8.19 23.88
N VAL C 241 10.50 -9.48 23.71
CA VAL C 241 11.37 -10.56 24.16
C VAL C 241 12.68 -10.52 23.42
N ALA C 242 12.63 -10.28 22.10
CA ALA C 242 13.86 -10.20 21.33
C ALA C 242 14.78 -9.11 21.86
N VAL C 243 14.24 -7.89 22.00
CA VAL C 243 15.07 -6.77 22.44
C VAL C 243 15.63 -7.02 23.83
N TYR C 244 14.77 -7.46 24.75
CA TYR C 244 15.21 -7.59 26.14
C TYR C 244 16.13 -8.80 26.33
N SER C 245 15.93 -9.88 25.57
CA SER C 245 16.88 -10.98 25.61
C SER C 245 18.25 -10.54 25.11
N PHE C 246 18.27 -9.75 24.04
CA PHE C 246 19.54 -9.20 23.56
C PHE C 246 20.24 -8.40 24.66
N PHE C 247 19.50 -7.50 25.30
CA PHE C 247 20.17 -6.64 26.28
C PHE C 247 20.31 -7.27 27.65
N LEU C 248 19.78 -8.49 27.84
CA LEU C 248 20.09 -9.27 29.03
C LEU C 248 21.32 -10.14 28.83
N THR C 249 21.49 -10.72 27.63
CA THR C 249 22.72 -11.45 27.39
C THR C 249 23.91 -10.50 27.20
N CYS C 250 23.65 -9.26 26.77
CA CYS C 250 24.72 -8.28 26.70
C CYS C 250 25.25 -7.93 28.08
N LEU C 251 24.39 -7.96 29.10
CA LEU C 251 24.81 -7.63 30.46
C LEU C 251 25.98 -8.50 30.91
N VAL C 252 26.00 -9.76 30.51
CA VAL C 252 27.09 -10.66 30.85
C VAL C 252 28.16 -10.71 29.77
N GLY C 253 27.80 -10.78 28.49
CA GLY C 253 28.79 -10.93 27.45
C GLY C 253 29.57 -9.69 27.10
N ARG C 254 29.16 -8.52 27.59
CA ARG C 254 29.85 -7.27 27.30
C ARG C 254 30.63 -6.75 28.51
N GLN C 255 31.01 -7.65 29.41
CA GLN C 255 31.79 -7.28 30.57
C GLN C 255 33.28 -7.30 30.23
N PHE C 256 34.02 -6.36 30.81
CA PHE C 256 35.45 -6.26 30.57
C PHE C 256 36.17 -7.27 31.46
N LEU C 257 36.67 -8.34 30.85
CA LEU C 257 37.39 -9.36 31.60
C LEU C 257 38.80 -8.87 31.94
N ASN C 258 39.50 -9.67 32.72
CA ASN C 258 40.85 -9.31 33.12
C ASN C 258 41.77 -9.29 31.90
N PRO C 259 42.52 -8.21 31.68
CA PRO C 259 43.44 -8.19 30.54
C PRO C 259 44.62 -9.15 30.69
N ALA C 260 44.90 -9.62 31.91
CA ALA C 260 46.05 -10.48 32.13
C ALA C 260 45.93 -11.79 31.36
N LYS C 261 44.71 -12.35 31.31
CA LYS C 261 44.50 -13.63 30.64
C LYS C 261 44.65 -13.54 29.12
N ALA C 262 44.77 -12.34 28.57
CA ALA C 262 45.02 -12.13 27.14
C ALA C 262 43.94 -12.80 26.29
N TYR C 263 42.68 -12.55 26.64
CA TYR C 263 41.58 -13.06 25.85
C TYR C 263 41.56 -12.39 24.48
N PRO C 264 41.03 -13.07 23.46
CA PRO C 264 41.10 -12.52 22.09
C PRO C 264 40.55 -11.12 21.95
N GLY C 265 39.47 -10.79 22.66
CA GLY C 265 38.86 -9.48 22.52
C GLY C 265 38.74 -8.73 23.83
N HIS C 266 39.48 -9.16 24.84
CA HIS C 266 39.45 -8.53 26.17
C HIS C 266 40.85 -8.11 26.59
N GLU C 267 41.63 -7.58 25.64
CA GLU C 267 42.99 -7.13 25.94
C GLU C 267 43.02 -5.81 26.67
N LEU C 268 41.98 -4.98 26.55
CA LEU C 268 41.97 -3.64 27.13
C LEU C 268 40.72 -3.46 27.96
N ASP C 269 40.88 -2.79 29.10
CA ASP C 269 39.77 -2.52 30.02
C ASP C 269 39.45 -1.04 29.93
N LEU C 270 38.40 -0.71 29.18
CA LEU C 270 37.95 0.65 28.99
C LEU C 270 36.89 1.08 30.00
N VAL C 271 36.53 0.22 30.95
CA VAL C 271 35.54 0.52 31.98
C VAL C 271 34.17 0.68 31.35
N VAL C 272 33.98 1.75 30.59
CA VAL C 272 32.68 2.06 29.97
C VAL C 272 32.53 1.32 28.66
N PRO C 273 31.50 0.49 28.50
CA PRO C 273 31.21 -0.14 27.20
C PRO C 273 30.45 0.80 26.26
N VAL C 274 31.21 1.65 25.58
CA VAL C 274 30.62 2.71 24.76
C VAL C 274 29.80 2.11 23.62
N PHE C 275 30.30 1.06 22.98
CA PHE C 275 29.58 0.48 21.84
C PHE C 275 28.34 -0.28 22.29
N THR C 276 28.40 -0.95 23.44
CA THR C 276 27.21 -1.58 23.99
C THR C 276 26.16 -0.54 24.34
N PHE C 277 26.59 0.60 24.89
CA PHE C 277 25.65 1.67 25.21
C PHE C 277 25.05 2.27 23.95
N LEU C 278 25.85 2.41 22.89
CA LEU C 278 25.34 2.91 21.63
C LEU C 278 24.32 1.95 21.02
N GLN C 279 24.59 0.66 21.09
CA GLN C 279 23.63 -0.34 20.63
C GLN C 279 22.36 -0.29 21.47
N PHE C 280 22.50 -0.08 22.78
CA PHE C 280 21.32 0.10 23.63
C PHE C 280 20.49 1.27 23.17
N PHE C 281 21.14 2.43 22.97
CA PHE C 281 20.40 3.59 22.49
C PHE C 281 19.69 3.28 21.18
N PHE C 282 20.41 2.72 20.20
CA PHE C 282 19.82 2.45 18.89
C PHE C 282 18.60 1.53 18.99
N TYR C 283 18.78 0.36 19.62
CA TYR C 283 17.72 -0.64 19.60
C TYR C 283 16.56 -0.26 20.52
N VAL C 284 16.86 0.22 21.72
CA VAL C 284 15.80 0.59 22.64
C VAL C 284 15.05 1.82 22.13
N GLY C 285 15.73 2.75 21.43
CA GLY C 285 15.00 3.84 20.81
C GLY C 285 14.14 3.38 19.66
N TRP C 286 14.62 2.40 18.88
CA TRP C 286 13.80 1.83 17.82
C TRP C 286 12.55 1.18 18.39
N LEU C 287 12.68 0.50 19.54
CA LEU C 287 11.52 -0.06 20.19
C LEU C 287 10.63 1.02 20.80
N LYS C 288 11.23 2.09 21.30
CA LYS C 288 10.47 3.18 21.89
C LYS C 288 9.66 3.94 20.83
N VAL C 289 10.11 3.90 19.58
CA VAL C 289 9.28 4.46 18.50
C VAL C 289 7.92 3.76 18.47
N ALA C 290 7.94 2.42 18.46
CA ALA C 290 6.69 1.67 18.46
C ALA C 290 5.95 1.81 19.78
N GLU C 291 6.69 1.92 20.89
CA GLU C 291 6.04 2.10 22.19
C GLU C 291 5.25 3.40 22.23
N GLN C 292 5.80 4.47 21.65
CA GLN C 292 5.11 5.74 21.64
C GLN C 292 3.98 5.77 20.62
N LEU C 293 4.18 5.16 19.44
CA LEU C 293 3.20 5.25 18.38
C LEU C 293 2.13 4.17 18.43
N ILE C 294 2.24 3.20 19.33
CA ILE C 294 1.28 2.10 19.33
C ILE C 294 -0.10 2.59 19.72
N ASN C 295 -0.18 3.58 20.63
CA ASN C 295 -1.41 4.29 20.94
C ASN C 295 -1.14 5.77 20.74
N PRO C 296 -1.42 6.31 19.55
CA PRO C 296 -1.14 7.73 19.29
C PRO C 296 -2.14 8.69 19.93
N PHE C 297 -3.06 8.20 20.76
CA PHE C 297 -4.03 9.03 21.43
C PHE C 297 -3.79 9.12 22.93
N GLY C 298 -2.62 8.71 23.40
CA GLY C 298 -2.23 8.86 24.78
C GLY C 298 -1.78 10.28 25.09
N GLU C 299 -0.80 10.39 25.99
CA GLU C 299 -0.30 11.68 26.42
C GLU C 299 1.20 11.82 26.18
N ASP C 300 1.73 11.09 25.21
CA ASP C 300 3.11 11.26 24.82
C ASP C 300 3.31 12.59 24.11
N ASP C 301 4.57 13.00 23.99
CA ASP C 301 4.88 14.26 23.30
C ASP C 301 4.50 14.19 21.83
N ASP C 302 4.72 13.04 21.19
CA ASP C 302 4.41 12.86 19.78
C ASP C 302 2.99 12.37 19.53
N ASP C 303 2.18 12.22 20.58
CA ASP C 303 0.79 11.85 20.38
C ASP C 303 -0.03 13.03 19.90
N PHE C 304 -1.17 12.73 19.28
CA PHE C 304 -1.97 13.75 18.61
C PHE C 304 -2.56 14.74 19.59
N GLU C 305 -2.72 15.98 19.14
CA GLU C 305 -3.33 17.04 19.94
C GLU C 305 -4.84 17.04 19.72
N THR C 306 -5.48 16.00 20.29
CA THR C 306 -6.90 15.78 20.05
C THR C 306 -7.76 16.87 20.68
N ASN C 307 -7.34 17.38 21.84
CA ASN C 307 -8.10 18.46 22.47
C ASN C 307 -8.09 19.71 21.61
N TRP C 308 -6.92 20.07 21.07
CA TRP C 308 -6.85 21.20 20.17
C TRP C 308 -7.67 20.96 18.92
N ILE C 309 -7.63 19.73 18.39
CA ILE C 309 -8.43 19.41 17.21
C ILE C 309 -9.92 19.61 17.51
N VAL C 310 -10.37 19.16 18.68
CA VAL C 310 -11.77 19.31 19.06
C VAL C 310 -12.14 20.80 19.15
N ASP C 311 -11.31 21.59 19.83
CA ASP C 311 -11.61 23.01 19.99
C ASP C 311 -11.66 23.72 18.64
N ARG C 312 -10.66 23.48 17.80
CA ARG C 312 -10.60 24.11 16.50
C ARG C 312 -11.78 23.70 15.63
N ASN C 313 -12.14 22.42 15.65
CA ASN C 313 -13.27 21.95 14.85
C ASN C 313 -14.55 22.63 15.30
N LEU C 314 -14.78 22.71 16.61
CA LEU C 314 -15.99 23.35 17.10
C LEU C 314 -16.05 24.81 16.67
N GLN C 315 -14.98 25.56 16.93
CA GLN C 315 -14.98 26.98 16.60
C GLN C 315 -15.17 27.21 15.11
N VAL C 316 -14.36 26.53 14.29
CA VAL C 316 -14.38 26.76 12.85
C VAL C 316 -15.71 26.34 12.25
N SER C 317 -16.25 25.19 12.67
CA SER C 317 -17.52 24.73 12.13
C SER C 317 -18.67 25.66 12.50
N LEU C 318 -18.72 26.10 13.76
CA LEU C 318 -19.77 27.02 14.15
C LEU C 318 -19.68 28.33 13.37
N LEU C 319 -18.45 28.86 13.23
CA LEU C 319 -18.29 30.10 12.48
C LEU C 319 -18.73 29.93 11.04
N ALA C 320 -18.32 28.83 10.40
CA ALA C 320 -18.64 28.62 8.99
C ALA C 320 -20.14 28.47 8.78
N VAL C 321 -20.83 27.73 9.66
CA VAL C 321 -22.25 27.49 9.42
C VAL C 321 -23.13 28.64 9.91
N ASP C 322 -22.63 29.52 10.77
CA ASP C 322 -23.46 30.58 11.31
C ASP C 322 -23.10 31.96 10.77
N GLU C 323 -21.84 32.38 10.94
CA GLU C 323 -21.47 33.74 10.57
C GLU C 323 -21.16 33.89 9.09
N MET C 324 -20.64 32.84 8.46
CA MET C 324 -20.23 32.91 7.06
C MET C 324 -21.32 32.46 6.10
N HIS C 325 -22.51 32.13 6.59
CA HIS C 325 -23.58 31.70 5.71
C HIS C 325 -24.07 32.88 4.87
N GLN C 326 -23.95 32.74 3.55
CA GLN C 326 -24.38 33.77 2.60
C GLN C 326 -23.71 35.12 2.88
N ASP C 327 -22.53 35.07 3.49
CA ASP C 327 -21.76 36.27 3.82
C ASP C 327 -20.49 36.23 2.98
N LEU C 328 -20.55 36.87 1.82
CA LEU C 328 -19.45 36.82 0.88
C LEU C 328 -18.80 38.20 0.73
N PRO C 329 -17.51 38.25 0.46
CA PRO C 329 -16.89 39.53 0.10
C PRO C 329 -17.44 40.03 -1.22
N ARG C 330 -17.42 41.35 -1.38
CA ARG C 330 -17.97 41.98 -2.58
C ARG C 330 -17.26 41.46 -3.83
N MET C 331 -18.06 41.08 -4.84
CA MET C 331 -17.54 40.52 -6.07
C MET C 331 -17.19 41.66 -7.03
N GLU C 332 -15.90 41.82 -7.30
CA GLU C 332 -15.40 42.87 -8.17
C GLU C 332 -14.31 42.30 -9.05
N PRO C 333 -14.07 42.90 -10.22
CA PRO C 333 -12.99 42.41 -11.10
C PRO C 333 -11.65 42.47 -10.40
N ASP C 334 -10.81 41.48 -10.67
CA ASP C 334 -9.53 41.32 -10.00
C ASP C 334 -8.45 42.12 -10.74
N MET C 335 -7.19 41.93 -10.33
CA MET C 335 -6.08 42.65 -10.95
C MET C 335 -5.86 42.21 -12.38
N TYR C 336 -6.18 40.96 -12.71
CA TYR C 336 -5.96 40.38 -14.03
C TYR C 336 -7.26 40.28 -14.82
N TRP C 337 -8.12 41.29 -14.72
CA TRP C 337 -9.43 41.21 -15.34
C TRP C 337 -9.33 41.07 -16.86
N ASN C 338 -8.43 41.83 -17.48
CA ASN C 338 -8.24 41.79 -18.93
C ASN C 338 -6.81 41.40 -19.28
N LYS C 339 -6.19 40.59 -18.43
CA LYS C 339 -4.84 40.11 -18.66
C LYS C 339 -4.89 38.64 -19.03
N PRO C 340 -4.64 38.28 -20.30
CA PRO C 340 -4.70 36.86 -20.67
C PRO C 340 -3.68 35.99 -19.95
N GLU C 341 -2.52 36.54 -19.59
CA GLU C 341 -1.44 35.78 -18.96
C GLU C 341 -1.02 36.52 -17.69
N PRO C 342 -1.72 36.30 -16.57
CA PRO C 342 -1.32 36.93 -15.32
C PRO C 342 0.09 36.49 -14.90
N GLN C 343 0.86 37.44 -14.39
CA GLN C 343 2.22 37.19 -13.93
C GLN C 343 2.41 37.84 -12.56
N PRO C 344 2.01 37.16 -11.48
CA PRO C 344 2.19 37.72 -10.14
C PRO C 344 3.66 37.96 -9.84
N PRO C 345 3.98 39.03 -9.13
CA PRO C 345 5.40 39.38 -8.93
C PRO C 345 6.07 38.48 -7.91
N TYR C 346 7.40 38.51 -7.95
CA TYR C 346 8.24 37.81 -6.99
C TYR C 346 8.96 38.83 -6.10
N THR C 347 9.15 38.46 -4.84
CA THR C 347 9.91 39.32 -3.95
C THR C 347 11.41 39.13 -4.20
N ALA C 348 12.20 39.97 -3.53
CA ALA C 348 13.66 39.85 -3.65
C ALA C 348 14.14 38.51 -3.09
N ALA C 349 13.52 38.05 -2.00
CA ALA C 349 13.93 36.79 -1.39
C ALA C 349 13.46 35.57 -2.16
N SER C 350 12.53 35.75 -3.10
CA SER C 350 11.96 34.63 -3.85
C SER C 350 12.18 34.71 -5.35
N ALA C 351 12.89 35.73 -5.84
CA ALA C 351 13.10 35.86 -7.28
C ALA C 351 13.89 34.70 -7.85
N GLN C 352 14.61 33.95 -7.01
CA GLN C 352 15.39 32.81 -7.50
C GLN C 352 14.55 31.57 -7.72
N PHE C 353 13.29 31.56 -7.27
CA PHE C 353 12.41 30.41 -7.45
C PHE C 353 11.57 30.50 -8.71
N ARG C 354 11.76 31.53 -9.53
CA ARG C 354 11.06 31.64 -10.79
C ARG C 354 11.69 30.70 -11.81
N ARG C 355 10.98 29.62 -12.14
CA ARG C 355 11.50 28.59 -13.03
C ARG C 355 10.69 28.53 -14.31
N ALA C 356 11.35 28.12 -15.39
CA ALA C 356 10.65 27.87 -16.64
C ALA C 356 9.79 26.62 -16.52
N SER C 357 8.72 26.58 -17.30
CA SER C 357 7.80 25.45 -17.24
C SER C 357 8.45 24.19 -17.80
N PHE C 358 8.10 23.06 -17.20
CA PHE C 358 8.55 21.76 -17.69
C PHE C 358 7.57 21.27 -18.74
N MET C 359 8.05 21.14 -19.98
CA MET C 359 7.20 20.82 -21.11
C MET C 359 7.15 19.32 -21.42
N GLY C 360 7.83 18.50 -20.63
CA GLY C 360 7.88 17.07 -20.89
C GLY C 360 9.29 16.60 -21.15
N SER C 361 9.56 15.32 -20.87
CA SER C 361 10.90 14.78 -21.06
C SER C 361 11.25 14.62 -22.54
N THR C 362 10.25 14.57 -23.41
CA THR C 362 10.49 14.42 -24.84
C THR C 362 10.67 15.74 -25.56
N PHE C 363 10.66 16.85 -24.83
CA PHE C 363 10.69 18.17 -25.48
C PHE C 363 11.99 18.39 -26.25
N ASN C 364 13.12 17.96 -25.68
CA ASN C 364 14.43 18.23 -26.26
C ASN C 364 14.92 17.16 -27.21
N ILE C 365 14.09 16.15 -27.52
CA ILE C 365 14.50 15.13 -28.48
C ILE C 365 14.63 15.77 -29.85
N SER C 366 15.84 15.68 -30.42
CA SER C 366 16.12 16.27 -31.72
C SER C 366 16.11 15.19 -32.80
N LEU C 367 15.29 15.39 -33.82
CA LEU C 367 15.14 14.45 -34.91
C LEU C 367 15.59 15.10 -36.22
N ASN C 368 16.17 14.28 -37.10
CA ASN C 368 16.61 14.78 -38.40
C ASN C 368 15.41 15.18 -39.25
N LYS C 369 15.70 15.89 -40.33
CA LYS C 369 14.63 16.35 -41.22
C LYS C 369 13.85 15.17 -41.81
N GLU C 370 14.58 14.16 -42.30
CA GLU C 370 13.93 13.04 -42.98
C GLU C 370 13.24 12.09 -42.02
N GLU C 371 13.62 12.11 -40.74
CA GLU C 371 13.01 11.21 -39.76
C GLU C 371 11.57 11.56 -39.46
N MET C 372 11.13 12.77 -39.77
CA MET C 372 9.80 13.25 -39.40
C MET C 372 8.75 13.03 -40.49
N GLU C 373 9.13 12.48 -41.63
CA GLU C 373 8.17 12.28 -42.72
C GLU C 373 7.25 11.11 -42.41
N PHE C 374 5.95 11.33 -42.57
CA PHE C 374 5.00 10.23 -42.51
C PHE C 374 5.15 9.37 -43.75
N GLN C 375 5.12 8.05 -43.55
CA GLN C 375 5.32 7.11 -44.64
C GLN C 375 4.02 6.41 -45.00
N PRO C 376 3.85 5.99 -46.27
CA PRO C 376 2.66 5.27 -46.69
C PRO C 376 2.59 3.85 -46.13
N THR D 1 -10.38 -11.11 20.59
CA THR D 1 -9.60 -9.87 20.59
C THR D 1 -9.14 -9.51 21.99
N ILE D 2 -7.83 -9.32 22.15
CA ILE D 2 -7.24 -8.89 23.41
C ILE D 2 -6.81 -7.43 23.24
N THR D 3 -7.36 -6.57 24.10
CA THR D 3 -7.11 -5.14 24.02
C THR D 3 -6.18 -4.71 25.15
N TYR D 4 -5.12 -3.99 24.79
CA TYR D 4 -4.20 -3.41 25.77
C TYR D 4 -3.87 -1.97 25.42
N THR D 5 -4.76 -1.31 24.69
CA THR D 5 -4.54 0.07 24.26
C THR D 5 -4.38 0.99 25.46
N SER D 6 -5.23 0.82 26.47
CA SER D 6 -5.11 1.62 27.68
C SER D 6 -3.77 1.41 28.38
N GLN D 7 -3.27 0.18 28.35
CA GLN D 7 -1.99 -0.12 28.97
C GLN D 7 -0.82 0.48 28.19
N VAL D 8 -0.92 0.55 26.87
CA VAL D 8 0.16 1.09 26.05
C VAL D 8 -0.16 2.52 25.59
N ALA D 9 -1.04 3.23 26.31
CA ALA D 9 -1.35 4.60 25.95
C ALA D 9 -0.11 5.48 25.93
N ASN D 10 0.73 5.37 26.96
CA ASN D 10 1.94 6.16 27.07
C ASN D 10 3.16 5.25 27.04
N ALA D 11 4.27 5.79 26.53
CA ALA D 11 5.54 5.06 26.48
C ALA D 11 6.27 5.24 27.80
N ARG D 12 5.73 4.60 28.84
CA ARG D 12 6.26 4.69 30.18
C ARG D 12 7.41 3.71 30.39
N LEU D 13 7.91 3.67 31.62
CA LEU D 13 9.02 2.79 31.96
C LEU D 13 8.57 1.34 31.93
N GLY D 14 9.15 0.55 31.03
CA GLY D 14 8.78 -0.84 30.88
C GLY D 14 7.36 -1.03 30.39
N SER D 15 6.91 -0.16 29.47
CA SER D 15 5.54 -0.25 28.98
C SER D 15 5.30 -1.58 28.27
N PHE D 16 6.23 -1.98 27.40
CA PHE D 16 6.15 -3.29 26.77
C PHE D 16 6.61 -4.41 27.69
N SER D 17 7.36 -4.08 28.74
CA SER D 17 7.76 -5.08 29.72
C SER D 17 6.56 -5.61 30.49
N ARG D 18 5.65 -4.71 30.88
CA ARG D 18 4.48 -5.12 31.64
C ARG D 18 3.51 -5.96 30.83
N LEU D 19 3.64 -5.99 29.50
CA LEU D 19 2.80 -6.85 28.68
C LEU D 19 3.25 -8.30 28.72
N LEU D 20 4.47 -8.57 29.17
CA LEU D 20 4.97 -9.94 29.27
C LEU D 20 4.31 -10.72 30.40
N LEU D 21 3.56 -10.05 31.27
CA LEU D 21 2.86 -10.72 32.36
C LEU D 21 1.45 -11.17 31.96
N CYS D 22 1.06 -10.96 30.71
CA CYS D 22 -0.25 -11.37 30.22
C CYS D 22 -0.22 -12.83 29.82
N TRP D 23 -1.34 -13.53 30.05
CA TRP D 23 -1.49 -14.93 29.68
C TRP D 23 -2.39 -15.18 28.49
N ARG D 24 -3.58 -14.59 28.47
CA ARG D 24 -4.51 -14.80 27.37
C ARG D 24 -3.95 -14.18 26.10
N GLY D 25 -3.98 -14.94 25.01
CA GLY D 25 -3.44 -14.46 23.76
C GLY D 25 -1.97 -14.17 23.78
N SER D 26 -1.19 -14.92 24.56
CA SER D 26 0.22 -14.63 24.77
C SER D 26 1.10 -15.70 24.10
N ILE D 27 2.39 -15.37 24.03
CA ILE D 27 3.35 -16.27 23.41
C ILE D 27 3.47 -17.57 24.21
N TYR D 28 3.46 -17.47 25.54
CA TYR D 28 3.54 -18.67 26.36
C TYR D 28 2.36 -19.59 26.11
N LYS D 29 1.15 -19.04 26.14
CA LYS D 29 -0.05 -19.84 25.89
C LYS D 29 -0.05 -20.41 24.48
N LEU D 30 0.56 -19.70 23.53
CA LEU D 30 0.56 -20.18 22.15
C LEU D 30 1.54 -21.33 21.94
N LEU D 31 2.74 -21.26 22.52
CA LEU D 31 3.79 -22.22 22.18
C LEU D 31 4.30 -23.03 23.37
N TYR D 32 3.55 -23.13 24.46
CA TYR D 32 4.02 -23.94 25.59
C TYR D 32 4.13 -25.42 25.21
N GLY D 33 3.19 -25.93 24.42
CA GLY D 33 3.25 -27.33 24.04
C GLY D 33 4.44 -27.62 23.14
N GLU D 34 4.67 -26.75 22.15
CA GLU D 34 5.83 -26.93 21.27
C GLU D 34 7.13 -26.82 22.06
N PHE D 35 7.19 -25.89 23.02
CA PHE D 35 8.39 -25.77 23.85
C PHE D 35 8.61 -27.01 24.69
N LEU D 36 7.53 -27.58 25.24
CA LEU D 36 7.66 -28.81 26.02
C LEU D 36 8.17 -29.96 25.16
N ILE D 37 7.65 -30.09 23.94
CA ILE D 37 8.11 -31.15 23.05
C ILE D 37 9.58 -30.95 22.70
N PHE D 38 9.96 -29.70 22.41
CA PHE D 38 11.36 -29.41 22.09
C PHE D 38 12.27 -29.73 23.27
N LEU D 39 11.84 -29.36 24.48
CA LEU D 39 12.61 -29.67 25.68
C LEU D 39 12.79 -31.17 25.85
N LEU D 40 11.70 -31.93 25.68
CA LEU D 40 11.77 -33.37 25.85
C LEU D 40 12.74 -33.98 24.84
N CYS D 41 12.64 -33.57 23.57
CA CYS D 41 13.53 -34.10 22.56
C CYS D 41 14.99 -33.75 22.84
N TYR D 42 15.24 -32.49 23.22
CA TYR D 42 16.60 -32.05 23.48
C TYR D 42 17.23 -32.83 24.61
N TYR D 43 16.49 -33.01 25.71
CA TYR D 43 17.08 -33.70 26.85
C TYR D 43 17.14 -35.20 26.65
N ILE D 44 16.25 -35.78 25.85
CA ILE D 44 16.38 -37.18 25.47
C ILE D 44 17.67 -37.39 24.68
N ILE D 45 17.92 -36.52 23.70
CA ILE D 45 19.15 -36.62 22.93
C ILE D 45 20.37 -36.41 23.82
N ARG D 46 20.28 -35.47 24.76
CA ARG D 46 21.40 -35.22 25.67
C ARG D 46 21.71 -36.43 26.52
N PHE D 47 20.69 -37.05 27.10
CA PHE D 47 20.91 -38.25 27.91
C PHE D 47 21.44 -39.41 27.08
N ILE D 48 20.92 -39.57 25.85
CA ILE D 48 21.43 -40.63 24.98
C ILE D 48 22.90 -40.42 24.67
N TYR D 49 23.31 -39.19 24.34
CA TYR D 49 24.71 -38.93 24.08
C TYR D 49 25.58 -39.07 25.33
N ARG D 50 25.04 -38.74 26.49
CA ARG D 50 25.85 -38.72 27.70
C ARG D 50 26.08 -40.12 28.27
N LEU D 51 25.01 -40.90 28.45
CA LEU D 51 25.10 -42.15 29.20
C LEU D 51 24.36 -43.28 28.47
N ALA D 52 24.49 -43.34 27.15
CA ALA D 52 23.93 -44.46 26.40
C ALA D 52 24.88 -44.96 25.32
N LEU D 53 25.98 -44.24 25.08
CA LEU D 53 26.88 -44.54 23.97
C LEU D 53 28.28 -44.86 24.50
N THR D 54 29.10 -45.42 23.62
CA THR D 54 30.49 -45.70 23.90
C THR D 54 31.36 -44.52 23.47
N GLU D 55 32.67 -44.64 23.70
CA GLU D 55 33.56 -43.50 23.45
C GLU D 55 33.62 -43.13 21.97
N GLU D 56 33.72 -44.12 21.09
CA GLU D 56 33.75 -43.83 19.66
C GLU D 56 32.44 -43.24 19.18
N GLN D 57 31.31 -43.76 19.68
CA GLN D 57 30.01 -43.20 19.32
C GLN D 57 29.87 -41.77 19.80
N GLN D 58 30.34 -41.47 21.01
CA GLN D 58 30.31 -40.09 21.50
C GLN D 58 31.20 -39.19 20.66
N LEU D 59 32.36 -39.68 20.24
CA LEU D 59 33.22 -38.88 19.37
C LEU D 59 32.53 -38.58 18.04
N MET D 60 31.86 -39.58 17.46
CA MET D 60 31.12 -39.35 16.23
C MET D 60 30.00 -38.36 16.44
N PHE D 61 29.30 -38.45 17.57
CA PHE D 61 28.23 -37.50 17.87
C PHE D 61 28.78 -36.09 18.01
N GLU D 62 29.94 -35.95 18.64
CA GLU D 62 30.58 -34.63 18.75
C GLU D 62 30.96 -34.07 17.39
N LYS D 63 31.49 -34.92 16.51
CA LYS D 63 31.80 -34.49 15.15
C LYS D 63 30.53 -34.02 14.45
N LEU D 64 29.44 -34.76 14.61
CA LEU D 64 28.17 -34.38 14.00
C LEU D 64 27.65 -33.05 14.57
N THR D 65 27.80 -32.85 15.88
CA THR D 65 27.36 -31.60 16.50
C THR D 65 28.16 -30.41 15.98
N LEU D 66 29.48 -30.59 15.86
CA LEU D 66 30.32 -29.53 15.30
C LEU D 66 29.93 -29.24 13.86
N TYR D 67 29.59 -30.28 13.10
CA TYR D 67 29.12 -30.07 11.73
C TYR D 67 27.77 -29.36 11.71
N CYS D 68 26.91 -29.65 12.68
CA CYS D 68 25.55 -29.12 12.67
C CYS D 68 25.50 -27.66 13.09
N ASP D 69 26.36 -27.25 14.03
CA ASP D 69 26.25 -25.90 14.58
C ASP D 69 26.51 -24.83 13.52
N SER D 70 27.39 -25.12 12.56
CA SER D 70 27.69 -24.14 11.52
C SER D 70 26.52 -23.99 10.55
N TYR D 71 25.69 -25.02 10.42
CA TYR D 71 24.57 -24.98 9.48
C TYR D 71 23.34 -24.29 10.04
N ILE D 72 23.49 -23.48 11.08
CA ILE D 72 22.37 -22.76 11.68
C ILE D 72 22.38 -21.34 11.13
N GLN D 73 21.46 -21.05 10.21
CA GLN D 73 21.43 -19.79 9.48
C GLN D 73 20.22 -18.99 9.93
N LEU D 74 20.46 -17.72 10.29
CA LEU D 74 19.40 -16.87 10.83
C LEU D 74 18.87 -15.86 9.82
N ILE D 75 19.72 -15.42 8.89
CA ILE D 75 19.26 -14.49 7.85
C ILE D 75 18.12 -15.06 7.02
N PRO D 76 18.18 -16.29 6.51
CA PRO D 76 17.07 -16.76 5.65
C PRO D 76 15.78 -16.96 6.41
N ILE D 77 15.83 -17.56 7.60
CA ILE D 77 14.61 -17.79 8.37
C ILE D 77 13.99 -16.45 8.78
N SER D 78 14.82 -15.50 9.20
CA SER D 78 14.31 -14.17 9.54
C SER D 78 13.70 -13.51 8.32
N PHE D 79 14.33 -13.65 7.15
CA PHE D 79 13.83 -13.00 5.95
C PHE D 79 12.47 -13.56 5.52
N VAL D 80 12.35 -14.89 5.51
CA VAL D 80 11.07 -15.46 5.10
C VAL D 80 10.00 -15.17 6.15
N LEU D 81 10.36 -15.21 7.43
CA LEU D 81 9.39 -14.96 8.49
C LEU D 81 8.86 -13.52 8.45
N GLY D 82 9.75 -12.56 8.22
CA GLY D 82 9.32 -11.17 8.21
C GLY D 82 8.28 -10.91 7.14
N PHE D 83 8.55 -11.36 5.92
CA PHE D 83 7.62 -11.10 4.83
C PHE D 83 6.34 -11.93 4.98
N TYR D 84 6.44 -13.17 5.44
CA TYR D 84 5.24 -13.98 5.64
C TYR D 84 4.34 -13.37 6.69
N VAL D 85 4.93 -12.92 7.81
CA VAL D 85 4.13 -12.34 8.88
C VAL D 85 3.55 -10.99 8.45
N THR D 86 4.31 -10.22 7.66
CA THR D 86 3.78 -8.97 7.12
C THR D 86 2.56 -9.23 6.24
N LEU D 87 2.64 -10.24 5.37
CA LEU D 87 1.50 -10.59 4.53
C LEU D 87 0.31 -11.03 5.37
N VAL D 88 0.56 -11.85 6.40
CA VAL D 88 -0.53 -12.33 7.23
C VAL D 88 -1.19 -11.18 7.98
N VAL D 89 -0.40 -10.25 8.51
CA VAL D 89 -0.96 -9.12 9.23
C VAL D 89 -1.75 -8.21 8.30
N THR D 90 -1.24 -7.97 7.09
CA THR D 90 -1.96 -7.15 6.13
C THR D 90 -3.30 -7.79 5.77
N ARG D 91 -3.31 -9.10 5.52
CA ARG D 91 -4.56 -9.78 5.20
C ARG D 91 -5.51 -9.77 6.39
N TRP D 92 -4.97 -9.90 7.62
CA TRP D 92 -5.81 -9.88 8.81
C TRP D 92 -6.51 -8.54 8.99
N TRP D 93 -5.75 -7.45 8.82
CA TRP D 93 -6.37 -6.13 8.93
C TRP D 93 -7.35 -5.87 7.79
N ASN D 94 -7.04 -6.34 6.59
CA ASN D 94 -8.00 -6.22 5.49
C ASN D 94 -9.28 -6.98 5.79
N GLN D 95 -9.15 -8.19 6.34
CA GLN D 95 -10.32 -8.98 6.69
C GLN D 95 -11.17 -8.27 7.73
N TYR D 96 -10.54 -7.62 8.70
CA TYR D 96 -11.34 -6.85 9.65
C TYR D 96 -12.00 -5.67 8.95
N GLU D 97 -11.27 -4.99 8.08
CA GLU D 97 -11.80 -3.83 7.36
C GLU D 97 -12.98 -4.21 6.47
N ASN D 98 -13.10 -5.47 6.10
CA ASN D 98 -14.22 -5.93 5.29
C ASN D 98 -15.38 -6.45 6.14
N LEU D 99 -15.32 -6.30 7.45
CA LEU D 99 -16.45 -6.64 8.30
C LEU D 99 -17.55 -5.61 8.09
N PRO D 100 -18.77 -6.01 7.74
CA PRO D 100 -19.81 -5.04 7.40
C PRO D 100 -20.43 -4.41 8.64
N TRP D 101 -20.44 -3.08 8.67
CA TRP D 101 -21.11 -2.32 9.72
C TRP D 101 -22.32 -1.62 9.13
N PRO D 102 -23.52 -1.86 9.65
CA PRO D 102 -24.73 -1.32 9.00
C PRO D 102 -25.04 0.11 9.40
N ASP D 103 -24.06 0.86 9.92
CA ASP D 103 -24.36 2.15 10.51
C ASP D 103 -24.81 3.18 9.46
N ARG D 104 -24.04 3.31 8.38
CA ARG D 104 -24.40 4.27 7.33
C ARG D 104 -25.73 3.90 6.70
N LEU D 105 -25.93 2.62 6.41
CA LEU D 105 -27.17 2.17 5.80
C LEU D 105 -28.35 2.39 6.74
N MET D 106 -28.16 2.15 8.04
CA MET D 106 -29.28 2.30 8.97
C MET D 106 -29.64 3.76 9.15
N SER D 107 -28.64 4.66 9.14
CA SER D 107 -28.92 6.08 9.18
C SER D 107 -29.70 6.52 7.95
N LEU D 108 -29.29 6.02 6.77
CA LEU D 108 -30.00 6.37 5.54
C LEU D 108 -31.42 5.81 5.55
N VAL D 109 -31.60 4.58 6.04
CA VAL D 109 -32.94 3.99 6.10
C VAL D 109 -33.83 4.81 7.02
N SER D 110 -33.34 5.11 8.22
CA SER D 110 -34.13 5.88 9.18
C SER D 110 -34.50 7.25 8.63
N GLY D 111 -33.57 7.91 7.95
CA GLY D 111 -33.88 9.20 7.37
C GLY D 111 -34.87 9.11 6.22
N PHE D 112 -34.63 8.20 5.28
CA PHE D 112 -35.31 8.19 4.00
C PHE D 112 -36.66 7.51 4.02
N VAL D 113 -36.77 6.34 4.63
CA VAL D 113 -38.02 5.59 4.56
C VAL D 113 -39.02 6.25 5.52
N GLU D 114 -40.03 6.89 4.94
CA GLU D 114 -40.98 7.69 5.71
C GLU D 114 -42.13 6.83 6.22
N GLY D 115 -42.79 7.35 7.26
CA GLY D 115 -43.93 6.66 7.83
C GLY D 115 -43.71 6.24 9.27
N LYS D 116 -44.43 6.89 10.18
CA LYS D 116 -44.39 6.53 11.59
C LYS D 116 -45.44 5.48 11.94
N ASP D 117 -46.16 4.97 10.96
CA ASP D 117 -47.19 3.97 11.18
C ASP D 117 -46.59 2.56 11.14
N GLU D 118 -47.47 1.57 11.27
CA GLU D 118 -47.02 0.17 11.31
C GLU D 118 -46.39 -0.24 10.00
N GLN D 119 -46.93 0.24 8.87
CA GLN D 119 -46.36 -0.11 7.57
C GLN D 119 -44.95 0.45 7.42
N GLY D 120 -44.74 1.70 7.82
CA GLY D 120 -43.41 2.28 7.77
C GLY D 120 -42.44 1.57 8.69
N ARG D 121 -42.90 1.24 9.90
CA ARG D 121 -42.07 0.47 10.82
C ARG D 121 -41.66 -0.87 10.20
N LEU D 122 -42.63 -1.57 9.61
CA LEU D 122 -42.34 -2.85 8.96
C LEU D 122 -41.33 -2.68 7.83
N LEU D 123 -41.50 -1.64 7.01
CA LEU D 123 -40.60 -1.42 5.89
C LEU D 123 -39.17 -1.19 6.37
N ARG D 124 -39.00 -0.27 7.31
CA ARG D 124 -37.66 0.04 7.81
C ARG D 124 -37.02 -1.16 8.49
N ARG D 125 -37.78 -1.83 9.35
CA ARG D 125 -37.23 -2.97 10.07
C ARG D 125 -36.88 -4.10 9.12
N THR D 126 -37.70 -4.33 8.10
CA THR D 126 -37.43 -5.40 7.13
C THR D 126 -36.19 -5.09 6.31
N LEU D 127 -36.01 -3.84 5.90
CA LEU D 127 -34.80 -3.49 5.15
C LEU D 127 -33.54 -3.70 6.00
N ILE D 128 -33.57 -3.19 7.23
CA ILE D 128 -32.37 -3.33 8.06
C ILE D 128 -32.16 -4.79 8.45
N ARG D 129 -33.23 -5.57 8.56
CA ARG D 129 -33.09 -7.00 8.85
C ARG D 129 -32.56 -7.77 7.65
N TYR D 130 -32.89 -7.33 6.43
CA TYR D 130 -32.26 -7.94 5.26
C TYR D 130 -30.76 -7.69 5.27
N ALA D 131 -30.35 -6.46 5.60
CA ALA D 131 -28.92 -6.18 5.70
C ALA D 131 -28.26 -7.05 6.77
N ASN D 132 -28.88 -7.12 7.95
CA ASN D 132 -28.31 -7.91 9.05
C ASN D 132 -28.29 -9.40 8.71
N LEU D 133 -29.30 -9.87 7.98
CA LEU D 133 -29.35 -11.28 7.60
C LEU D 133 -28.24 -11.62 6.61
N GLY D 134 -28.00 -10.75 5.63
CA GLY D 134 -26.87 -10.99 4.74
C GLY D 134 -25.55 -11.00 5.47
N ASN D 135 -25.37 -10.04 6.39
CA ASN D 135 -24.14 -10.01 7.17
C ASN D 135 -23.96 -11.29 7.99
N VAL D 136 -25.02 -11.74 8.66
CA VAL D 136 -24.90 -12.93 9.49
C VAL D 136 -24.73 -14.18 8.65
N LEU D 137 -25.28 -14.21 7.43
CA LEU D 137 -25.08 -15.35 6.55
C LEU D 137 -23.61 -15.47 6.17
N ILE D 138 -22.99 -14.37 5.73
CA ILE D 138 -21.58 -14.46 5.36
C ILE D 138 -20.73 -14.74 6.60
N LEU D 139 -21.11 -14.19 7.76
CA LEU D 139 -20.32 -14.39 8.96
C LEU D 139 -20.40 -15.84 9.45
N ARG D 140 -21.57 -16.47 9.35
CA ARG D 140 -21.67 -17.87 9.71
C ARG D 140 -21.02 -18.76 8.67
N SER D 141 -20.86 -18.28 7.43
CA SER D 141 -20.10 -19.05 6.45
C SER D 141 -18.60 -18.98 6.73
N VAL D 142 -18.10 -17.87 7.26
CA VAL D 142 -16.65 -17.66 7.37
C VAL D 142 -16.11 -17.78 8.79
N SER D 143 -16.97 -17.83 9.82
CA SER D 143 -16.51 -17.78 11.20
C SER D 143 -17.02 -18.98 11.98
N THR D 144 -16.11 -19.67 12.66
CA THR D 144 -16.47 -20.89 13.39
C THR D 144 -17.37 -20.58 14.58
N ALA D 145 -17.11 -19.47 15.28
CA ALA D 145 -17.95 -19.11 16.42
C ALA D 145 -19.38 -18.81 15.98
N VAL D 146 -19.54 -18.05 14.90
CA VAL D 146 -20.87 -17.74 14.41
C VAL D 146 -21.55 -18.99 13.89
N TYR D 147 -20.80 -19.89 13.26
CA TYR D 147 -21.39 -21.15 12.81
C TYR D 147 -21.85 -21.99 14.00
N LYS D 148 -21.06 -22.04 15.06
CA LYS D 148 -21.48 -22.79 16.25
C LYS D 148 -22.71 -22.17 16.89
N ARG D 149 -22.84 -20.84 16.80
CA ARG D 149 -24.04 -20.18 17.31
C ARG D 149 -25.26 -20.49 16.45
N PHE D 150 -25.09 -20.48 15.13
CA PHE D 150 -26.18 -20.72 14.18
C PHE D 150 -25.78 -21.83 13.22
N PRO D 151 -25.81 -23.09 13.67
CA PRO D 151 -25.40 -24.20 12.80
C PRO D 151 -26.37 -24.50 11.67
N SER D 152 -27.51 -23.82 11.59
CA SER D 152 -28.45 -24.08 10.51
C SER D 152 -29.36 -22.87 10.31
N ALA D 153 -30.01 -22.85 9.14
CA ALA D 153 -30.99 -21.80 8.86
C ALA D 153 -32.18 -21.89 9.82
N GLN D 154 -32.50 -23.10 10.31
CA GLN D 154 -33.51 -23.22 11.34
C GLN D 154 -33.07 -22.51 12.62
N HIS D 155 -31.78 -22.61 12.96
CA HIS D 155 -31.25 -21.86 14.10
C HIS D 155 -31.34 -20.36 13.84
N LEU D 156 -31.06 -19.94 12.60
CA LEU D 156 -31.21 -18.52 12.26
C LEU D 156 -32.64 -18.06 12.45
N VAL D 157 -33.60 -18.88 12.04
CA VAL D 157 -35.02 -18.53 12.20
C VAL D 157 -35.38 -18.45 13.67
N GLN D 158 -34.92 -19.41 14.47
CA GLN D 158 -35.24 -19.43 15.88
C GLN D 158 -34.60 -18.26 16.61
N ALA D 159 -33.46 -17.77 16.11
CA ALA D 159 -32.80 -16.63 16.72
C ALA D 159 -33.42 -15.30 16.33
N GLY D 160 -34.37 -15.30 15.39
CA GLY D 160 -35.03 -14.09 14.97
C GLY D 160 -34.40 -13.37 13.80
N PHE D 161 -33.26 -13.86 13.30
CA PHE D 161 -32.64 -13.23 12.15
C PHE D 161 -33.43 -13.45 10.87
N MET D 162 -34.06 -14.62 10.74
CA MET D 162 -34.82 -14.95 9.56
C MET D 162 -36.25 -15.29 9.95
N THR D 163 -37.20 -14.80 9.15
CA THR D 163 -38.59 -15.17 9.28
C THR D 163 -38.81 -16.54 8.64
N PRO D 164 -39.80 -17.30 9.10
CA PRO D 164 -40.12 -18.56 8.40
C PRO D 164 -40.44 -18.35 6.92
N ALA D 165 -41.09 -17.23 6.57
CA ALA D 165 -41.34 -16.93 5.16
C ALA D 165 -40.03 -16.73 4.41
N GLU D 166 -39.08 -16.02 5.01
CA GLU D 166 -37.78 -15.81 4.37
C GLU D 166 -37.03 -17.13 4.23
N HIS D 167 -37.14 -18.00 5.23
CA HIS D 167 -36.50 -19.32 5.15
C HIS D 167 -37.10 -20.14 4.01
N LYS D 168 -38.42 -20.13 3.88
CA LYS D 168 -39.06 -20.84 2.78
C LYS D 168 -38.65 -20.26 1.44
N GLN D 169 -38.56 -18.94 1.34
CA GLN D 169 -38.11 -18.31 0.10
C GLN D 169 -36.69 -18.71 -0.24
N LEU D 170 -35.80 -18.76 0.76
CA LEU D 170 -34.43 -19.19 0.52
C LEU D 170 -34.37 -20.64 0.05
N GLU D 171 -35.16 -21.51 0.68
CA GLU D 171 -35.19 -22.92 0.25
C GLU D 171 -35.72 -23.05 -1.17
N LYS D 172 -36.71 -22.23 -1.54
CA LYS D 172 -37.22 -22.24 -2.90
C LYS D 172 -36.14 -21.75 -3.89
N LEU D 173 -35.37 -20.74 -3.49
CA LEU D 173 -34.32 -20.19 -4.35
C LEU D 173 -33.02 -20.98 -4.29
N SER D 174 -32.96 -22.05 -3.51
CA SER D 174 -31.72 -22.79 -3.29
C SER D 174 -31.03 -23.18 -4.59
N LEU D 175 -29.75 -22.87 -4.67
CA LEU D 175 -28.84 -23.25 -5.74
C LEU D 175 -27.61 -23.86 -5.09
N PRO D 176 -26.82 -24.66 -5.84
CA PRO D 176 -25.63 -25.31 -5.26
C PRO D 176 -24.46 -24.35 -5.04
N HIS D 177 -24.75 -23.22 -4.38
CA HIS D 177 -23.74 -22.24 -4.01
C HIS D 177 -24.12 -21.65 -2.66
N ASN D 178 -23.26 -20.76 -2.16
CA ASN D 178 -23.57 -20.02 -0.94
C ASN D 178 -24.63 -18.97 -1.24
N MET D 179 -25.69 -18.96 -0.44
CA MET D 179 -26.85 -18.11 -0.68
C MET D 179 -26.80 -16.81 0.12
N PHE D 180 -25.61 -16.34 0.47
CA PHE D 180 -25.49 -15.10 1.23
C PHE D 180 -25.85 -13.87 0.40
N TRP D 181 -25.88 -13.98 -0.93
CA TRP D 181 -26.16 -12.84 -1.79
C TRP D 181 -27.65 -12.54 -1.91
N VAL D 182 -28.52 -13.46 -1.49
CA VAL D 182 -29.96 -13.28 -1.69
C VAL D 182 -30.51 -12.08 -0.96
N PRO D 183 -30.17 -11.80 0.31
CA PRO D 183 -30.76 -10.63 0.98
C PRO D 183 -30.47 -9.31 0.30
N TRP D 184 -29.40 -9.20 -0.48
CA TRP D 184 -29.14 -7.94 -1.18
C TRP D 184 -30.12 -7.73 -2.33
N VAL D 185 -30.45 -8.78 -3.07
CA VAL D 185 -31.48 -8.68 -4.09
C VAL D 185 -32.83 -8.41 -3.44
N TRP D 186 -33.09 -9.04 -2.30
CA TRP D 186 -34.31 -8.75 -1.55
C TRP D 186 -34.37 -7.28 -1.16
N PHE D 187 -33.26 -6.73 -0.66
CA PHE D 187 -33.21 -5.34 -0.26
C PHE D 187 -33.45 -4.41 -1.44
N ALA D 188 -32.83 -4.71 -2.58
CA ALA D 188 -33.02 -3.87 -3.76
C ALA D 188 -34.48 -3.87 -4.21
N ASN D 189 -35.10 -5.05 -4.26
CA ASN D 189 -36.49 -5.12 -4.70
C ASN D 189 -37.43 -4.46 -3.70
N LEU D 190 -37.17 -4.63 -2.41
CA LEU D 190 -38.01 -3.99 -1.40
C LEU D 190 -37.86 -2.47 -1.44
N SER D 191 -36.64 -1.97 -1.68
CA SER D 191 -36.45 -0.53 -1.78
C SER D 191 -37.14 0.03 -3.01
N MET D 192 -37.10 -0.70 -4.13
CA MET D 192 -37.82 -0.26 -5.32
C MET D 192 -39.33 -0.24 -5.06
N LYS D 193 -39.84 -1.26 -4.36
CA LYS D 193 -41.25 -1.30 -4.02
C LYS D 193 -41.63 -0.14 -3.10
N ALA D 194 -40.75 0.19 -2.15
CA ALA D 194 -41.00 1.32 -1.26
C ALA D 194 -41.03 2.63 -2.02
N TRP D 195 -40.11 2.81 -2.97
CA TRP D 195 -40.12 4.03 -3.78
C TRP D 195 -41.37 4.12 -4.63
N LEU D 196 -41.79 3.00 -5.22
CA LEU D 196 -43.01 3.01 -6.03
C LEU D 196 -44.25 3.26 -5.18
N GLY D 197 -44.24 2.82 -3.93
CA GLY D 197 -45.34 3.04 -3.02
C GLY D 197 -45.37 4.39 -2.36
N GLY D 198 -44.40 5.25 -2.62
CA GLY D 198 -44.35 6.57 -2.05
C GLY D 198 -43.65 6.69 -0.72
N ARG D 199 -43.22 5.57 -0.13
CA ARG D 199 -42.52 5.64 1.15
C ARG D 199 -41.15 6.28 1.02
N ILE D 200 -40.45 6.02 -0.08
CA ILE D 200 -39.21 6.73 -0.40
C ILE D 200 -39.58 7.85 -1.36
N ARG D 201 -39.33 9.09 -0.94
CA ARG D 201 -39.82 10.24 -1.69
C ARG D 201 -39.02 10.54 -2.95
N ASP D 202 -37.78 10.08 -3.05
CA ASP D 202 -37.03 10.45 -4.24
C ASP D 202 -36.11 9.34 -4.73
N PRO D 203 -35.98 9.18 -6.04
CA PRO D 203 -35.05 8.18 -6.58
C PRO D 203 -33.60 8.46 -6.22
N ILE D 204 -33.24 9.70 -5.90
CA ILE D 204 -31.88 9.96 -5.43
C ILE D 204 -31.66 9.35 -4.05
N LEU D 205 -32.69 9.41 -3.19
CA LEU D 205 -32.62 8.73 -1.90
C LEU D 205 -32.57 7.22 -2.10
N LEU D 206 -33.34 6.71 -3.06
CA LEU D 206 -33.26 5.29 -3.39
C LEU D 206 -31.85 4.90 -3.82
N GLN D 207 -31.22 5.74 -4.66
CA GLN D 207 -29.87 5.46 -5.12
C GLN D 207 -28.86 5.47 -3.97
N SER D 208 -29.00 6.41 -3.04
CA SER D 208 -28.11 6.45 -1.88
C SER D 208 -28.26 5.18 -1.05
N LEU D 209 -29.50 4.75 -0.81
CA LEU D 209 -29.74 3.53 -0.06
C LEU D 209 -29.08 2.34 -0.74
N LEU D 210 -29.26 2.23 -2.06
CA LEU D 210 -28.71 1.09 -2.78
C LEU D 210 -27.19 1.16 -2.87
N ASN D 211 -26.61 2.36 -2.86
CA ASN D 211 -25.15 2.49 -2.83
C ASN D 211 -24.59 1.97 -1.51
N GLU D 212 -25.22 2.33 -0.39
CA GLU D 212 -24.77 1.81 0.89
C GLU D 212 -24.93 0.30 0.96
N MET D 213 -26.05 -0.21 0.45
CA MET D 213 -26.27 -1.65 0.45
C MET D 213 -25.26 -2.37 -0.42
N ASN D 214 -24.89 -1.77 -1.56
CA ASN D 214 -23.85 -2.32 -2.42
C ASN D 214 -22.49 -2.33 -1.75
N THR D 215 -22.18 -1.28 -0.98
CA THR D 215 -20.93 -1.28 -0.22
C THR D 215 -20.90 -2.44 0.77
N LEU D 216 -22.02 -2.67 1.47
CA LEU D 216 -22.08 -3.82 2.37
C LEU D 216 -21.91 -5.13 1.61
N ARG D 217 -22.52 -5.23 0.42
CA ARG D 217 -22.36 -6.44 -0.39
C ARG D 217 -20.92 -6.66 -0.79
N THR D 218 -20.22 -5.59 -1.16
CA THR D 218 -18.81 -5.72 -1.53
C THR D 218 -17.97 -6.17 -0.35
N GLN D 219 -18.25 -5.63 0.85
CA GLN D 219 -17.53 -6.07 2.04
C GLN D 219 -17.76 -7.56 2.31
N CYS D 220 -19.01 -8.01 2.18
CA CYS D 220 -19.30 -9.42 2.41
C CYS D 220 -18.64 -10.31 1.37
N GLY D 221 -18.61 -9.85 0.11
CA GLY D 221 -17.91 -10.59 -0.93
C GLY D 221 -16.42 -10.69 -0.66
N HIS D 222 -15.83 -9.61 -0.14
CA HIS D 222 -14.42 -9.66 0.23
C HIS D 222 -14.19 -10.64 1.38
N LEU D 223 -15.10 -10.68 2.35
CA LEU D 223 -14.98 -11.66 3.43
C LEU D 223 -15.03 -13.09 2.88
N TYR D 224 -15.97 -13.35 1.97
CA TYR D 224 -16.04 -14.67 1.35
C TYR D 224 -14.76 -14.99 0.57
N ALA D 225 -14.22 -13.99 -0.13
CA ALA D 225 -13.01 -14.19 -0.91
C ALA D 225 -11.82 -14.53 -0.01
N TYR D 226 -11.69 -13.84 1.12
CA TYR D 226 -10.61 -14.12 2.04
C TYR D 226 -10.77 -15.51 2.68
N ASP D 227 -12.01 -15.90 2.97
CA ASP D 227 -12.23 -17.24 3.49
C ASP D 227 -11.88 -18.31 2.47
N TRP D 228 -12.20 -18.06 1.20
CA TRP D 228 -12.03 -19.08 0.16
C TRP D 228 -10.57 -19.17 -0.29
N ILE D 229 -10.01 -18.07 -0.79
CA ILE D 229 -8.66 -18.05 -1.33
C ILE D 229 -7.69 -17.90 -0.15
N SER D 230 -7.15 -19.02 0.31
CA SER D 230 -6.19 -19.00 1.40
C SER D 230 -4.84 -18.51 0.92
N ILE D 231 -3.97 -18.17 1.89
CA ILE D 231 -2.57 -17.93 1.56
C ILE D 231 -2.00 -19.19 0.94
N PRO D 232 -1.18 -19.10 -0.11
CA PRO D 232 -0.71 -20.31 -0.79
C PRO D 232 -0.09 -21.33 0.15
N LEU D 233 -0.56 -22.58 0.01
CA LEU D 233 -0.07 -23.66 0.85
C LEU D 233 1.42 -23.87 0.67
N VAL D 234 1.94 -23.62 -0.53
CA VAL D 234 3.38 -23.74 -0.76
C VAL D 234 4.14 -22.71 0.08
N TYR D 235 3.64 -21.48 0.16
CA TYR D 235 4.29 -20.45 0.96
C TYR D 235 4.24 -20.79 2.44
N THR D 236 3.07 -21.21 2.91
CA THR D 236 2.94 -21.60 4.32
C THR D 236 3.86 -22.77 4.64
N GLN D 237 3.90 -23.76 3.77
CA GLN D 237 4.76 -24.93 3.98
C GLN D 237 6.23 -24.54 3.95
N VAL D 238 6.60 -23.57 3.11
CA VAL D 238 7.99 -23.14 3.03
C VAL D 238 8.41 -22.49 4.35
N VAL D 239 7.57 -21.60 4.88
CA VAL D 239 7.93 -20.93 6.13
C VAL D 239 7.96 -21.94 7.29
N THR D 240 7.01 -22.88 7.30
CA THR D 240 7.01 -23.92 8.33
C THR D 240 8.24 -24.79 8.23
N VAL D 241 8.63 -25.17 7.01
CA VAL D 241 9.82 -25.98 6.80
C VAL D 241 11.06 -25.24 7.27
N ALA D 242 11.16 -23.96 6.97
CA ALA D 242 12.30 -23.18 7.44
C ALA D 242 12.41 -23.21 8.95
N VAL D 243 11.31 -22.88 9.64
CA VAL D 243 11.35 -22.80 11.10
C VAL D 243 11.67 -24.16 11.71
N TYR D 244 11.01 -25.21 11.22
CA TYR D 244 11.15 -26.51 11.84
C TYR D 244 12.49 -27.16 11.50
N SER D 245 13.03 -26.91 10.30
CA SER D 245 14.38 -27.36 9.99
C SER D 245 15.40 -26.66 10.88
N PHE D 246 15.22 -25.36 11.12
CA PHE D 246 16.08 -24.63 12.05
C PHE D 246 16.07 -25.30 13.42
N PHE D 247 14.89 -25.53 13.97
CA PHE D 247 14.84 -26.05 15.33
C PHE D 247 14.97 -27.57 15.40
N LEU D 248 15.10 -28.24 14.27
CA LEU D 248 15.51 -29.64 14.27
C LEU D 248 17.01 -29.79 14.16
N THR D 249 17.70 -28.93 13.42
CA THR D 249 19.16 -28.99 13.40
C THR D 249 19.73 -28.41 14.69
N CYS D 250 19.01 -27.49 15.34
CA CYS D 250 19.47 -26.99 16.63
C CYS D 250 19.47 -28.06 17.69
N LEU D 251 18.56 -29.04 17.59
CA LEU D 251 18.48 -30.11 18.58
C LEU D 251 19.80 -30.85 18.71
N VAL D 252 20.55 -30.98 17.62
CA VAL D 252 21.85 -31.62 17.64
C VAL D 252 22.99 -30.62 17.74
N GLY D 253 22.93 -29.50 17.02
CA GLY D 253 24.03 -28.56 17.03
C GLY D 253 24.12 -27.68 18.26
N ARG D 254 23.15 -27.78 19.17
CA ARG D 254 23.16 -26.98 20.40
C ARG D 254 23.32 -27.85 21.63
N GLN D 255 23.89 -29.05 21.45
CA GLN D 255 24.12 -29.96 22.56
C GLN D 255 25.45 -29.63 23.24
N PHE D 256 25.45 -29.73 24.57
CA PHE D 256 26.62 -29.39 25.37
C PHE D 256 27.59 -30.57 25.34
N LEU D 257 28.61 -30.46 24.49
CA LEU D 257 29.62 -31.51 24.39
C LEU D 257 30.45 -31.57 25.67
N ASN D 258 31.27 -32.60 25.77
CA ASN D 258 32.11 -32.76 26.94
C ASN D 258 33.14 -31.63 26.99
N PRO D 259 33.21 -30.88 28.09
CA PRO D 259 34.18 -29.77 28.16
C PRO D 259 35.63 -30.23 28.20
N ALA D 260 35.89 -31.50 28.50
CA ALA D 260 37.26 -31.97 28.61
C ALA D 260 37.98 -31.90 27.27
N LYS D 261 37.26 -32.08 26.17
CA LYS D 261 37.86 -32.06 24.85
C LYS D 261 38.29 -30.67 24.41
N ALA D 262 37.92 -29.63 25.17
CA ALA D 262 38.38 -28.26 24.93
C ALA D 262 38.02 -27.77 23.52
N TYR D 263 36.77 -27.97 23.14
CA TYR D 263 36.30 -27.46 21.85
C TYR D 263 36.24 -25.93 21.90
N PRO D 264 36.37 -25.28 20.74
CA PRO D 264 36.36 -23.80 20.72
C PRO D 264 35.10 -23.20 21.34
N GLY D 265 33.94 -23.81 21.15
CA GLY D 265 32.70 -23.24 21.65
C GLY D 265 32.00 -24.08 22.69
N HIS D 266 32.62 -25.18 23.11
CA HIS D 266 32.02 -26.12 24.05
C HIS D 266 32.95 -26.35 25.23
N GLU D 267 33.49 -25.26 25.78
CA GLU D 267 34.35 -25.34 26.95
C GLU D 267 33.56 -25.44 28.25
N LEU D 268 32.27 -25.12 28.23
CA LEU D 268 31.46 -25.06 29.44
C LEU D 268 30.19 -25.88 29.26
N ASP D 269 29.77 -26.56 30.32
CA ASP D 269 28.56 -27.36 30.34
C ASP D 269 27.53 -26.63 31.20
N LEU D 270 26.70 -25.82 30.56
CA LEU D 270 25.65 -25.08 31.24
C LEU D 270 24.38 -25.88 31.44
N VAL D 271 24.33 -27.12 30.92
CA VAL D 271 23.16 -27.99 31.02
C VAL D 271 22.01 -27.41 30.20
N VAL D 272 21.50 -26.26 30.59
CA VAL D 272 20.36 -25.64 29.93
C VAL D 272 20.88 -24.74 28.82
N PRO D 273 20.39 -24.88 27.58
CA PRO D 273 20.73 -23.93 26.52
C PRO D 273 19.82 -22.71 26.51
N VAL D 274 20.15 -21.72 27.35
CA VAL D 274 19.24 -20.59 27.54
C VAL D 274 19.10 -19.78 26.25
N PHE D 275 20.18 -19.64 25.49
CA PHE D 275 20.08 -18.87 24.25
C PHE D 275 19.33 -19.65 23.16
N THR D 276 19.51 -20.97 23.10
CA THR D 276 18.71 -21.76 22.17
C THR D 276 17.23 -21.66 22.52
N PHE D 277 16.91 -21.68 23.81
CA PHE D 277 15.50 -21.54 24.21
C PHE D 277 14.97 -20.15 23.92
N LEU D 278 15.80 -19.12 24.08
CA LEU D 278 15.38 -17.76 23.73
C LEU D 278 15.11 -17.66 22.23
N GLN D 279 15.98 -18.24 21.41
CA GLN D 279 15.75 -18.25 19.97
C GLN D 279 14.50 -19.02 19.61
N PHE D 280 14.26 -20.14 20.30
CA PHE D 280 13.03 -20.89 20.08
C PHE D 280 11.81 -20.02 20.38
N PHE D 281 11.81 -19.36 21.53
CA PHE D 281 10.71 -18.47 21.88
C PHE D 281 10.50 -17.42 20.79
N PHE D 282 11.58 -16.74 20.41
CA PHE D 282 11.47 -15.64 19.44
C PHE D 282 10.91 -16.14 18.11
N TYR D 283 11.54 -17.16 17.52
CA TYR D 283 11.17 -17.56 16.17
C TYR D 283 9.82 -18.28 16.14
N VAL D 284 9.58 -19.18 17.11
CA VAL D 284 8.31 -19.89 17.12
C VAL D 284 7.17 -18.94 17.46
N GLY D 285 7.41 -17.91 18.28
CA GLY D 285 6.39 -16.90 18.51
C GLY D 285 6.13 -16.06 17.27
N TRP D 286 7.19 -15.73 16.53
CA TRP D 286 7.00 -15.02 15.27
C TRP D 286 6.15 -15.85 14.31
N LEU D 287 6.36 -17.16 14.28
CA LEU D 287 5.53 -18.03 13.45
C LEU D 287 4.12 -18.14 14.00
N LYS D 288 3.97 -18.16 15.32
CA LYS D 288 2.65 -18.29 15.93
C LYS D 288 1.81 -17.05 15.72
N VAL D 289 2.45 -15.90 15.49
CA VAL D 289 1.70 -14.71 15.10
C VAL D 289 0.92 -14.99 13.81
N ALA D 290 1.61 -15.52 12.80
CA ALA D 290 0.96 -15.87 11.54
C ALA D 290 -0.03 -17.02 11.73
N GLU D 291 0.31 -17.98 12.59
CA GLU D 291 -0.60 -19.09 12.85
C GLU D 291 -1.92 -18.60 13.44
N GLN D 292 -1.87 -17.63 14.34
CA GLN D 292 -3.09 -17.12 14.95
C GLN D 292 -3.85 -16.21 13.99
N LEU D 293 -3.14 -15.38 13.22
CA LEU D 293 -3.81 -14.39 12.38
C LEU D 293 -4.19 -14.92 11.00
N ILE D 294 -3.78 -16.13 10.64
CA ILE D 294 -4.03 -16.60 9.28
C ILE D 294 -5.52 -16.79 9.04
N ASN D 295 -6.26 -17.22 10.07
CA ASN D 295 -7.72 -17.24 10.06
C ASN D 295 -8.20 -16.45 11.26
N PRO D 296 -8.51 -15.17 11.09
CA PRO D 296 -8.93 -14.34 12.22
C PRO D 296 -10.37 -14.55 12.65
N PHE D 297 -11.04 -15.59 12.17
CA PHE D 297 -12.43 -15.86 12.52
C PHE D 297 -12.59 -17.19 13.26
N GLY D 298 -11.49 -17.73 13.79
CA GLY D 298 -11.55 -18.93 14.60
C GLY D 298 -11.96 -18.63 16.03
N GLU D 299 -11.42 -19.41 16.97
CA GLU D 299 -11.71 -19.25 18.38
C GLU D 299 -10.48 -18.87 19.18
N ASP D 300 -9.46 -18.30 18.54
CA ASP D 300 -8.29 -17.82 19.27
C ASP D 300 -8.64 -16.60 20.11
N ASP D 301 -7.77 -16.29 21.07
CA ASP D 301 -7.99 -15.12 21.92
C ASP D 301 -7.95 -13.84 21.11
N ASP D 302 -7.08 -13.76 20.11
CA ASP D 302 -6.91 -12.56 19.31
C ASP D 302 -7.76 -12.57 18.05
N ASP D 303 -8.65 -13.54 17.90
CA ASP D 303 -9.59 -13.50 16.78
C ASP D 303 -10.72 -12.53 17.07
N PHE D 304 -11.43 -12.16 16.00
CA PHE D 304 -12.46 -11.14 16.11
C PHE D 304 -13.67 -11.65 16.90
N GLU D 305 -14.34 -10.71 17.59
CA GLU D 305 -15.54 -11.03 18.35
C GLU D 305 -16.76 -10.88 17.43
N THR D 306 -16.87 -11.84 16.52
CA THR D 306 -17.91 -11.78 15.49
C THR D 306 -19.31 -11.90 16.08
N ASN D 307 -19.47 -12.72 17.12
CA ASN D 307 -20.77 -12.86 17.75
C ASN D 307 -21.22 -11.56 18.40
N TRP D 308 -20.31 -10.89 19.11
CA TRP D 308 -20.63 -9.58 19.68
C TRP D 308 -20.94 -8.58 18.59
N ILE D 309 -20.19 -8.62 17.49
CA ILE D 309 -20.44 -7.69 16.38
C ILE D 309 -21.83 -7.91 15.83
N VAL D 310 -22.23 -9.18 15.67
CA VAL D 310 -23.56 -9.50 15.15
C VAL D 310 -24.64 -8.97 16.09
N ASP D 311 -24.49 -9.23 17.39
CA ASP D 311 -25.50 -8.79 18.34
C ASP D 311 -25.61 -7.27 18.38
N ARG D 312 -24.47 -6.59 18.43
CA ARG D 312 -24.46 -5.14 18.48
C ARG D 312 -25.07 -4.55 17.20
N ASN D 313 -24.72 -5.11 16.04
CA ASN D 313 -25.27 -4.62 14.79
C ASN D 313 -26.78 -4.77 14.76
N LEU D 314 -27.29 -5.94 15.18
CA LEU D 314 -28.74 -6.15 15.18
C LEU D 314 -29.42 -5.14 16.10
N GLN D 315 -28.97 -5.04 17.35
CA GLN D 315 -29.64 -4.15 18.30
C GLN D 315 -29.59 -2.70 17.83
N VAL D 316 -28.39 -2.23 17.45
CA VAL D 316 -28.21 -0.83 17.10
C VAL D 316 -29.01 -0.49 15.84
N SER D 317 -28.95 -1.35 14.82
CA SER D 317 -29.67 -1.08 13.59
C SER D 317 -31.18 -1.07 13.81
N LEU D 318 -31.71 -2.03 14.58
CA LEU D 318 -33.14 -2.06 14.84
C LEU D 318 -33.57 -0.81 15.60
N LEU D 319 -32.80 -0.42 16.62
CA LEU D 319 -33.14 0.78 17.38
C LEU D 319 -33.12 2.01 16.49
N ALA D 320 -32.07 2.16 15.66
CA ALA D 320 -31.94 3.33 14.83
C ALA D 320 -33.07 3.44 13.82
N VAL D 321 -33.45 2.32 13.20
CA VAL D 321 -34.48 2.40 12.18
C VAL D 321 -35.89 2.47 12.76
N ASP D 322 -36.12 1.96 13.97
CA ASP D 322 -37.46 1.94 14.53
C ASP D 322 -37.72 3.07 15.51
N GLU D 323 -36.94 3.14 16.59
CA GLU D 323 -37.24 4.10 17.64
C GLU D 323 -36.71 5.49 17.33
N MET D 324 -35.58 5.59 16.64
CA MET D 324 -34.93 6.86 16.39
C MET D 324 -35.42 7.55 15.14
N HIS D 325 -36.34 6.93 14.39
CA HIS D 325 -36.84 7.54 13.17
C HIS D 325 -37.72 8.75 13.50
N GLN D 326 -37.31 9.92 13.01
CA GLN D 326 -38.02 11.17 13.26
C GLN D 326 -38.23 11.43 14.74
N ASP D 327 -37.28 10.98 15.56
CA ASP D 327 -37.33 11.15 17.01
C ASP D 327 -36.08 11.93 17.40
N LEU D 328 -36.18 13.25 17.37
CA LEU D 328 -35.04 14.12 17.60
C LEU D 328 -35.16 14.82 18.95
N PRO D 329 -34.04 15.10 19.60
CA PRO D 329 -34.07 15.99 20.76
C PRO D 329 -34.49 17.38 20.35
N ARG D 330 -35.08 18.11 21.30
CA ARG D 330 -35.60 19.44 21.00
C ARG D 330 -34.48 20.35 20.51
N MET D 331 -34.75 21.09 19.44
CA MET D 331 -33.78 22.01 18.86
C MET D 331 -33.88 23.34 19.59
N GLU D 332 -32.84 23.67 20.35
CA GLU D 332 -32.78 24.89 21.12
C GLU D 332 -31.42 25.54 20.92
N PRO D 333 -31.31 26.85 21.08
CA PRO D 333 -30.00 27.51 20.99
C PRO D 333 -29.02 26.93 22.00
N ASP D 334 -27.77 26.81 21.58
CA ASP D 334 -26.76 26.13 22.37
C ASP D 334 -26.05 27.12 23.30
N MET D 335 -24.99 26.64 23.96
CA MET D 335 -24.27 27.47 24.92
C MET D 335 -23.56 28.64 24.26
N TYR D 336 -23.09 28.45 23.04
CA TYR D 336 -22.33 29.46 22.30
C TYR D 336 -23.16 30.12 21.22
N TRP D 337 -24.43 30.41 21.52
CA TRP D 337 -25.36 30.92 20.52
C TRP D 337 -24.87 32.21 19.90
N ASN D 338 -24.37 33.14 20.71
CA ASN D 338 -23.89 34.43 20.22
C ASN D 338 -22.43 34.66 20.60
N LYS D 339 -21.65 33.59 20.71
CA LYS D 339 -20.23 33.68 21.00
C LYS D 339 -19.45 33.42 19.72
N PRO D 340 -18.79 34.44 19.14
CA PRO D 340 -18.06 34.21 17.89
C PRO D 340 -16.93 33.19 18.01
N GLU D 341 -16.27 33.11 19.17
CA GLU D 341 -15.15 32.20 19.39
C GLU D 341 -15.41 31.39 20.64
N PRO D 342 -16.13 30.26 20.53
CA PRO D 342 -16.38 29.42 21.70
C PRO D 342 -15.09 28.86 22.27
N GLN D 343 -15.04 28.75 23.60
CA GLN D 343 -13.89 28.19 24.30
C GLN D 343 -14.39 27.26 25.39
N PRO D 344 -14.57 25.97 25.08
CA PRO D 344 -14.99 25.01 26.09
C PRO D 344 -13.96 24.90 27.20
N PRO D 345 -14.38 24.70 28.44
CA PRO D 345 -13.43 24.67 29.56
C PRO D 345 -12.60 23.40 29.59
N TYR D 346 -11.51 23.48 30.34
CA TYR D 346 -10.64 22.34 30.59
C TYR D 346 -10.71 21.95 32.06
N THR D 347 -10.69 20.65 32.34
CA THR D 347 -10.66 20.19 33.71
C THR D 347 -9.27 20.41 34.31
N ALA D 348 -9.18 20.24 35.63
CA ALA D 348 -7.89 20.35 36.29
C ALA D 348 -6.93 19.25 35.84
N ALA D 349 -7.46 18.09 35.46
CA ALA D 349 -6.63 16.99 35.00
C ALA D 349 -6.21 17.15 33.54
N SER D 350 -6.86 18.02 32.77
CA SER D 350 -6.56 18.20 31.36
C SER D 350 -6.12 19.61 31.00
N ALA D 351 -5.90 20.47 31.99
CA ALA D 351 -5.51 21.84 31.69
C ALA D 351 -4.15 21.91 31.00
N GLN D 352 -3.31 20.88 31.14
CA GLN D 352 -2.00 20.90 30.52
C GLN D 352 -2.04 20.54 29.04
N PHE D 353 -3.18 20.06 28.54
CA PHE D 353 -3.31 19.72 27.14
C PHE D 353 -3.79 20.87 26.28
N ARG D 354 -4.02 22.04 26.86
CA ARG D 354 -4.40 23.23 26.10
C ARG D 354 -3.20 23.71 25.29
N ARG D 355 -3.33 23.69 23.97
CA ARG D 355 -2.25 24.04 23.06
C ARG D 355 -2.55 25.22 22.16
N ALA D 356 -1.50 25.96 21.82
CA ALA D 356 -1.64 27.02 20.84
C ALA D 356 -1.73 26.33 19.48
N SER D 357 -2.43 27.00 18.55
CA SER D 357 -2.63 26.42 17.23
C SER D 357 -1.31 26.41 16.45
N PHE D 358 -1.14 25.37 15.64
CA PHE D 358 -0.02 25.30 14.71
C PHE D 358 -0.40 26.04 13.44
N MET D 359 0.29 27.14 13.16
CA MET D 359 -0.05 28.01 12.04
C MET D 359 0.72 27.68 10.77
N GLY D 360 1.53 26.63 10.78
CA GLY D 360 2.34 26.29 9.63
C GLY D 360 3.82 26.37 9.94
N SER D 361 4.63 25.60 9.21
CA SER D 361 6.07 25.57 9.47
C SER D 361 6.76 26.84 9.02
N THR D 362 6.16 27.60 8.12
CA THR D 362 6.76 28.82 7.60
C THR D 362 6.40 30.06 8.42
N PHE D 363 5.65 29.89 9.51
CA PHE D 363 5.18 31.04 10.27
C PHE D 363 6.33 31.83 10.87
N ASN D 364 7.35 31.15 11.38
CA ASN D 364 8.43 31.80 12.11
C ASN D 364 9.60 32.21 11.22
N ILE D 365 9.48 32.06 9.89
CA ILE D 365 10.57 32.48 9.01
C ILE D 365 10.74 33.99 9.10
N SER D 366 11.96 34.42 9.38
CA SER D 366 12.28 35.83 9.55
C SER D 366 12.88 36.38 8.26
N LEU D 367 12.29 37.44 7.73
CA LEU D 367 12.74 38.06 6.50
C LEU D 367 13.03 39.54 6.76
N ASN D 368 14.12 40.03 6.15
CA ASN D 368 14.44 41.44 6.27
C ASN D 368 13.41 42.28 5.53
N LYS D 369 13.47 43.59 5.77
CA LYS D 369 12.54 44.49 5.10
C LYS D 369 12.74 44.47 3.60
N GLU D 370 14.00 44.64 3.15
CA GLU D 370 14.27 44.73 1.72
C GLU D 370 13.98 43.41 1.01
N GLU D 371 14.04 42.30 1.74
CA GLU D 371 13.77 41.00 1.13
C GLU D 371 12.29 40.84 0.79
N MET D 372 11.43 41.73 1.25
CA MET D 372 9.99 41.57 1.13
C MET D 372 9.35 42.48 0.08
N GLU D 373 10.10 43.41 -0.51
CA GLU D 373 9.55 44.21 -1.60
C GLU D 373 9.36 43.36 -2.85
N PHE D 374 8.23 43.54 -3.52
CA PHE D 374 7.99 42.87 -4.78
C PHE D 374 8.94 43.41 -5.85
N GLN D 375 9.49 42.51 -6.65
CA GLN D 375 10.40 43.05 -7.66
C GLN D 375 9.67 43.25 -8.98
N PRO D 376 10.01 44.30 -9.73
CA PRO D 376 9.38 44.56 -11.02
C PRO D 376 9.88 43.63 -12.12
N THR E 1 7.07 -4.00 -24.29
CA THR E 1 6.51 -4.98 -23.36
C THR E 1 6.77 -6.41 -23.85
N ILE E 2 7.41 -7.21 -23.00
CA ILE E 2 7.68 -8.61 -23.29
C ILE E 2 6.72 -9.44 -22.45
N THR E 3 5.93 -10.28 -23.10
CA THR E 3 4.91 -11.08 -22.44
C THR E 3 5.31 -12.55 -22.48
N TYR E 4 5.28 -13.20 -21.30
CA TYR E 4 5.55 -14.61 -21.18
C TYR E 4 4.52 -15.29 -20.28
N THR E 5 3.33 -14.70 -20.18
CA THR E 5 2.29 -15.22 -19.30
C THR E 5 1.88 -16.63 -19.71
N SER E 6 1.75 -16.88 -21.00
CA SER E 6 1.42 -18.22 -21.48
C SER E 6 2.50 -19.22 -21.12
N GLN E 7 3.75 -18.80 -21.14
CA GLN E 7 4.87 -19.68 -20.77
C GLN E 7 4.96 -19.93 -19.28
N VAL E 8 4.49 -19.02 -18.45
CA VAL E 8 4.53 -19.20 -17.01
C VAL E 8 3.12 -19.47 -16.44
N ALA E 9 2.20 -19.93 -17.28
CA ALA E 9 0.85 -20.24 -16.81
C ALA E 9 0.87 -21.30 -15.71
N ASN E 10 1.63 -22.35 -15.89
CA ASN E 10 1.72 -23.44 -14.93
C ASN E 10 3.13 -23.54 -14.36
N ALA E 11 3.21 -24.02 -13.12
CA ALA E 11 4.49 -24.23 -12.45
C ALA E 11 5.00 -25.61 -12.84
N ARG E 12 5.72 -25.67 -13.95
CA ARG E 12 6.23 -26.93 -14.49
C ARG E 12 7.70 -27.11 -14.13
N LEU E 13 8.29 -28.18 -14.64
CA LEU E 13 9.69 -28.46 -14.39
C LEU E 13 10.56 -27.46 -15.14
N GLY E 14 11.32 -26.66 -14.40
CA GLY E 14 12.16 -25.63 -14.99
C GLY E 14 11.38 -24.54 -15.68
N SER E 15 10.25 -24.14 -15.08
CA SER E 15 9.41 -23.13 -15.69
C SER E 15 10.15 -21.81 -15.84
N PHE E 16 10.83 -21.38 -14.77
CA PHE E 16 11.67 -20.19 -14.84
C PHE E 16 13.01 -20.46 -15.52
N SER E 17 13.42 -21.72 -15.60
CA SER E 17 14.63 -22.07 -16.32
C SER E 17 14.50 -21.84 -17.82
N ARG E 18 13.34 -22.17 -18.39
CA ARG E 18 13.13 -21.98 -19.82
C ARG E 18 13.06 -20.51 -20.21
N LEU E 19 12.90 -19.60 -19.24
CA LEU E 19 12.94 -18.17 -19.53
C LEU E 19 14.36 -17.63 -19.69
N LEU E 20 15.38 -18.42 -19.35
CA LEU E 20 16.76 -17.99 -19.51
C LEU E 20 17.25 -18.07 -20.95
N LEU E 21 16.47 -18.66 -21.85
CA LEU E 21 16.83 -18.77 -23.26
C LEU E 21 16.29 -17.61 -24.09
N CYS E 22 15.69 -16.62 -23.46
CA CYS E 22 15.13 -15.46 -24.15
C CYS E 22 16.21 -14.40 -24.35
N TRP E 23 16.08 -13.64 -25.43
CA TRP E 23 17.01 -12.56 -25.75
C TRP E 23 16.32 -11.22 -25.58
N ARG E 24 15.09 -11.09 -26.08
CA ARG E 24 14.37 -9.82 -25.98
C ARG E 24 14.04 -9.45 -24.55
N GLY E 25 14.42 -8.25 -24.14
CA GLY E 25 14.22 -7.81 -22.78
C GLY E 25 14.89 -8.68 -21.74
N SER E 26 16.07 -9.20 -22.03
CA SER E 26 16.75 -10.14 -21.15
C SER E 26 17.94 -9.49 -20.45
N ILE E 27 18.39 -10.17 -19.40
CA ILE E 27 19.53 -9.69 -18.62
C ILE E 27 20.79 -9.64 -19.49
N TYR E 28 20.98 -10.64 -20.35
CA TYR E 28 22.15 -10.63 -21.22
C TYR E 28 22.15 -9.41 -22.13
N LYS E 29 21.03 -9.17 -22.81
CA LYS E 29 20.93 -8.00 -23.69
C LYS E 29 21.09 -6.71 -22.90
N LEU E 30 20.67 -6.70 -21.64
CA LEU E 30 20.73 -5.47 -20.86
C LEU E 30 22.15 -5.16 -20.39
N LEU E 31 22.94 -6.17 -20.00
CA LEU E 31 24.22 -5.90 -19.36
C LEU E 31 25.42 -6.53 -20.08
N TYR E 32 25.29 -6.93 -21.35
CA TYR E 32 26.44 -7.53 -22.02
C TYR E 32 27.58 -6.54 -22.19
N GLY E 33 27.27 -5.27 -22.47
CA GLY E 33 28.34 -4.29 -22.64
C GLY E 33 29.10 -4.03 -21.35
N GLU E 34 28.37 -3.87 -20.25
CA GLU E 34 29.02 -3.67 -18.95
C GLU E 34 29.81 -4.90 -18.54
N PHE E 35 29.29 -6.10 -18.86
CA PHE E 35 30.05 -7.31 -18.58
C PHE E 35 31.34 -7.36 -19.40
N LEU E 36 31.28 -6.94 -20.66
CA LEU E 36 32.48 -6.92 -21.48
C LEU E 36 33.51 -5.95 -20.92
N ILE E 37 33.06 -4.77 -20.49
CA ILE E 37 33.98 -3.80 -19.90
C ILE E 37 34.60 -4.35 -18.62
N PHE E 38 33.79 -4.98 -17.77
CA PHE E 38 34.29 -5.57 -16.53
C PHE E 38 35.30 -6.68 -16.83
N LEU E 39 35.00 -7.53 -17.81
CA LEU E 39 35.91 -8.58 -18.24
C LEU E 39 37.26 -7.98 -18.66
N LEU E 40 37.21 -6.96 -19.52
CA LEU E 40 38.42 -6.37 -20.05
C LEU E 40 39.26 -5.75 -18.94
N CYS E 41 38.61 -5.04 -18.02
CA CYS E 41 39.35 -4.44 -16.91
C CYS E 41 39.95 -5.49 -15.99
N TYR E 42 39.18 -6.53 -15.67
CA TYR E 42 39.67 -7.58 -14.78
C TYR E 42 40.90 -8.25 -15.37
N TYR E 43 40.85 -8.59 -16.66
CA TYR E 43 42.00 -9.27 -17.24
C TYR E 43 43.15 -8.33 -17.58
N ILE E 44 42.89 -7.04 -17.78
CA ILE E 44 44.00 -6.08 -17.83
C ILE E 44 44.75 -6.09 -16.50
N ILE E 45 44.00 -6.03 -15.39
CA ILE E 45 44.65 -6.03 -14.09
C ILE E 45 45.39 -7.35 -13.86
N ARG E 46 44.78 -8.46 -14.24
CA ARG E 46 45.41 -9.76 -14.06
C ARG E 46 46.70 -9.88 -14.87
N PHE E 47 46.67 -9.45 -16.13
CA PHE E 47 47.86 -9.53 -16.97
C PHE E 47 48.95 -8.57 -16.50
N ILE E 48 48.56 -7.40 -15.99
CA ILE E 48 49.56 -6.49 -15.43
C ILE E 48 50.22 -7.13 -14.21
N TYR E 49 49.43 -7.71 -13.31
CA TYR E 49 50.00 -8.23 -12.03
C TYR E 49 50.99 -9.39 -12.24
N ARG E 50 50.65 -10.34 -13.11
CA ARG E 50 51.51 -11.53 -13.30
C ARG E 50 52.74 -11.25 -14.16
N LEU E 51 52.59 -10.50 -15.25
CA LEU E 51 53.74 -10.29 -16.16
C LEU E 51 53.81 -8.79 -16.51
N ALA E 52 54.36 -7.97 -15.60
CA ALA E 52 54.54 -6.53 -15.92
C ALA E 52 55.34 -5.93 -14.78
N LEU E 53 55.24 -6.48 -13.57
CA LEU E 53 55.93 -5.84 -12.45
C LEU E 53 57.02 -6.77 -11.92
N THR E 54 57.70 -6.30 -10.88
CA THR E 54 58.75 -7.07 -10.23
C THR E 54 58.18 -7.81 -9.02
N GLU E 55 59.06 -8.53 -8.31
CA GLU E 55 58.61 -9.36 -7.20
C GLU E 55 58.03 -8.51 -6.06
N GLU E 56 58.68 -7.39 -5.74
CA GLU E 56 58.19 -6.53 -4.67
C GLU E 56 56.82 -5.95 -5.02
N GLN E 57 56.66 -5.49 -6.26
CA GLN E 57 55.37 -4.94 -6.68
C GLN E 57 54.29 -6.01 -6.68
N GLN E 58 54.64 -7.23 -7.11
CA GLN E 58 53.68 -8.32 -7.06
C GLN E 58 53.26 -8.63 -5.62
N LEU E 59 54.22 -8.64 -4.69
CA LEU E 59 53.88 -8.88 -3.29
C LEU E 59 52.99 -7.77 -2.74
N MET E 60 53.28 -6.53 -3.12
CA MET E 60 52.43 -5.42 -2.72
C MET E 60 51.02 -5.59 -3.26
N PHE E 61 50.89 -6.02 -4.52
CA PHE E 61 49.57 -6.23 -5.09
C PHE E 61 48.83 -7.36 -4.38
N GLU E 62 49.55 -8.42 -4.00
CA GLU E 62 48.92 -9.50 -3.26
C GLU E 62 48.41 -9.03 -1.90
N LYS E 63 49.20 -8.22 -1.21
CA LYS E 63 48.75 -7.66 0.06
C LYS E 63 47.54 -6.76 -0.14
N LEU E 64 47.53 -5.95 -1.19
CA LEU E 64 46.38 -5.09 -1.47
C LEU E 64 45.14 -5.93 -1.81
N THR E 65 45.33 -7.03 -2.54
CA THR E 65 44.20 -7.90 -2.86
C THR E 65 43.62 -8.53 -1.60
N LEU E 66 44.49 -8.97 -0.70
CA LEU E 66 43.99 -9.50 0.58
C LEU E 66 43.26 -8.43 1.37
N TYR E 67 43.77 -7.19 1.34
CA TYR E 67 43.08 -6.10 2.01
C TYR E 67 41.71 -5.85 1.40
N CYS E 68 41.62 -5.87 0.07
CA CYS E 68 40.35 -5.61 -0.61
C CYS E 68 39.37 -6.75 -0.44
N ASP E 69 39.86 -7.96 -0.18
CA ASP E 69 38.98 -9.12 -0.08
C ASP E 69 38.01 -9.00 1.08
N SER E 70 38.43 -8.40 2.19
CA SER E 70 37.60 -8.25 3.37
C SER E 70 36.66 -7.05 3.29
N TYR E 71 36.75 -6.24 2.24
CA TYR E 71 35.93 -5.04 2.09
C TYR E 71 34.91 -5.22 0.96
N ILE E 72 34.41 -6.44 0.80
CA ILE E 72 33.42 -6.76 -0.22
C ILE E 72 32.16 -7.16 0.54
N GLN E 73 31.27 -6.19 0.75
CA GLN E 73 30.09 -6.37 1.59
C GLN E 73 28.86 -6.55 0.71
N LEU E 74 28.12 -7.63 0.97
CA LEU E 74 26.95 -7.97 0.17
C LEU E 74 25.66 -7.47 0.81
N ILE E 75 25.64 -7.36 2.14
CA ILE E 75 24.42 -6.94 2.83
C ILE E 75 23.98 -5.54 2.44
N PRO E 76 24.83 -4.49 2.51
CA PRO E 76 24.31 -3.14 2.23
C PRO E 76 23.85 -2.96 0.79
N ILE E 77 24.61 -3.48 -0.17
CA ILE E 77 24.22 -3.38 -1.57
C ILE E 77 22.91 -4.14 -1.81
N SER E 78 22.76 -5.32 -1.17
CA SER E 78 21.50 -6.05 -1.31
C SER E 78 20.34 -5.25 -0.74
N PHE E 79 20.52 -4.61 0.42
CA PHE E 79 19.45 -3.82 1.01
C PHE E 79 19.03 -2.69 0.08
N VAL E 80 20.00 -1.89 -0.36
CA VAL E 80 19.67 -0.72 -1.17
C VAL E 80 19.07 -1.14 -2.50
N LEU E 81 19.57 -2.24 -3.08
CA LEU E 81 19.02 -2.72 -4.34
C LEU E 81 17.58 -3.17 -4.15
N GLY E 82 17.31 -3.92 -3.09
CA GLY E 82 15.94 -4.38 -2.86
C GLY E 82 14.96 -3.25 -2.69
N PHE E 83 15.31 -2.28 -1.84
CA PHE E 83 14.39 -1.18 -1.58
C PHE E 83 14.21 -0.30 -2.81
N TYR E 84 15.31 0.05 -3.49
CA TYR E 84 15.23 0.91 -4.66
C TYR E 84 14.46 0.26 -5.79
N VAL E 85 14.72 -1.03 -6.04
CA VAL E 85 14.02 -1.72 -7.12
C VAL E 85 12.55 -1.89 -6.78
N THR E 86 12.22 -2.14 -5.51
CA THR E 86 10.82 -2.20 -5.12
C THR E 86 10.12 -0.88 -5.40
N LEU E 87 10.76 0.24 -5.05
CA LEU E 87 10.17 1.54 -5.35
C LEU E 87 10.00 1.76 -6.84
N VAL E 88 11.01 1.38 -7.63
CA VAL E 88 10.94 1.58 -9.08
C VAL E 88 9.80 0.75 -9.66
N VAL E 89 9.64 -0.50 -9.20
CA VAL E 89 8.57 -1.35 -9.72
C VAL E 89 7.20 -0.80 -9.33
N THR E 90 7.06 -0.32 -8.09
CA THR E 90 5.79 0.27 -7.67
C THR E 90 5.45 1.48 -8.54
N ARG E 91 6.42 2.35 -8.78
CA ARG E 91 6.16 3.52 -9.61
C ARG E 91 5.87 3.13 -11.05
N TRP E 92 6.52 2.08 -11.55
CA TRP E 92 6.28 1.61 -12.91
C TRP E 92 4.86 1.10 -13.07
N TRP E 93 4.38 0.31 -12.11
CA TRP E 93 3.01 -0.17 -12.19
C TRP E 93 2.00 0.97 -12.00
N ASN E 94 2.32 1.94 -11.15
CA ASN E 94 1.45 3.10 -11.02
C ASN E 94 1.38 3.89 -12.32
N GLN E 95 2.52 4.07 -13.00
CA GLN E 95 2.55 4.76 -14.27
C GLN E 95 1.69 4.03 -15.31
N TYR E 96 1.76 2.70 -15.32
CA TYR E 96 0.88 1.97 -16.22
C TYR E 96 -0.59 2.17 -15.84
N GLU E 97 -0.89 2.12 -14.54
CA GLU E 97 -2.26 2.26 -14.08
C GLU E 97 -2.83 3.64 -14.38
N ASN E 98 -1.98 4.63 -14.58
CA ASN E 98 -2.44 5.96 -14.95
C ASN E 98 -2.51 6.19 -16.44
N LEU E 99 -2.28 5.17 -17.25
CA LEU E 99 -2.49 5.29 -18.69
C LEU E 99 -3.99 5.37 -18.96
N PRO E 100 -4.46 6.42 -19.63
CA PRO E 100 -5.91 6.61 -19.78
C PRO E 100 -6.49 5.65 -20.82
N TRP E 101 -7.62 5.03 -20.47
CA TRP E 101 -8.38 4.20 -21.38
C TRP E 101 -9.76 4.81 -21.59
N PRO E 102 -10.17 5.04 -22.83
CA PRO E 102 -11.41 5.76 -23.08
C PRO E 102 -12.65 4.88 -23.10
N ASP E 103 -12.58 3.67 -22.54
CA ASP E 103 -13.66 2.71 -22.72
C ASP E 103 -14.93 3.13 -21.98
N ARG E 104 -14.81 3.49 -20.69
CA ARG E 104 -15.97 3.92 -19.93
C ARG E 104 -16.58 5.17 -20.54
N LEU E 105 -15.73 6.13 -20.90
CA LEU E 105 -16.21 7.38 -21.49
C LEU E 105 -16.88 7.12 -22.83
N MET E 106 -16.34 6.22 -23.64
CA MET E 106 -16.92 5.99 -24.96
C MET E 106 -18.26 5.28 -24.84
N SER E 107 -18.39 4.36 -23.88
CA SER E 107 -19.68 3.72 -23.65
C SER E 107 -20.71 4.76 -23.19
N LEU E 108 -20.31 5.65 -22.29
CA LEU E 108 -21.23 6.69 -21.83
C LEU E 108 -21.61 7.64 -22.96
N VAL E 109 -20.65 8.02 -23.80
CA VAL E 109 -20.94 8.92 -24.92
C VAL E 109 -21.91 8.27 -25.89
N SER E 110 -21.63 7.02 -26.26
CA SER E 110 -22.51 6.30 -27.18
C SER E 110 -23.91 6.16 -26.62
N GLY E 111 -24.03 5.87 -25.32
CA GLY E 111 -25.36 5.76 -24.73
C GLY E 111 -26.09 7.08 -24.63
N PHE E 112 -25.41 8.11 -24.15
CA PHE E 112 -26.06 9.35 -23.75
C PHE E 112 -26.30 10.32 -24.90
N VAL E 113 -25.29 10.54 -25.75
CA VAL E 113 -25.44 11.55 -26.79
C VAL E 113 -26.33 10.99 -27.89
N GLU E 114 -27.57 11.47 -27.95
CA GLU E 114 -28.57 10.92 -28.85
C GLU E 114 -28.47 11.52 -30.23
N GLY E 115 -29.06 10.83 -31.20
CA GLY E 115 -29.06 11.30 -32.56
C GLY E 115 -28.30 10.42 -33.53
N LYS E 116 -29.03 9.71 -34.39
CA LYS E 116 -28.42 8.91 -35.44
C LYS E 116 -28.13 9.72 -36.68
N ASP E 117 -28.42 11.02 -36.67
CA ASP E 117 -28.22 11.87 -37.82
C ASP E 117 -26.79 12.40 -37.85
N GLU E 118 -26.52 13.27 -38.84
CA GLU E 118 -25.17 13.78 -39.04
C GLU E 118 -24.70 14.61 -37.85
N GLN E 119 -25.58 15.43 -37.29
CA GLN E 119 -25.19 16.27 -36.16
C GLN E 119 -24.84 15.43 -34.94
N GLY E 120 -25.64 14.41 -34.65
CA GLY E 120 -25.32 13.53 -33.53
C GLY E 120 -24.04 12.75 -33.75
N ARG E 121 -23.83 12.27 -34.98
CA ARG E 121 -22.58 11.61 -35.31
C ARG E 121 -21.39 12.52 -35.06
N LEU E 122 -21.48 13.76 -35.55
CA LEU E 122 -20.40 14.72 -35.38
C LEU E 122 -20.16 15.01 -33.91
N LEU E 123 -21.22 15.16 -33.12
CA LEU E 123 -21.08 15.47 -31.71
C LEU E 123 -20.37 14.33 -30.96
N ARG E 124 -20.83 13.09 -31.18
CA ARG E 124 -20.22 11.95 -30.50
C ARG E 124 -18.76 11.80 -30.90
N ARG E 125 -18.49 11.88 -32.21
CA ARG E 125 -17.12 11.72 -32.69
C ARG E 125 -16.23 12.83 -32.15
N THR E 126 -16.73 14.06 -32.08
CA THR E 126 -15.93 15.17 -31.58
C THR E 126 -15.62 15.00 -30.09
N LEU E 127 -16.58 14.54 -29.30
CA LEU E 127 -16.31 14.30 -27.89
C LEU E 127 -15.24 13.24 -27.70
N ILE E 128 -15.39 12.10 -28.39
CA ILE E 128 -14.42 11.03 -28.21
C ILE E 128 -13.07 11.42 -28.79
N ARG E 129 -13.05 12.27 -29.82
CA ARG E 129 -11.80 12.76 -30.36
C ARG E 129 -11.13 13.75 -29.43
N TYR E 130 -11.91 14.54 -28.69
CA TYR E 130 -11.31 15.40 -27.67
C TYR E 130 -10.63 14.55 -26.59
N ALA E 131 -11.29 13.48 -26.16
CA ALA E 131 -10.67 12.58 -25.19
C ALA E 131 -9.37 11.98 -25.74
N ASN E 132 -9.42 11.46 -26.97
CA ASN E 132 -8.24 10.85 -27.56
C ASN E 132 -7.13 11.87 -27.80
N LEU E 133 -7.50 13.12 -28.12
CA LEU E 133 -6.51 14.16 -28.34
C LEU E 133 -5.80 14.53 -27.05
N GLY E 134 -6.55 14.65 -25.94
CA GLY E 134 -5.89 14.88 -24.66
C GLY E 134 -4.95 13.74 -24.30
N ASN E 135 -5.40 12.51 -24.51
CA ASN E 135 -4.57 11.35 -24.21
C ASN E 135 -3.29 11.37 -25.05
N VAL E 136 -3.40 11.65 -26.35
CA VAL E 136 -2.23 11.63 -27.21
C VAL E 136 -1.31 12.81 -26.91
N LEU E 137 -1.87 13.94 -26.46
CA LEU E 137 -1.03 15.06 -26.09
C LEU E 137 -0.15 14.73 -24.89
N ILE E 138 -0.77 14.18 -23.83
CA ILE E 138 0.05 13.83 -22.66
C ILE E 138 1.02 12.70 -23.01
N LEU E 139 0.59 11.76 -23.86
CA LEU E 139 1.46 10.64 -24.21
C LEU E 139 2.66 11.09 -25.04
N ARG E 140 2.46 12.04 -25.95
CA ARG E 140 3.60 12.56 -26.71
C ARG E 140 4.45 13.48 -25.85
N SER E 141 3.90 14.01 -24.77
CA SER E 141 4.74 14.76 -23.83
C SER E 141 5.61 13.84 -22.98
N VAL E 142 5.13 12.64 -22.66
CA VAL E 142 5.83 11.79 -21.71
C VAL E 142 6.51 10.57 -22.33
N SER E 143 6.31 10.28 -23.61
CA SER E 143 6.82 9.05 -24.22
C SER E 143 7.63 9.37 -25.46
N THR E 144 8.85 8.82 -25.52
CA THR E 144 9.75 9.09 -26.64
C THR E 144 9.22 8.50 -27.94
N ALA E 145 8.63 7.31 -27.88
CA ALA E 145 8.10 6.68 -29.09
C ALA E 145 6.95 7.50 -29.66
N VAL E 146 6.03 7.94 -28.80
CA VAL E 146 4.91 8.75 -29.27
C VAL E 146 5.39 10.10 -29.77
N TYR E 147 6.42 10.67 -29.13
CA TYR E 147 6.97 11.92 -29.62
C TYR E 147 7.61 11.75 -30.99
N LYS E 148 8.33 10.65 -31.20
CA LYS E 148 8.93 10.40 -32.51
C LYS E 148 7.85 10.16 -33.57
N ARG E 149 6.71 9.61 -33.17
CA ARG E 149 5.61 9.47 -34.12
C ARG E 149 4.95 10.80 -34.43
N PHE E 150 4.80 11.67 -33.43
CA PHE E 150 4.16 12.96 -33.58
C PHE E 150 5.08 14.05 -33.02
N PRO E 151 6.13 14.41 -33.77
CA PRO E 151 7.06 15.43 -33.27
C PRO E 151 6.49 16.83 -33.22
N SER E 152 5.29 17.06 -33.76
CA SER E 152 4.73 18.41 -33.78
C SER E 152 3.21 18.34 -33.85
N ALA E 153 2.58 19.44 -33.48
CA ALA E 153 1.13 19.55 -33.62
C ALA E 153 0.71 19.48 -35.07
N GLN E 154 1.58 19.91 -36.00
CA GLN E 154 1.29 19.71 -37.41
C GLN E 154 1.27 18.23 -37.76
N HIS E 155 2.17 17.44 -37.17
CA HIS E 155 2.12 15.99 -37.34
C HIS E 155 0.83 15.41 -36.76
N LEU E 156 0.39 15.94 -35.61
CA LEU E 156 -0.88 15.50 -35.05
C LEU E 156 -2.04 15.82 -35.98
N VAL E 157 -2.01 16.98 -36.63
CA VAL E 157 -3.06 17.35 -37.57
C VAL E 157 -3.05 16.43 -38.78
N GLN E 158 -1.85 16.16 -39.32
CA GLN E 158 -1.76 15.26 -40.46
C GLN E 158 -2.18 13.84 -40.11
N ALA E 159 -2.01 13.45 -38.84
CA ALA E 159 -2.40 12.12 -38.41
C ALA E 159 -3.90 11.99 -38.18
N GLY E 160 -4.64 13.08 -38.20
CA GLY E 160 -6.08 13.05 -38.01
C GLY E 160 -6.53 13.19 -36.57
N PHE E 161 -5.61 13.26 -35.61
CA PHE E 161 -6.01 13.43 -34.21
C PHE E 161 -6.59 14.81 -33.96
N MET E 162 -6.09 15.81 -34.66
CA MET E 162 -6.47 17.19 -34.45
C MET E 162 -6.84 17.82 -35.78
N THR E 163 -7.93 18.58 -35.79
CA THR E 163 -8.34 19.29 -36.98
C THR E 163 -7.55 20.60 -37.10
N PRO E 164 -7.48 21.18 -38.30
CA PRO E 164 -6.83 22.50 -38.43
C PRO E 164 -7.49 23.56 -37.57
N ALA E 165 -8.82 23.50 -37.40
CA ALA E 165 -9.50 24.45 -36.52
C ALA E 165 -9.03 24.29 -35.08
N GLU E 166 -8.90 23.04 -34.62
CA GLU E 166 -8.42 22.81 -33.26
C GLU E 166 -6.96 23.26 -33.12
N HIS E 167 -6.15 23.07 -34.15
CA HIS E 167 -4.77 23.55 -34.11
C HIS E 167 -4.70 25.07 -33.98
N LYS E 168 -5.52 25.78 -34.74
CA LYS E 168 -5.52 27.25 -34.65
C LYS E 168 -6.04 27.69 -33.27
N GLN E 169 -7.04 26.97 -32.74
CA GLN E 169 -7.55 27.29 -31.41
C GLN E 169 -6.46 27.10 -30.37
N LEU E 170 -5.70 26.01 -30.48
CA LEU E 170 -4.58 25.78 -29.55
C LEU E 170 -3.53 26.87 -29.68
N GLU E 171 -3.20 27.27 -30.90
CA GLU E 171 -2.23 28.34 -31.09
C GLU E 171 -2.74 29.66 -30.50
N LYS E 172 -4.03 29.93 -30.64
CA LYS E 172 -4.60 31.13 -30.04
C LYS E 172 -4.54 31.06 -28.53
N LEU E 173 -4.77 29.89 -27.94
CA LEU E 173 -4.76 29.72 -26.50
C LEU E 173 -3.36 29.50 -25.93
N SER E 174 -2.33 29.49 -26.78
CA SER E 174 -0.97 29.15 -26.38
C SER E 174 -0.52 29.95 -25.15
N LEU E 175 -0.07 29.21 -24.14
CA LEU E 175 0.54 29.73 -22.92
C LEU E 175 1.86 28.99 -22.73
N PRO E 176 2.81 29.57 -21.96
CA PRO E 176 4.10 28.92 -21.75
C PRO E 176 4.05 27.73 -20.79
N HIS E 177 3.11 26.81 -21.05
CA HIS E 177 2.98 25.58 -20.28
C HIS E 177 2.65 24.45 -21.26
N ASN E 178 2.53 23.25 -20.72
CA ASN E 178 2.04 22.12 -21.50
C ASN E 178 0.53 22.24 -21.67
N MET E 179 0.07 22.27 -22.91
CA MET E 179 -1.34 22.50 -23.23
C MET E 179 -2.15 21.22 -23.37
N PHE E 180 -1.74 20.16 -22.67
CA PHE E 180 -2.49 18.92 -22.72
C PHE E 180 -3.84 19.01 -22.02
N TRP E 181 -4.05 20.04 -21.18
CA TRP E 181 -5.29 20.17 -20.42
C TRP E 181 -6.43 20.77 -21.23
N VAL E 182 -6.12 21.37 -22.39
CA VAL E 182 -7.16 22.07 -23.16
C VAL E 182 -8.29 21.16 -23.61
N PRO E 183 -8.04 19.94 -24.11
CA PRO E 183 -9.17 19.12 -24.58
C PRO E 183 -10.21 18.80 -23.52
N TRP E 184 -9.85 18.76 -22.24
CA TRP E 184 -10.89 18.54 -21.23
C TRP E 184 -11.81 19.74 -21.08
N VAL E 185 -11.26 20.96 -21.15
CA VAL E 185 -12.12 22.13 -21.15
C VAL E 185 -13.01 22.13 -22.39
N TRP E 186 -12.44 21.76 -23.53
CA TRP E 186 -13.24 21.63 -24.75
C TRP E 186 -14.37 20.62 -24.57
N PHE E 187 -14.05 19.46 -23.97
CA PHE E 187 -15.05 18.42 -23.75
C PHE E 187 -16.16 18.91 -22.83
N ALA E 188 -15.80 19.59 -21.75
CA ALA E 188 -16.80 20.09 -20.81
C ALA E 188 -17.73 21.08 -21.50
N ASN E 189 -17.16 22.03 -22.26
CA ASN E 189 -17.99 23.03 -22.92
C ASN E 189 -18.86 22.42 -24.00
N LEU E 190 -18.32 21.46 -24.76
CA LEU E 190 -19.11 20.81 -25.80
C LEU E 190 -20.22 19.96 -25.20
N SER E 191 -19.96 19.29 -24.08
CA SER E 191 -21.01 18.52 -23.40
C SER E 191 -22.10 19.43 -22.86
N MET E 192 -21.72 20.58 -22.30
CA MET E 192 -22.72 21.55 -21.85
C MET E 192 -23.57 22.03 -23.03
N LYS E 193 -22.93 22.33 -24.16
CA LYS E 193 -23.67 22.74 -25.35
C LYS E 193 -24.61 21.64 -25.83
N ALA E 194 -24.14 20.39 -25.80
CA ALA E 194 -24.98 19.27 -26.20
C ALA E 194 -26.20 19.13 -25.30
N TRP E 195 -26.00 19.26 -23.99
CA TRP E 195 -27.13 19.19 -23.07
C TRP E 195 -28.10 20.34 -23.30
N LEU E 196 -27.59 21.54 -23.54
CA LEU E 196 -28.46 22.69 -23.80
C LEU E 196 -29.22 22.53 -25.11
N GLY E 197 -28.63 21.86 -26.10
CA GLY E 197 -29.27 21.61 -27.37
C GLY E 197 -30.20 20.43 -27.41
N GLY E 198 -30.36 19.70 -26.31
CA GLY E 198 -31.24 18.56 -26.25
C GLY E 198 -30.64 17.24 -26.65
N ARG E 199 -29.39 17.23 -27.13
CA ARG E 199 -28.76 15.97 -27.52
C ARG E 199 -28.48 15.09 -26.30
N ILE E 200 -28.21 15.69 -25.15
CA ILE E 200 -28.11 14.97 -23.88
C ILE E 200 -29.39 15.26 -23.11
N ARG E 201 -30.15 14.21 -22.81
CA ARG E 201 -31.50 14.39 -22.21
C ARG E 201 -31.47 14.88 -20.76
N ASP E 202 -30.48 14.46 -19.96
CA ASP E 202 -30.55 14.81 -18.56
C ASP E 202 -29.22 15.29 -18.00
N PRO E 203 -29.26 16.27 -17.09
CA PRO E 203 -28.01 16.71 -16.45
C PRO E 203 -27.34 15.64 -15.63
N ILE E 204 -28.05 14.59 -15.22
CA ILE E 204 -27.38 13.46 -14.57
C ILE E 204 -26.50 12.71 -15.56
N LEU E 205 -26.97 12.56 -16.80
CA LEU E 205 -26.13 11.98 -17.84
C LEU E 205 -24.95 12.88 -18.14
N LEU E 206 -25.18 14.20 -18.16
CA LEU E 206 -24.09 15.15 -18.32
C LEU E 206 -23.05 14.98 -17.22
N GLN E 207 -23.51 14.84 -15.98
CA GLN E 207 -22.60 14.68 -14.84
C GLN E 207 -21.80 13.39 -14.95
N SER E 208 -22.45 12.29 -15.39
CA SER E 208 -21.71 11.04 -15.57
C SER E 208 -20.62 11.19 -16.62
N LEU E 209 -20.95 11.82 -17.75
CA LEU E 209 -19.97 12.05 -18.80
C LEU E 209 -18.79 12.85 -18.28
N LEU E 210 -19.08 13.92 -17.54
CA LEU E 210 -18.01 14.77 -17.04
C LEU E 210 -17.19 14.08 -15.95
N ASN E 211 -17.82 13.19 -15.17
CA ASN E 211 -17.06 12.41 -14.20
C ASN E 211 -16.06 11.48 -14.88
N GLU E 212 -16.49 10.81 -15.96
CA GLU E 212 -15.56 9.97 -16.70
C GLU E 212 -14.43 10.80 -17.31
N MET E 213 -14.77 11.93 -17.91
CA MET E 213 -13.72 12.79 -18.50
C MET E 213 -12.77 13.28 -17.39
N ASN E 214 -13.26 13.63 -16.21
CA ASN E 214 -12.38 14.07 -15.13
C ASN E 214 -11.50 12.95 -14.62
N THR E 215 -11.99 11.71 -14.61
CA THR E 215 -11.12 10.58 -14.27
C THR E 215 -9.99 10.45 -15.27
N LEU E 216 -10.30 10.60 -16.56
CA LEU E 216 -9.25 10.59 -17.58
C LEU E 216 -8.26 11.73 -17.36
N ARG E 217 -8.76 12.92 -17.00
CA ARG E 217 -7.88 14.05 -16.75
C ARG E 217 -6.96 13.79 -15.57
N THR E 218 -7.48 13.17 -14.51
CA THR E 218 -6.65 12.84 -13.35
C THR E 218 -5.56 11.84 -13.73
N GLN E 219 -5.92 10.84 -14.55
CA GLN E 219 -4.91 9.88 -15.00
C GLN E 219 -3.81 10.57 -15.82
N CYS E 220 -4.20 11.47 -16.72
CA CYS E 220 -3.21 12.18 -17.52
C CYS E 220 -2.33 13.08 -16.65
N GLY E 221 -2.93 13.73 -15.65
CA GLY E 221 -2.15 14.54 -14.73
C GLY E 221 -1.17 13.72 -13.93
N HIS E 222 -1.55 12.51 -13.53
CA HIS E 222 -0.63 11.63 -12.83
C HIS E 222 0.51 11.18 -13.74
N LEU E 223 0.20 10.94 -15.02
CA LEU E 223 1.27 10.63 -15.98
C LEU E 223 2.26 11.77 -16.09
N TYR E 224 1.74 13.00 -16.22
CA TYR E 224 2.61 14.18 -16.24
C TYR E 224 3.42 14.29 -14.95
N ALA E 225 2.80 13.97 -13.82
CA ALA E 225 3.46 14.01 -12.53
C ALA E 225 4.64 13.05 -12.49
N TYR E 226 4.42 11.81 -12.94
CA TYR E 226 5.49 10.82 -12.92
C TYR E 226 6.60 11.18 -13.90
N ASP E 227 6.24 11.80 -15.03
CA ASP E 227 7.26 12.22 -15.99
C ASP E 227 8.07 13.40 -15.46
N TRP E 228 7.45 14.28 -14.67
CA TRP E 228 8.14 15.48 -14.19
C TRP E 228 8.95 15.19 -12.93
N ILE E 229 8.29 14.72 -11.89
CA ILE E 229 8.92 14.47 -10.60
C ILE E 229 9.60 13.10 -10.67
N SER E 230 10.91 13.11 -10.90
CA SER E 230 11.66 11.87 -10.98
C SER E 230 11.98 11.34 -9.59
N ILE E 231 12.41 10.08 -9.55
CA ILE E 231 12.99 9.55 -8.30
C ILE E 231 14.20 10.39 -7.95
N PRO E 232 14.41 10.73 -6.67
CA PRO E 232 15.51 11.66 -6.33
C PRO E 232 16.85 11.22 -6.89
N LEU E 233 17.54 12.18 -7.52
CA LEU E 233 18.84 11.91 -8.11
C LEU E 233 19.83 11.47 -7.06
N VAL E 234 19.69 11.97 -5.82
CA VAL E 234 20.57 11.53 -4.74
C VAL E 234 20.38 10.04 -4.48
N TYR E 235 19.13 9.57 -4.46
CA TYR E 235 18.86 8.15 -4.25
C TYR E 235 19.40 7.30 -5.39
N THR E 236 19.18 7.74 -6.64
CA THR E 236 19.70 7.00 -7.78
C THR E 236 21.22 6.94 -7.76
N GLN E 237 21.87 8.05 -7.45
CA GLN E 237 23.33 8.07 -7.36
C GLN E 237 23.82 7.20 -6.23
N VAL E 238 23.09 7.15 -5.11
CA VAL E 238 23.49 6.32 -3.98
C VAL E 238 23.46 4.85 -4.38
N VAL E 239 22.40 4.41 -5.06
CA VAL E 239 22.34 2.99 -5.45
C VAL E 239 23.40 2.69 -6.51
N THR E 240 23.64 3.63 -7.44
CA THR E 240 24.67 3.41 -8.45
C THR E 240 26.05 3.31 -7.81
N VAL E 241 26.34 4.17 -6.84
CA VAL E 241 27.61 4.11 -6.12
C VAL E 241 27.72 2.81 -5.35
N ALA E 242 26.63 2.36 -4.73
CA ALA E 242 26.68 1.10 -3.98
C ALA E 242 27.04 -0.06 -4.89
N VAL E 243 26.46 -0.12 -6.09
CA VAL E 243 26.80 -1.21 -7.00
C VAL E 243 28.23 -1.07 -7.53
N TYR E 244 28.61 0.14 -7.95
CA TYR E 244 29.86 0.30 -8.67
C TYR E 244 31.08 0.27 -7.73
N SER E 245 30.94 0.77 -6.51
CA SER E 245 32.01 0.62 -5.53
C SER E 245 32.24 -0.84 -5.18
N PHE E 246 31.20 -1.66 -5.23
CA PHE E 246 31.35 -3.11 -5.04
C PHE E 246 32.11 -3.72 -6.21
N PHE E 247 31.70 -3.42 -7.43
CA PHE E 247 32.32 -4.08 -8.57
C PHE E 247 33.58 -3.39 -9.06
N LEU E 248 34.01 -2.31 -8.42
CA LEU E 248 35.33 -1.76 -8.67
C LEU E 248 36.36 -2.30 -7.68
N THR E 249 35.95 -2.56 -6.44
CA THR E 249 36.86 -3.22 -5.51
C THR E 249 36.95 -4.71 -5.78
N CYS E 250 35.92 -5.30 -6.41
CA CYS E 250 36.02 -6.70 -6.80
C CYS E 250 37.11 -6.92 -7.83
N LEU E 251 37.35 -5.93 -8.70
CA LEU E 251 38.39 -6.04 -9.73
C LEU E 251 39.74 -6.38 -9.13
N VAL E 252 40.04 -5.85 -7.94
CA VAL E 252 41.31 -6.10 -7.28
C VAL E 252 41.20 -7.21 -6.23
N GLY E 253 40.12 -7.27 -5.46
CA GLY E 253 40.01 -8.25 -4.41
C GLY E 253 39.60 -9.64 -4.84
N ARG E 254 39.22 -9.81 -6.10
CA ARG E 254 38.85 -11.12 -6.62
C ARG E 254 39.88 -11.63 -7.63
N GLN E 255 41.12 -11.18 -7.49
CA GLN E 255 42.20 -11.63 -8.35
C GLN E 255 42.79 -12.92 -7.82
N PHE E 256 43.07 -13.85 -8.73
CA PHE E 256 43.66 -15.13 -8.37
C PHE E 256 45.13 -14.92 -8.03
N LEU E 257 45.44 -14.84 -6.75
CA LEU E 257 46.82 -14.68 -6.32
C LEU E 257 47.61 -15.96 -6.61
N ASN E 258 48.94 -15.82 -6.58
CA ASN E 258 49.79 -16.94 -6.93
C ASN E 258 49.61 -18.07 -5.91
N PRO E 259 49.31 -19.29 -6.37
CA PRO E 259 49.14 -20.40 -5.42
C PRO E 259 50.42 -20.74 -4.67
N ALA E 260 51.58 -20.40 -5.22
CA ALA E 260 52.85 -20.74 -4.58
C ALA E 260 52.95 -20.03 -3.23
N LYS E 261 52.35 -18.85 -3.12
CA LYS E 261 52.45 -18.06 -1.85
C LYS E 261 51.59 -18.71 -0.77
N ALA E 262 50.70 -19.63 -1.14
CA ALA E 262 49.93 -20.41 -0.18
C ALA E 262 49.04 -19.52 0.69
N TYR E 263 48.43 -18.51 0.06
CA TYR E 263 47.45 -17.70 0.78
C TYR E 263 46.20 -18.53 1.08
N PRO E 264 45.48 -18.22 2.16
CA PRO E 264 44.34 -19.06 2.55
C PRO E 264 43.30 -19.23 1.46
N GLY E 265 42.77 -18.14 0.92
CA GLY E 265 41.74 -18.23 -0.09
C GLY E 265 42.22 -18.29 -1.52
N HIS E 266 43.53 -18.40 -1.74
CA HIS E 266 44.09 -18.40 -3.09
C HIS E 266 44.93 -19.63 -3.37
N GLU E 267 44.47 -20.81 -2.93
CA GLU E 267 45.21 -22.04 -3.21
C GLU E 267 45.12 -22.41 -4.68
N LEU E 268 44.01 -22.10 -5.33
CA LEU E 268 43.77 -22.51 -6.71
C LEU E 268 43.76 -21.31 -7.65
N ASP E 269 44.27 -21.53 -8.86
CA ASP E 269 44.27 -20.53 -9.93
C ASP E 269 43.30 -21.02 -11.00
N LEU E 270 42.04 -20.57 -10.90
CA LEU E 270 41.00 -20.97 -11.83
C LEU E 270 40.87 -20.04 -13.02
N VAL E 271 41.73 -19.02 -13.12
CA VAL E 271 41.75 -18.09 -14.24
C VAL E 271 40.45 -17.27 -14.29
N VAL E 272 39.34 -17.93 -14.61
CA VAL E 272 38.06 -17.27 -14.77
C VAL E 272 37.34 -17.27 -13.42
N PRO E 273 37.05 -16.11 -12.83
CA PRO E 273 36.29 -16.11 -11.57
C PRO E 273 34.80 -16.30 -11.80
N VAL E 274 34.32 -17.53 -11.59
CA VAL E 274 32.94 -17.87 -11.90
C VAL E 274 32.00 -17.23 -10.87
N PHE E 275 32.38 -17.25 -9.59
CA PHE E 275 31.54 -16.66 -8.57
C PHE E 275 31.46 -15.15 -8.71
N THR E 276 32.58 -14.50 -9.02
CA THR E 276 32.58 -13.06 -9.24
C THR E 276 31.71 -12.71 -10.45
N PHE E 277 31.81 -13.50 -11.52
CA PHE E 277 30.99 -13.21 -12.70
C PHE E 277 29.50 -13.44 -12.42
N LEU E 278 29.17 -14.48 -11.66
CA LEU E 278 27.78 -14.71 -11.29
C LEU E 278 27.24 -13.59 -10.41
N GLN E 279 28.05 -13.11 -9.46
CA GLN E 279 27.64 -11.98 -8.64
C GLN E 279 27.45 -10.73 -9.48
N PHE E 280 28.34 -10.50 -10.45
CA PHE E 280 28.17 -9.38 -11.35
C PHE E 280 26.85 -9.48 -12.10
N PHE E 281 26.56 -10.66 -12.66
CA PHE E 281 25.29 -10.85 -13.35
C PHE E 281 24.12 -10.55 -12.43
N PHE E 282 24.12 -11.14 -11.24
CA PHE E 282 23.00 -10.98 -10.32
C PHE E 282 22.78 -9.51 -9.95
N TYR E 283 23.82 -8.85 -9.47
CA TYR E 283 23.64 -7.49 -8.95
C TYR E 283 23.41 -6.48 -10.08
N VAL E 284 24.18 -6.58 -11.17
CA VAL E 284 24.01 -5.63 -12.26
C VAL E 284 22.67 -5.84 -12.95
N GLY E 285 22.16 -7.08 -13.02
CA GLY E 285 20.81 -7.29 -13.52
C GLY E 285 19.76 -6.73 -12.60
N TRP E 286 19.96 -6.88 -11.29
CA TRP E 286 19.04 -6.28 -10.33
C TRP E 286 18.98 -4.77 -10.51
N LEU E 287 20.13 -4.13 -10.75
CA LEU E 287 20.16 -2.71 -11.03
C LEU E 287 19.56 -2.39 -12.41
N LYS E 288 19.75 -3.28 -13.39
CA LYS E 288 19.21 -3.06 -14.72
C LYS E 288 17.70 -3.12 -14.72
N VAL E 289 17.10 -3.86 -13.77
CA VAL E 289 15.65 -3.81 -13.63
C VAL E 289 15.19 -2.38 -13.39
N ALA E 290 15.82 -1.70 -12.43
CA ALA E 290 15.48 -0.31 -12.14
C ALA E 290 15.86 0.61 -13.28
N GLU E 291 16.99 0.34 -13.94
CA GLU E 291 17.42 1.17 -15.06
C GLU E 291 16.41 1.13 -16.20
N GLN E 292 15.85 -0.05 -16.47
CA GLN E 292 14.85 -0.20 -17.53
C GLN E 292 13.50 0.38 -17.11
N LEU E 293 13.11 0.15 -15.86
CA LEU E 293 11.76 0.51 -15.42
C LEU E 293 11.65 1.95 -14.92
N ILE E 294 12.76 2.67 -14.77
CA ILE E 294 12.71 4.00 -14.18
C ILE E 294 11.95 4.96 -15.09
N ASN E 295 12.07 4.78 -16.40
CA ASN E 295 11.24 5.46 -17.39
C ASN E 295 10.60 4.39 -18.26
N PRO E 296 9.37 3.98 -17.94
CA PRO E 296 8.70 2.94 -18.73
C PRO E 296 8.11 3.43 -20.05
N PHE E 297 8.42 4.66 -20.46
CA PHE E 297 7.91 5.21 -21.71
C PHE E 297 9.02 5.44 -22.72
N GLY E 298 10.18 4.82 -22.53
CA GLY E 298 11.26 4.89 -23.48
C GLY E 298 11.08 3.91 -24.62
N GLU E 299 12.19 3.38 -25.11
CA GLU E 299 12.18 2.44 -26.23
C GLU E 299 12.77 1.09 -25.83
N ASP E 300 12.74 0.77 -24.55
CA ASP E 300 13.19 -0.54 -24.10
C ASP E 300 12.22 -1.62 -24.56
N ASP E 301 12.69 -2.87 -24.53
CA ASP E 301 11.84 -3.99 -24.90
C ASP E 301 10.67 -4.16 -23.94
N ASP E 302 10.91 -3.92 -22.66
CA ASP E 302 9.89 -4.07 -21.63
C ASP E 302 9.12 -2.79 -21.34
N ASP E 303 9.37 -1.73 -22.12
CA ASP E 303 8.60 -0.50 -21.96
C ASP E 303 7.23 -0.63 -22.61
N PHE E 304 6.34 0.30 -22.26
CA PHE E 304 4.95 0.21 -22.68
C PHE E 304 4.82 0.49 -24.17
N GLU E 305 3.84 -0.18 -24.80
CA GLU E 305 3.54 0.01 -26.21
C GLU E 305 2.51 1.13 -26.37
N THR E 306 3.01 2.36 -26.14
CA THR E 306 2.13 3.52 -26.10
C THR E 306 1.54 3.81 -27.49
N ASN E 307 2.32 3.58 -28.55
CA ASN E 307 1.80 3.82 -29.89
C ASN E 307 0.65 2.87 -30.21
N TRP E 308 0.80 1.59 -29.86
CA TRP E 308 -0.29 0.65 -30.04
C TRP E 308 -1.50 1.04 -29.20
N ILE E 309 -1.26 1.48 -27.96
CA ILE E 309 -2.36 1.91 -27.11
C ILE E 309 -3.10 3.07 -27.76
N VAL E 310 -2.37 4.03 -28.32
CA VAL E 310 -2.98 5.18 -28.96
C VAL E 310 -3.83 4.73 -30.15
N ASP E 311 -3.28 3.89 -31.01
CA ASP E 311 -4.02 3.45 -32.19
C ASP E 311 -5.28 2.67 -31.80
N ARG E 312 -5.14 1.75 -30.85
CA ARG E 312 -6.27 0.96 -30.41
C ARG E 312 -7.34 1.82 -29.79
N ASN E 313 -6.94 2.79 -28.95
CA ASN E 313 -7.91 3.68 -28.33
C ASN E 313 -8.68 4.47 -29.38
N LEU E 314 -7.96 5.02 -30.36
CA LEU E 314 -8.62 5.80 -31.40
C LEU E 314 -9.64 4.94 -32.16
N GLN E 315 -9.20 3.78 -32.65
CA GLN E 315 -10.10 2.94 -33.45
C GLN E 315 -11.30 2.49 -32.63
N VAL E 316 -11.06 1.97 -31.42
CA VAL E 316 -12.12 1.39 -30.61
C VAL E 316 -13.12 2.46 -30.20
N SER E 317 -12.62 3.63 -29.76
CA SER E 317 -13.52 4.69 -29.33
C SER E 317 -14.34 5.23 -30.49
N LEU E 318 -13.72 5.43 -31.65
CA LEU E 318 -14.48 5.91 -32.80
C LEU E 318 -15.56 4.91 -33.20
N LEU E 319 -15.22 3.62 -33.24
CA LEU E 319 -16.20 2.61 -33.59
C LEU E 319 -17.35 2.60 -32.60
N ALA E 320 -17.02 2.63 -31.30
CA ALA E 320 -18.04 2.53 -30.27
C ALA E 320 -18.99 3.72 -30.32
N VAL E 321 -18.47 4.93 -30.55
CA VAL E 321 -19.33 6.11 -30.50
C VAL E 321 -20.01 6.41 -31.84
N ASP E 322 -19.56 5.80 -32.93
CA ASP E 322 -20.18 6.09 -34.23
C ASP E 322 -20.97 4.91 -34.77
N GLU E 323 -20.35 3.74 -34.92
CA GLU E 323 -21.05 2.63 -35.55
C GLU E 323 -21.94 1.87 -34.57
N MET E 324 -21.57 1.84 -33.30
CA MET E 324 -22.27 1.03 -32.31
C MET E 324 -23.33 1.80 -31.55
N HIS E 325 -23.58 3.06 -31.90
CA HIS E 325 -24.59 3.85 -31.22
C HIS E 325 -25.98 3.36 -31.60
N GLN E 326 -26.75 2.93 -30.59
CA GLN E 326 -28.11 2.43 -30.78
C GLN E 326 -28.17 1.32 -31.82
N ASP E 327 -27.08 0.56 -31.94
CA ASP E 327 -27.00 -0.55 -32.88
C ASP E 327 -26.76 -1.81 -32.06
N LEU E 328 -27.85 -2.52 -31.74
CA LEU E 328 -27.79 -3.66 -30.85
C LEU E 328 -28.13 -4.94 -31.59
N PRO E 329 -27.56 -6.07 -31.18
CA PRO E 329 -28.04 -7.36 -31.69
C PRO E 329 -29.47 -7.67 -31.28
N ARG E 330 -30.13 -8.48 -32.10
CA ARG E 330 -31.54 -8.76 -31.87
C ARG E 330 -31.80 -9.44 -30.53
N MET E 331 -32.79 -8.93 -29.79
CA MET E 331 -33.10 -9.41 -28.45
C MET E 331 -34.08 -10.56 -28.59
N GLU E 332 -33.63 -11.76 -28.26
CA GLU E 332 -34.46 -12.95 -28.25
C GLU E 332 -34.12 -13.78 -27.02
N PRO E 333 -35.04 -14.64 -26.58
CA PRO E 333 -34.76 -15.47 -25.40
C PRO E 333 -33.54 -16.35 -25.61
N ASP E 334 -32.79 -16.56 -24.53
CA ASP E 334 -31.53 -17.27 -24.58
C ASP E 334 -31.75 -18.78 -24.45
N MET E 335 -30.63 -19.51 -24.37
CA MET E 335 -30.69 -20.97 -24.28
C MET E 335 -31.31 -21.42 -22.97
N TYR E 336 -31.14 -20.65 -21.90
CA TYR E 336 -31.64 -20.98 -20.57
C TYR E 336 -32.87 -20.16 -20.22
N TRP E 337 -33.76 -19.96 -21.19
CA TRP E 337 -34.91 -19.08 -21.00
C TRP E 337 -35.79 -19.53 -19.84
N ASN E 338 -36.07 -20.83 -19.75
CA ASN E 338 -36.87 -21.39 -18.68
C ASN E 338 -36.10 -22.48 -17.93
N LYS E 339 -34.79 -22.29 -17.79
CA LYS E 339 -33.95 -23.21 -17.04
C LYS E 339 -33.61 -22.60 -15.69
N PRO E 340 -34.16 -23.12 -14.58
CA PRO E 340 -33.85 -22.54 -13.28
C PRO E 340 -32.37 -22.58 -12.91
N GLU E 341 -31.65 -23.62 -13.32
CA GLU E 341 -30.23 -23.77 -13.01
C GLU E 341 -29.50 -24.08 -14.31
N PRO E 342 -29.02 -23.05 -15.01
CA PRO E 342 -28.24 -23.29 -16.24
C PRO E 342 -26.95 -24.03 -15.93
N GLN E 343 -26.59 -24.95 -16.83
CA GLN E 343 -25.35 -25.72 -16.70
C GLN E 343 -24.65 -25.76 -18.04
N PRO E 344 -23.84 -24.75 -18.36
CA PRO E 344 -23.10 -24.75 -19.62
C PRO E 344 -22.16 -25.94 -19.70
N PRO E 345 -21.99 -26.52 -20.90
CA PRO E 345 -21.20 -27.74 -21.01
C PRO E 345 -19.71 -27.48 -20.87
N TYR E 346 -18.97 -28.56 -20.61
CA TYR E 346 -17.53 -28.55 -20.56
C TYR E 346 -16.96 -29.37 -21.72
N THR E 347 -15.82 -28.93 -22.24
CA THR E 347 -15.15 -29.69 -23.29
C THR E 347 -14.39 -30.87 -22.68
N ALA E 348 -13.89 -31.74 -23.55
CA ALA E 348 -13.08 -32.86 -23.09
C ALA E 348 -11.80 -32.37 -22.43
N ALA E 349 -11.21 -31.30 -22.95
CA ALA E 349 -9.98 -30.75 -22.39
C ALA E 349 -10.21 -29.96 -21.10
N SER E 350 -11.46 -29.67 -20.75
CA SER E 350 -11.77 -28.87 -19.58
C SER E 350 -12.68 -29.57 -18.57
N ALA E 351 -13.05 -30.83 -18.82
CA ALA E 351 -13.94 -31.53 -17.90
C ALA E 351 -13.32 -31.68 -16.50
N GLN E 352 -11.99 -31.66 -16.41
CA GLN E 352 -11.33 -31.78 -15.11
C GLN E 352 -11.45 -30.53 -14.27
N PHE E 353 -11.90 -29.41 -14.84
CA PHE E 353 -12.02 -28.16 -14.11
C PHE E 353 -13.40 -27.95 -13.51
N ARG E 354 -14.30 -28.91 -13.66
CA ARG E 354 -15.62 -28.83 -13.03
C ARG E 354 -15.48 -29.16 -11.56
N ARG E 355 -15.78 -28.20 -10.69
CA ARG E 355 -15.58 -28.36 -9.26
C ARG E 355 -16.86 -28.01 -8.52
N ALA E 356 -17.01 -28.59 -7.33
CA ALA E 356 -18.11 -28.24 -6.45
C ALA E 356 -17.88 -26.88 -5.82
N SER E 357 -18.97 -26.20 -5.48
CA SER E 357 -18.88 -24.87 -4.92
C SER E 357 -18.28 -24.91 -3.52
N PHE E 358 -17.52 -23.87 -3.18
CA PHE E 358 -17.00 -23.69 -1.83
C PHE E 358 -18.08 -22.99 -1.00
N MET E 359 -18.57 -23.68 0.01
CA MET E 359 -19.68 -23.21 0.81
C MET E 359 -19.25 -22.53 2.10
N GLY E 360 -17.95 -22.31 2.29
CA GLY E 360 -17.45 -21.71 3.50
C GLY E 360 -16.56 -22.66 4.28
N SER E 361 -15.64 -22.12 5.07
CA SER E 361 -14.72 -22.96 5.82
C SER E 361 -15.40 -23.63 7.01
N THR E 362 -16.53 -23.12 7.46
CA THR E 362 -17.26 -23.68 8.59
C THR E 362 -18.27 -24.74 8.18
N PHE E 363 -18.33 -25.08 6.89
CA PHE E 363 -19.38 -25.99 6.41
C PHE E 363 -19.21 -27.39 7.01
N ASN E 364 -17.98 -27.86 7.16
CA ASN E 364 -17.72 -29.23 7.58
C ASN E 364 -17.58 -29.38 9.09
N ILE E 365 -17.88 -28.34 9.87
CA ILE E 365 -17.80 -28.44 11.32
C ILE E 365 -18.90 -29.37 11.81
N SER E 366 -18.52 -30.36 12.62
CA SER E 366 -19.45 -31.34 13.16
C SER E 366 -19.77 -31.00 14.61
N LEU E 367 -21.06 -30.92 14.92
CA LEU E 367 -21.53 -30.57 16.26
C LEU E 367 -22.50 -31.63 16.75
N ASN E 368 -22.49 -31.87 18.05
CA ASN E 368 -23.37 -32.86 18.65
C ASN E 368 -24.80 -32.31 18.78
N LYS E 369 -25.72 -33.22 19.11
CA LYS E 369 -27.12 -32.83 19.27
C LYS E 369 -27.29 -31.85 20.44
N GLU E 370 -26.61 -32.13 21.55
CA GLU E 370 -26.75 -31.25 22.72
C GLU E 370 -26.03 -29.92 22.51
N GLU E 371 -24.95 -29.93 21.72
CA GLU E 371 -24.19 -28.70 21.50
C GLU E 371 -24.96 -27.69 20.67
N MET E 372 -25.88 -28.15 19.83
CA MET E 372 -26.60 -27.28 18.91
C MET E 372 -27.90 -26.74 19.49
N GLU E 373 -28.20 -27.03 20.75
CA GLU E 373 -29.45 -26.62 21.36
C GLU E 373 -29.30 -25.24 21.99
N PHE E 374 -30.26 -24.36 21.72
CA PHE E 374 -30.18 -22.97 22.20
C PHE E 374 -30.26 -22.92 23.72
N GLN E 375 -29.40 -22.10 24.31
CA GLN E 375 -29.45 -22.00 25.77
C GLN E 375 -30.38 -20.87 26.18
N PRO E 376 -31.13 -21.05 27.29
CA PRO E 376 -32.04 -20.02 27.80
C PRO E 376 -31.31 -18.90 28.53
#